data_1RT0
# 
_entry.id   1RT0 
# 
_audit_conform.dict_name       mmcif_pdbx.dic 
_audit_conform.dict_version    5.391 
_audit_conform.dict_location   http://mmcif.pdb.org/dictionaries/ascii/mmcif_pdbx.dic 
# 
loop_
_database_2.database_id 
_database_2.database_code 
_database_2.pdbx_database_accession 
_database_2.pdbx_DOI 
PDB   1RT0         pdb_00001rt0 10.2210/pdb1rt0/pdb 
RCSB  RCSB021021   ?            ?                   
WWPDB D_1000021021 ?            ?                   
# 
loop_
_pdbx_audit_revision_history.ordinal 
_pdbx_audit_revision_history.data_content_type 
_pdbx_audit_revision_history.major_revision 
_pdbx_audit_revision_history.minor_revision 
_pdbx_audit_revision_history.revision_date 
1 'Structure model' 1 0 2005-07-26 
2 'Structure model' 1 1 2008-04-29 
3 'Structure model' 1 2 2011-07-13 
4 'Structure model' 1 3 2018-01-31 
5 'Structure model' 1 4 2024-05-01 
# 
_pdbx_audit_revision_details.ordinal             1 
_pdbx_audit_revision_details.revision_ordinal    1 
_pdbx_audit_revision_details.data_content_type   'Structure model' 
_pdbx_audit_revision_details.provider            repository 
_pdbx_audit_revision_details.type                'Initial release' 
_pdbx_audit_revision_details.description         ? 
_pdbx_audit_revision_details.details             ? 
# 
loop_
_pdbx_audit_revision_group.ordinal 
_pdbx_audit_revision_group.revision_ordinal 
_pdbx_audit_revision_group.data_content_type 
_pdbx_audit_revision_group.group 
1 2 'Structure model' 'Version format compliance' 
2 3 'Structure model' 'Version format compliance' 
3 4 'Structure model' 'Derived calculations'      
4 4 'Structure model' 'Structure summary'         
5 5 'Structure model' 'Data collection'           
6 5 'Structure model' 'Database references'       
# 
loop_
_pdbx_audit_revision_category.ordinal 
_pdbx_audit_revision_category.revision_ordinal 
_pdbx_audit_revision_category.data_content_type 
_pdbx_audit_revision_category.category 
1 4 'Structure model' audit_author          
2 4 'Structure model' pdbx_struct_assembly  
3 4 'Structure model' pdbx_struct_oper_list 
4 5 'Structure model' chem_comp_atom        
5 5 'Structure model' chem_comp_bond        
6 5 'Structure model' database_2            
# 
loop_
_pdbx_audit_revision_item.ordinal 
_pdbx_audit_revision_item.revision_ordinal 
_pdbx_audit_revision_item.data_content_type 
_pdbx_audit_revision_item.item 
1 4 'Structure model' '_audit_author.name'                  
2 5 'Structure model' '_database_2.pdbx_DOI'                
3 5 'Structure model' '_database_2.pdbx_database_accession' 
# 
_pdbx_database_status.status_code                     REL 
_pdbx_database_status.entry_id                        1RT0 
_pdbx_database_status.recvd_initial_deposition_date   2003-12-10 
_pdbx_database_status.deposit_site                    RCSB 
_pdbx_database_status.process_site                    RCSB 
_pdbx_database_status.status_code_sf                  ? 
_pdbx_database_status.status_code_mr                  ? 
_pdbx_database_status.SG_entry                        ? 
_pdbx_database_status.pdb_format_compatible           Y 
_pdbx_database_status.status_code_cs                  ? 
_pdbx_database_status.methods_development_category    ? 
_pdbx_database_status.status_code_nmr_data            ? 
# 
loop_
_pdbx_database_related.db_name 
_pdbx_database_related.db_id 
_pdbx_database_related.details 
_pdbx_database_related.content_type 
PDB 1RSW 'the same peptide complexed with Pb(II)' unspecified 
PDB 1RSX 'the same peptide complexed with Cd'     unspecified 
# 
loop_
_audit_author.name 
_audit_author.pdbx_ordinal 
'Ferrari, R.' 1 
'Mendoza, G.' 2 
'James, T.'   3 
'Tonelli, M.' 4 
'Basus, V.'   5 
'Gasque, L.'  6 
# 
_citation.id                        primary 
_citation.title                     
'Coordination Compounds derived from a dodecapeptide and Pb2+, Cd2+ and Zn2+. Modeling the site II from the Calbindin D9K' 
_citation.journal_abbrev            'To be Published' 
_citation.journal_volume            ? 
_citation.page_first                ? 
_citation.page_last                 ? 
_citation.year                      ? 
_citation.journal_id_ASTM           ? 
_citation.country                   ? 
_citation.journal_id_ISSN           ? 
_citation.journal_id_CSD            0353 
_citation.book_publisher            ? 
_citation.pdbx_database_id_PubMed   ? 
_citation.pdbx_database_id_DOI      ? 
# 
loop_
_citation_author.citation_id 
_citation_author.name 
_citation_author.ordinal 
_citation_author.identifier_ORCID 
primary 'Ferrari, R.' 1 ? 
primary 'Mendoza, G.' 2 ? 
primary 'James, T.'   3 ? 
primary 'Tonelli, M.' 4 ? 
primary 'Basus, V.'   5 ? 
primary 'Gasque, L.'  6 ? 
# 
_entity.id                         1 
_entity.type                       polymer 
_entity.src_method                 syn 
_entity.pdbx_description           'Vitamin D-dependent calcium-binding protein, intestinal' 
_entity.formula_weight             1326.301 
_entity.pdbx_number_of_molecules   1 
_entity.pdbx_ec                    ? 
_entity.pdbx_mutation              ? 
_entity.pdbx_fragment              'residues 57-68 (SWS P02632)' 
_entity.details                    ? 
# 
_entity_name_com.entity_id   1 
_entity_name_com.name        'CABP, Calbindin D9K' 
# 
_entity_poly.entity_id                      1 
_entity_poly.type                           'polypeptide(L)' 
_entity_poly.nstd_linkage                   no 
_entity_poly.nstd_monomer                   no 
_entity_poly.pdbx_seq_one_letter_code       DKNGDGEVSFEE 
_entity_poly.pdbx_seq_one_letter_code_can   DKNGDGEVSFEE 
_entity_poly.pdbx_strand_id                 A 
_entity_poly.pdbx_target_identifier         ? 
# 
loop_
_entity_poly_seq.entity_id 
_entity_poly_seq.num 
_entity_poly_seq.mon_id 
_entity_poly_seq.hetero 
1 1  ASP n 
1 2  LYS n 
1 3  ASN n 
1 4  GLY n 
1 5  ASP n 
1 6  GLY n 
1 7  GLU n 
1 8  VAL n 
1 9  SER n 
1 10 PHE n 
1 11 GLU n 
1 12 GLU n 
# 
_pdbx_entity_src_syn.entity_id              1 
_pdbx_entity_src_syn.pdbx_src_id            1 
_pdbx_entity_src_syn.pdbx_alt_source_flag   sample 
_pdbx_entity_src_syn.pdbx_beg_seq_num       ? 
_pdbx_entity_src_syn.pdbx_end_seq_num       ? 
_pdbx_entity_src_syn.organism_scientific    ? 
_pdbx_entity_src_syn.organism_common_name   ? 
_pdbx_entity_src_syn.ncbi_taxonomy_id       ? 
_pdbx_entity_src_syn.details                
;Occurs naturaly in mammals calcium binding protein as the second calcium binding site. Purchased to Commonwealth Biotechnologies, Inc. as the trifluoroacetate salt, pur. min 95%
;
# 
loop_
_chem_comp.id 
_chem_comp.type 
_chem_comp.mon_nstd_flag 
_chem_comp.name 
_chem_comp.pdbx_synonyms 
_chem_comp.formula 
_chem_comp.formula_weight 
ASN 'L-peptide linking' y ASPARAGINE      ? 'C4 H8 N2 O3'    132.118 
ASP 'L-peptide linking' y 'ASPARTIC ACID' ? 'C4 H7 N O4'     133.103 
GLU 'L-peptide linking' y 'GLUTAMIC ACID' ? 'C5 H9 N O4'     147.129 
GLY 'peptide linking'   y GLYCINE         ? 'C2 H5 N O2'     75.067  
LYS 'L-peptide linking' y LYSINE          ? 'C6 H15 N2 O2 1' 147.195 
PHE 'L-peptide linking' y PHENYLALANINE   ? 'C9 H11 N O2'    165.189 
SER 'L-peptide linking' y SERINE          ? 'C3 H7 N O3'     105.093 
VAL 'L-peptide linking' y VALINE          ? 'C5 H11 N O2'    117.146 
# 
loop_
_pdbx_poly_seq_scheme.asym_id 
_pdbx_poly_seq_scheme.entity_id 
_pdbx_poly_seq_scheme.seq_id 
_pdbx_poly_seq_scheme.mon_id 
_pdbx_poly_seq_scheme.ndb_seq_num 
_pdbx_poly_seq_scheme.pdb_seq_num 
_pdbx_poly_seq_scheme.auth_seq_num 
_pdbx_poly_seq_scheme.pdb_mon_id 
_pdbx_poly_seq_scheme.auth_mon_id 
_pdbx_poly_seq_scheme.pdb_strand_id 
_pdbx_poly_seq_scheme.pdb_ins_code 
_pdbx_poly_seq_scheme.hetero 
A 1 1  ASP 1  1  1  ASP ASP A . n 
A 1 2  LYS 2  2  2  LYS LYS A . n 
A 1 3  ASN 3  3  3  ASN ASN A . n 
A 1 4  GLY 4  4  4  GLY GLY A . n 
A 1 5  ASP 5  5  5  ASP ASP A . n 
A 1 6  GLY 6  6  6  GLY GLY A . n 
A 1 7  GLU 7  7  7  GLU GLU A . n 
A 1 8  VAL 8  8  8  VAL VAL A . n 
A 1 9  SER 9  9  9  SER SER A . n 
A 1 10 PHE 10 10 10 PHE PHE A . n 
A 1 11 GLU 11 11 11 GLU GLU A . n 
A 1 12 GLU 12 12 12 GLU GLU A . n 
# 
_exptl.entry_id          1RT0 
_exptl.method            'SOLUTION NMR' 
_exptl.crystals_number   ? 
# 
_exptl_crystal.id                    1 
_exptl_crystal.density_meas          ? 
_exptl_crystal.density_percent_sol   ? 
_exptl_crystal.description           ? 
_exptl_crystal.density_Matthews      ? 
# 
_diffrn.id                     1 
_diffrn.ambient_temp           ? 
_diffrn.ambient_temp_details   ? 
_diffrn.crystal_id             1 
# 
_diffrn_radiation.diffrn_id                        1 
_diffrn_radiation.wavelength_id                    1 
_diffrn_radiation.pdbx_monochromatic_or_laue_m_l   M 
_diffrn_radiation.monochromator                    ? 
_diffrn_radiation.pdbx_diffrn_protocol             'SINGLE WAVELENGTH' 
_diffrn_radiation.pdbx_scattering_type             ? 
# 
_diffrn_radiation_wavelength.id           1 
_diffrn_radiation_wavelength.wavelength   . 
_diffrn_radiation_wavelength.wt           1.0 
# 
_struct.entry_id                  1RT0 
_struct.title                     '12-mer from site II calbindin D9K (DKNGDGEVSFEE) coordinating Zn(II)' 
_struct.pdbx_model_details        ? 
_struct.pdbx_CASP_flag            ? 
_struct.pdbx_model_type_details   ? 
# 
_struct_keywords.entry_id        1RT0 
_struct_keywords.pdbx_keywords   'METAL BINDING PROTEIN' 
_struct_keywords.text            'EF-hand toxic metal ion transport model of ICaBP coordination toward zinc, METAL BINDING PROTEIN' 
# 
_struct_asym.id                            A 
_struct_asym.pdbx_blank_PDB_chainid_flag   N 
_struct_asym.pdbx_modified                 N 
_struct_asym.entity_id                     1 
_struct_asym.details                       ? 
# 
_struct_ref.id                         1 
_struct_ref.db_name                    UNP 
_struct_ref.db_code                    S100G_BOVIN 
_struct_ref.pdbx_db_accession          P02633 
_struct_ref.entity_id                  1 
_struct_ref.pdbx_seq_one_letter_code   DKNGDGEVSFEE 
_struct_ref.pdbx_align_begin           57 
_struct_ref.pdbx_db_isoform            ? 
# 
_struct_ref_seq.align_id                      1 
_struct_ref_seq.ref_id                        1 
_struct_ref_seq.pdbx_PDB_id_code              1RT0 
_struct_ref_seq.pdbx_strand_id                A 
_struct_ref_seq.seq_align_beg                 1 
_struct_ref_seq.pdbx_seq_align_beg_ins_code   ? 
_struct_ref_seq.seq_align_end                 12 
_struct_ref_seq.pdbx_seq_align_end_ins_code   ? 
_struct_ref_seq.pdbx_db_accession             P02633 
_struct_ref_seq.db_align_beg                  57 
_struct_ref_seq.pdbx_db_align_beg_ins_code    ? 
_struct_ref_seq.db_align_end                  68 
_struct_ref_seq.pdbx_db_align_end_ins_code    ? 
_struct_ref_seq.pdbx_auth_seq_align_beg       1 
_struct_ref_seq.pdbx_auth_seq_align_end       12 
# 
_pdbx_struct_assembly.id                   1 
_pdbx_struct_assembly.details              author_defined_assembly 
_pdbx_struct_assembly.method_details       ? 
_pdbx_struct_assembly.oligomeric_details   monomeric 
_pdbx_struct_assembly.oligomeric_count     1 
# 
_pdbx_struct_assembly_gen.assembly_id       1 
_pdbx_struct_assembly_gen.oper_expression   1 
_pdbx_struct_assembly_gen.asym_id_list      A 
# 
_pdbx_struct_oper_list.id                   1 
_pdbx_struct_oper_list.type                 'identity operation' 
_pdbx_struct_oper_list.name                 1_555 
_pdbx_struct_oper_list.symmetry_operation   ? 
_pdbx_struct_oper_list.matrix[1][1]         1.0000000000 
_pdbx_struct_oper_list.matrix[1][2]         0.0000000000 
_pdbx_struct_oper_list.matrix[1][3]         0.0000000000 
_pdbx_struct_oper_list.vector[1]            0.0000000000 
_pdbx_struct_oper_list.matrix[2][1]         0.0000000000 
_pdbx_struct_oper_list.matrix[2][2]         1.0000000000 
_pdbx_struct_oper_list.matrix[2][3]         0.0000000000 
_pdbx_struct_oper_list.vector[2]            0.0000000000 
_pdbx_struct_oper_list.matrix[3][1]         0.0000000000 
_pdbx_struct_oper_list.matrix[3][2]         0.0000000000 
_pdbx_struct_oper_list.matrix[3][3]         1.0000000000 
_pdbx_struct_oper_list.vector[3]            0.0000000000 
# 
_struct_biol.id   1 
# 
loop_
_pdbx_validate_torsion.id 
_pdbx_validate_torsion.PDB_model_num 
_pdbx_validate_torsion.auth_comp_id 
_pdbx_validate_torsion.auth_asym_id 
_pdbx_validate_torsion.auth_seq_id 
_pdbx_validate_torsion.PDB_ins_code 
_pdbx_validate_torsion.label_alt_id 
_pdbx_validate_torsion.phi 
_pdbx_validate_torsion.psi 
1  1  ASN A 3  ? ? -148.88 -61.54  
2  1  ASP A 5  ? ? -131.64 -44.33  
3  1  VAL A 8  ? ? 29.33   40.89   
4  1  SER A 9  ? ? 35.57   -154.02 
5  1  GLU A 11 ? ? 38.51   55.91   
6  2  ASN A 3  ? ? -142.38 -60.98  
7  2  ASP A 5  ? ? -131.79 -44.12  
8  2  VAL A 8  ? ? 29.30   40.84   
9  2  SER A 9  ? ? 35.48   -153.37 
10 2  GLU A 11 ? ? 38.86   56.05   
11 3  ASN A 3  ? ? -147.96 -61.51  
12 3  ASP A 5  ? ? -131.83 -44.22  
13 3  VAL A 8  ? ? 29.50   41.05   
14 3  SER A 9  ? ? 35.56   -153.57 
15 3  GLU A 11 ? ? 38.68   56.00   
16 4  ASN A 3  ? ? -145.44 -61.12  
17 4  ASP A 5  ? ? -131.88 -44.24  
18 4  VAL A 8  ? ? 29.57   40.85   
19 4  SER A 9  ? ? 35.51   -153.73 
20 4  GLU A 11 ? ? 38.39   56.18   
21 5  ASN A 3  ? ? -138.29 -60.77  
22 5  ASP A 5  ? ? -131.97 -44.01  
23 5  VAL A 8  ? ? 29.45   40.80   
24 5  SER A 9  ? ? 35.64   -153.38 
25 5  GLU A 11 ? ? 38.48   55.75   
26 6  VAL A 8  ? ? 31.69   40.37   
27 6  SER A 9  ? ? 39.95   -159.77 
28 7  ASN A 3  ? ? -143.74 -60.19  
29 7  ASP A 5  ? ? -132.33 -44.41  
30 7  VAL A 8  ? ? 29.63   40.46   
31 7  SER A 9  ? ? 34.99   -153.33 
32 7  GLU A 11 ? ? 37.38   58.96   
33 8  ASN A 3  ? ? -123.19 -62.18  
34 8  ASP A 5  ? ? -132.96 -46.04  
35 8  VAL A 8  ? ? 28.93   44.64   
36 8  SER A 9  ? ? 42.93   -157.46 
37 8  PHE A 10 ? ? 58.61   -160.76 
38 8  GLU A 11 ? ? -99.85  58.99   
39 9  ASN A 3  ? ? -122.79 -61.49  
40 9  ASP A 5  ? ? -133.26 -46.42  
41 9  VAL A 8  ? ? 29.02   44.45   
42 9  SER A 9  ? ? 42.59   -157.08 
43 9  PHE A 10 ? ? 57.85   -160.39 
44 9  GLU A 11 ? ? -99.63  59.49   
45 10 ASN A 3  ? ? -127.14 -62.06  
46 10 ASP A 5  ? ? -133.11 -45.88  
47 10 VAL A 8  ? ? 29.01   44.56   
48 10 SER A 9  ? ? 43.12   -155.86 
49 10 PHE A 10 ? ? 55.02   -159.85 
50 10 GLU A 11 ? ? -99.17  56.62   
# 
_pdbx_nmr_ensemble.entry_id                                      1RT0 
_pdbx_nmr_ensemble.conformers_calculated_total_number            50 
_pdbx_nmr_ensemble.conformers_submitted_total_number             10 
_pdbx_nmr_ensemble.conformer_selection_criteria                  'target function' 
_pdbx_nmr_ensemble.average_constraints_per_residue               ? 
_pdbx_nmr_ensemble.average_constraint_violations_per_residue     ? 
_pdbx_nmr_ensemble.maximum_distance_constraint_violation         ? 
_pdbx_nmr_ensemble.average_distance_constraint_violation         ? 
_pdbx_nmr_ensemble.maximum_upper_distance_constraint_violation   ? 
_pdbx_nmr_ensemble.maximum_lower_distance_constraint_violation   ? 
_pdbx_nmr_ensemble.distance_constraint_violation_method          ? 
_pdbx_nmr_ensemble.maximum_torsion_angle_constraint_violation    ? 
_pdbx_nmr_ensemble.average_torsion_angle_constraint_violation    ? 
_pdbx_nmr_ensemble.torsion_angle_constraint_violation_method     ? 
# 
_pdbx_nmr_representative.entry_id             1RT0 
_pdbx_nmr_representative.conformer_id         1 
_pdbx_nmr_representative.selection_criteria   'fewest violations' 
# 
_pdbx_nmr_sample_details.solution_id      1 
_pdbx_nmr_sample_details.contents         '3mM Peptide and Zn(NO3)2. NaOH and HNO3 added for pH fixing to 7; 80% H2O, 20% D2O' 
_pdbx_nmr_sample_details.solvent_system   '80% H2O, 20% D2O' 
# 
_pdbx_nmr_exptl_sample_conditions.conditions_id       1 
_pdbx_nmr_exptl_sample_conditions.temperature         288 
_pdbx_nmr_exptl_sample_conditions.pressure            ambient 
_pdbx_nmr_exptl_sample_conditions.pH                  7 
_pdbx_nmr_exptl_sample_conditions.ionic_strength      'aprox 0' 
_pdbx_nmr_exptl_sample_conditions.pressure_units      ? 
_pdbx_nmr_exptl_sample_conditions.temperature_units   K 
# 
loop_
_pdbx_nmr_exptl.experiment_id 
_pdbx_nmr_exptl.solution_id 
_pdbx_nmr_exptl.conditions_id 
_pdbx_nmr_exptl.type 
1 1 1 '2D TOCSY' 
2 1 1 noesyjr    
# 
_pdbx_nmr_refine.entry_id           1RT0 
_pdbx_nmr_refine.method             'torsion angle dynamics' 
_pdbx_nmr_refine.details            'after a matrix relaxation' 
_pdbx_nmr_refine.software_ordinal   1 
# 
loop_
_pdbx_nmr_software.name 
_pdbx_nmr_software.version 
_pdbx_nmr_software.classification 
_pdbx_nmr_software.authors 
_pdbx_nmr_software.ordinal 
NMRPipe   1.0 processing                    'F. Delaglio, S. Grzesiek, G. W. Vuister, G. Zhu, J. Pfeifer, A. Bax' 1 
MARDIGRAS 3.2 'iterative matrix relaxation' 'James, Borgias, Thomas, Liu, Kumar, Tonelli'                         2 
DYANA     1.5 'structure solution'          'Guenter, Mumenthaler, Herrmann'                                      3 
DYANA     1.5 refinement                    'Guenter, Mumenthaler, Herrmann'                                      4 
# 
loop_
_chem_comp_atom.comp_id 
_chem_comp_atom.atom_id 
_chem_comp_atom.type_symbol 
_chem_comp_atom.pdbx_aromatic_flag 
_chem_comp_atom.pdbx_stereo_config 
_chem_comp_atom.pdbx_ordinal 
ASN N    N N N 1   
ASN CA   C N S 2   
ASN C    C N N 3   
ASN O    O N N 4   
ASN CB   C N N 5   
ASN CG   C N N 6   
ASN OD1  O N N 7   
ASN ND2  N N N 8   
ASN OXT  O N N 9   
ASN H    H N N 10  
ASN H2   H N N 11  
ASN HA   H N N 12  
ASN HB2  H N N 13  
ASN HB3  H N N 14  
ASN HD21 H N N 15  
ASN HD22 H N N 16  
ASN HXT  H N N 17  
ASP N    N N N 18  
ASP CA   C N S 19  
ASP C    C N N 20  
ASP O    O N N 21  
ASP CB   C N N 22  
ASP CG   C N N 23  
ASP OD1  O N N 24  
ASP OD2  O N N 25  
ASP OXT  O N N 26  
ASP H    H N N 27  
ASP H2   H N N 28  
ASP HA   H N N 29  
ASP HB2  H N N 30  
ASP HB3  H N N 31  
ASP HD2  H N N 32  
ASP HXT  H N N 33  
GLU N    N N N 34  
GLU CA   C N S 35  
GLU C    C N N 36  
GLU O    O N N 37  
GLU CB   C N N 38  
GLU CG   C N N 39  
GLU CD   C N N 40  
GLU OE1  O N N 41  
GLU OE2  O N N 42  
GLU OXT  O N N 43  
GLU H    H N N 44  
GLU H2   H N N 45  
GLU HA   H N N 46  
GLU HB2  H N N 47  
GLU HB3  H N N 48  
GLU HG2  H N N 49  
GLU HG3  H N N 50  
GLU HE2  H N N 51  
GLU HXT  H N N 52  
GLY N    N N N 53  
GLY CA   C N N 54  
GLY C    C N N 55  
GLY O    O N N 56  
GLY OXT  O N N 57  
GLY H    H N N 58  
GLY H2   H N N 59  
GLY HA2  H N N 60  
GLY HA3  H N N 61  
GLY HXT  H N N 62  
LYS N    N N N 63  
LYS CA   C N S 64  
LYS C    C N N 65  
LYS O    O N N 66  
LYS CB   C N N 67  
LYS CG   C N N 68  
LYS CD   C N N 69  
LYS CE   C N N 70  
LYS NZ   N N N 71  
LYS OXT  O N N 72  
LYS H    H N N 73  
LYS H2   H N N 74  
LYS HA   H N N 75  
LYS HB2  H N N 76  
LYS HB3  H N N 77  
LYS HG2  H N N 78  
LYS HG3  H N N 79  
LYS HD2  H N N 80  
LYS HD3  H N N 81  
LYS HE2  H N N 82  
LYS HE3  H N N 83  
LYS HZ1  H N N 84  
LYS HZ2  H N N 85  
LYS HZ3  H N N 86  
LYS HXT  H N N 87  
PHE N    N N N 88  
PHE CA   C N S 89  
PHE C    C N N 90  
PHE O    O N N 91  
PHE CB   C N N 92  
PHE CG   C Y N 93  
PHE CD1  C Y N 94  
PHE CD2  C Y N 95  
PHE CE1  C Y N 96  
PHE CE2  C Y N 97  
PHE CZ   C Y N 98  
PHE OXT  O N N 99  
PHE H    H N N 100 
PHE H2   H N N 101 
PHE HA   H N N 102 
PHE HB2  H N N 103 
PHE HB3  H N N 104 
PHE HD1  H N N 105 
PHE HD2  H N N 106 
PHE HE1  H N N 107 
PHE HE2  H N N 108 
PHE HZ   H N N 109 
PHE HXT  H N N 110 
SER N    N N N 111 
SER CA   C N S 112 
SER C    C N N 113 
SER O    O N N 114 
SER CB   C N N 115 
SER OG   O N N 116 
SER OXT  O N N 117 
SER H    H N N 118 
SER H2   H N N 119 
SER HA   H N N 120 
SER HB2  H N N 121 
SER HB3  H N N 122 
SER HG   H N N 123 
SER HXT  H N N 124 
VAL N    N N N 125 
VAL CA   C N S 126 
VAL C    C N N 127 
VAL O    O N N 128 
VAL CB   C N N 129 
VAL CG1  C N N 130 
VAL CG2  C N N 131 
VAL OXT  O N N 132 
VAL H    H N N 133 
VAL H2   H N N 134 
VAL HA   H N N 135 
VAL HB   H N N 136 
VAL HG11 H N N 137 
VAL HG12 H N N 138 
VAL HG13 H N N 139 
VAL HG21 H N N 140 
VAL HG22 H N N 141 
VAL HG23 H N N 142 
VAL HXT  H N N 143 
# 
loop_
_chem_comp_bond.comp_id 
_chem_comp_bond.atom_id_1 
_chem_comp_bond.atom_id_2 
_chem_comp_bond.value_order 
_chem_comp_bond.pdbx_aromatic_flag 
_chem_comp_bond.pdbx_stereo_config 
_chem_comp_bond.pdbx_ordinal 
ASN N   CA   sing N N 1   
ASN N   H    sing N N 2   
ASN N   H2   sing N N 3   
ASN CA  C    sing N N 4   
ASN CA  CB   sing N N 5   
ASN CA  HA   sing N N 6   
ASN C   O    doub N N 7   
ASN C   OXT  sing N N 8   
ASN CB  CG   sing N N 9   
ASN CB  HB2  sing N N 10  
ASN CB  HB3  sing N N 11  
ASN CG  OD1  doub N N 12  
ASN CG  ND2  sing N N 13  
ASN ND2 HD21 sing N N 14  
ASN ND2 HD22 sing N N 15  
ASN OXT HXT  sing N N 16  
ASP N   CA   sing N N 17  
ASP N   H    sing N N 18  
ASP N   H2   sing N N 19  
ASP CA  C    sing N N 20  
ASP CA  CB   sing N N 21  
ASP CA  HA   sing N N 22  
ASP C   O    doub N N 23  
ASP C   OXT  sing N N 24  
ASP CB  CG   sing N N 25  
ASP CB  HB2  sing N N 26  
ASP CB  HB3  sing N N 27  
ASP CG  OD1  doub N N 28  
ASP CG  OD2  sing N N 29  
ASP OD2 HD2  sing N N 30  
ASP OXT HXT  sing N N 31  
GLU N   CA   sing N N 32  
GLU N   H    sing N N 33  
GLU N   H2   sing N N 34  
GLU CA  C    sing N N 35  
GLU CA  CB   sing N N 36  
GLU CA  HA   sing N N 37  
GLU C   O    doub N N 38  
GLU C   OXT  sing N N 39  
GLU CB  CG   sing N N 40  
GLU CB  HB2  sing N N 41  
GLU CB  HB3  sing N N 42  
GLU CG  CD   sing N N 43  
GLU CG  HG2  sing N N 44  
GLU CG  HG3  sing N N 45  
GLU CD  OE1  doub N N 46  
GLU CD  OE2  sing N N 47  
GLU OE2 HE2  sing N N 48  
GLU OXT HXT  sing N N 49  
GLY N   CA   sing N N 50  
GLY N   H    sing N N 51  
GLY N   H2   sing N N 52  
GLY CA  C    sing N N 53  
GLY CA  HA2  sing N N 54  
GLY CA  HA3  sing N N 55  
GLY C   O    doub N N 56  
GLY C   OXT  sing N N 57  
GLY OXT HXT  sing N N 58  
LYS N   CA   sing N N 59  
LYS N   H    sing N N 60  
LYS N   H2   sing N N 61  
LYS CA  C    sing N N 62  
LYS CA  CB   sing N N 63  
LYS CA  HA   sing N N 64  
LYS C   O    doub N N 65  
LYS C   OXT  sing N N 66  
LYS CB  CG   sing N N 67  
LYS CB  HB2  sing N N 68  
LYS CB  HB3  sing N N 69  
LYS CG  CD   sing N N 70  
LYS CG  HG2  sing N N 71  
LYS CG  HG3  sing N N 72  
LYS CD  CE   sing N N 73  
LYS CD  HD2  sing N N 74  
LYS CD  HD3  sing N N 75  
LYS CE  NZ   sing N N 76  
LYS CE  HE2  sing N N 77  
LYS CE  HE3  sing N N 78  
LYS NZ  HZ1  sing N N 79  
LYS NZ  HZ2  sing N N 80  
LYS NZ  HZ3  sing N N 81  
LYS OXT HXT  sing N N 82  
PHE N   CA   sing N N 83  
PHE N   H    sing N N 84  
PHE N   H2   sing N N 85  
PHE CA  C    sing N N 86  
PHE CA  CB   sing N N 87  
PHE CA  HA   sing N N 88  
PHE C   O    doub N N 89  
PHE C   OXT  sing N N 90  
PHE CB  CG   sing N N 91  
PHE CB  HB2  sing N N 92  
PHE CB  HB3  sing N N 93  
PHE CG  CD1  doub Y N 94  
PHE CG  CD2  sing Y N 95  
PHE CD1 CE1  sing Y N 96  
PHE CD1 HD1  sing N N 97  
PHE CD2 CE2  doub Y N 98  
PHE CD2 HD2  sing N N 99  
PHE CE1 CZ   doub Y N 100 
PHE CE1 HE1  sing N N 101 
PHE CE2 CZ   sing Y N 102 
PHE CE2 HE2  sing N N 103 
PHE CZ  HZ   sing N N 104 
PHE OXT HXT  sing N N 105 
SER N   CA   sing N N 106 
SER N   H    sing N N 107 
SER N   H2   sing N N 108 
SER CA  C    sing N N 109 
SER CA  CB   sing N N 110 
SER CA  HA   sing N N 111 
SER C   O    doub N N 112 
SER C   OXT  sing N N 113 
SER CB  OG   sing N N 114 
SER CB  HB2  sing N N 115 
SER CB  HB3  sing N N 116 
SER OG  HG   sing N N 117 
SER OXT HXT  sing N N 118 
VAL N   CA   sing N N 119 
VAL N   H    sing N N 120 
VAL N   H2   sing N N 121 
VAL CA  C    sing N N 122 
VAL CA  CB   sing N N 123 
VAL CA  HA   sing N N 124 
VAL C   O    doub N N 125 
VAL C   OXT  sing N N 126 
VAL CB  CG1  sing N N 127 
VAL CB  CG2  sing N N 128 
VAL CB  HB   sing N N 129 
VAL CG1 HG11 sing N N 130 
VAL CG1 HG12 sing N N 131 
VAL CG1 HG13 sing N N 132 
VAL CG2 HG21 sing N N 133 
VAL CG2 HG22 sing N N 134 
VAL CG2 HG23 sing N N 135 
VAL OXT HXT  sing N N 136 
# 
_pdbx_nmr_spectrometer.spectrometer_id   1 
_pdbx_nmr_spectrometer.type              ? 
_pdbx_nmr_spectrometer.manufacturer      Varian 
_pdbx_nmr_spectrometer.model             UNITY 
_pdbx_nmr_spectrometer.field_strength    600 
# 
_atom_sites.entry_id                    1RT0 
_atom_sites.fract_transf_matrix[1][1]   1.000000 
_atom_sites.fract_transf_matrix[1][2]   0.000000 
_atom_sites.fract_transf_matrix[1][3]   0.000000 
_atom_sites.fract_transf_matrix[2][1]   0.000000 
_atom_sites.fract_transf_matrix[2][2]   1.000000 
_atom_sites.fract_transf_matrix[2][3]   0.000000 
_atom_sites.fract_transf_matrix[3][1]   0.000000 
_atom_sites.fract_transf_matrix[3][2]   0.000000 
_atom_sites.fract_transf_matrix[3][3]   1.000000 
_atom_sites.fract_transf_vector[1]      0.00000 
_atom_sites.fract_transf_vector[2]      0.00000 
_atom_sites.fract_transf_vector[3]      0.00000 
# 
loop_
_atom_type.symbol 
C 
H 
N 
O 
# 
loop_
_atom_site.group_PDB 
_atom_site.id 
_atom_site.type_symbol 
_atom_site.label_atom_id 
_atom_site.label_alt_id 
_atom_site.label_comp_id 
_atom_site.label_asym_id 
_atom_site.label_entity_id 
_atom_site.label_seq_id 
_atom_site.pdbx_PDB_ins_code 
_atom_site.Cartn_x 
_atom_site.Cartn_y 
_atom_site.Cartn_z 
_atom_site.occupancy 
_atom_site.B_iso_or_equiv 
_atom_site.pdbx_formal_charge 
_atom_site.auth_seq_id 
_atom_site.auth_comp_id 
_atom_site.auth_asym_id 
_atom_site.auth_atom_id 
_atom_site.pdbx_PDB_model_num 
ATOM 1    N N    . ASP A 1 1  ? 4.151   -5.517 -1.113 1.00 0.00 ? 1  ASP A N    1  
ATOM 2    C CA   . ASP A 1 1  ? 4.328   -5.242 0.301  1.00 0.00 ? 1  ASP A CA   1  
ATOM 3    C C    . ASP A 1 1  ? 3.109   -4.482 0.827  1.00 0.00 ? 1  ASP A C    1  
ATOM 4    O O    . ASP A 1 1  ? 2.109   -4.342 0.123  1.00 0.00 ? 1  ASP A O    1  
ATOM 5    C CB   . ASP A 1 1  ? 5.565   -4.374 0.543  1.00 0.00 ? 1  ASP A CB   1  
ATOM 6    C CG   . ASP A 1 1  ? 5.397   -2.895 0.190  1.00 0.00 ? 1  ASP A CG   1  
ATOM 7    O OD1  . ASP A 1 1  ? 4.505   -2.265 0.799  1.00 0.00 ? 1  ASP A OD1  1  
ATOM 8    O OD2  . ASP A 1 1  ? 6.164   -2.429 -0.680 1.00 0.00 ? 1  ASP A OD2  1  
ATOM 9    H H1   . ASP A 1 1  ? 3.926   -4.721 -1.674 1.00 0.00 ? 1  ASP A H1   1  
ATOM 10   H HA   . ASP A 1 1  ? 4.445   -6.218 0.771  1.00 0.00 ? 1  ASP A HA   1  
ATOM 11   H HB3  . ASP A 1 1  ? 6.393   -4.779 -0.038 1.00 0.00 ? 1  ASP A HB3  1  
ATOM 12   N N    . LYS A 1 2  ? 3.229   -4.011 2.059  1.00 0.00 ? 2  LYS A N    1  
ATOM 13   C CA   . LYS A 1 2  ? 2.148   -3.269 2.685  1.00 0.00 ? 2  LYS A CA   1  
ATOM 14   C C    . LYS A 1 2  ? 2.696   -1.955 3.248  1.00 0.00 ? 2  LYS A C    1  
ATOM 15   O O    . LYS A 1 2  ? 3.724   -1.946 3.923  1.00 0.00 ? 2  LYS A O    1  
ATOM 16   C CB   . LYS A 1 2  ? 1.438   -4.135 3.727  1.00 0.00 ? 2  LYS A CB   1  
ATOM 17   C CG   . LYS A 1 2  ? 0.553   -3.281 4.639  1.00 0.00 ? 2  LYS A CG   1  
ATOM 18   C CD   . LYS A 1 2  ? -0.809  -3.943 4.858  1.00 0.00 ? 2  LYS A CD   1  
ATOM 19   C CE   . LYS A 1 2  ? -0.665  -5.458 5.003  1.00 0.00 ? 2  LYS A CE   1  
ATOM 20   N NZ   . LYS A 1 2  ? -1.625  -5.977 6.003  1.00 0.00 ? 2  LYS A NZ   1  
ATOM 21   H H    . LYS A 1 2  ? 4.044   -4.129 2.625  1.00 0.00 ? 2  LYS A H    1  
ATOM 22   H HA   . LYS A 1 2  ? 1.420   -3.035 1.909  1.00 0.00 ? 2  LYS A HA   1  
ATOM 23   H HB3  . LYS A 1 2  ? 2.175   -4.668 4.328  1.00 0.00 ? 2  LYS A HB3  1  
ATOM 24   H HG3  . LYS A 1 2  ? 0.415   -2.294 4.197  1.00 0.00 ? 2  LYS A HG3  1  
ATOM 25   H HD3  . LYS A 1 2  ? -1.467  -3.715 4.018  1.00 0.00 ? 2  LYS A HD3  1  
ATOM 26   H HE3  . LYS A 1 2  ? 0.353   -5.705 5.306  1.00 0.00 ? 2  LYS A HE3  1  
ATOM 27   H HZ1  . LYS A 1 2  ? -1.679  -5.342 6.774  1.00 0.00 ? 2  LYS A HZ1  1  
ATOM 28   H HZ2  . LYS A 1 2  ? -2.527  -6.068 5.583  1.00 0.00 ? 2  LYS A HZ2  1  
ATOM 29   H HZ3  . LYS A 1 2  ? -1.317  -6.871 6.329  1.00 0.00 ? 2  LYS A HZ3  1  
ATOM 30   N N    . ASN A 1 3  ? 1.987   -0.879 2.947  1.00 0.00 ? 3  ASN A N    1  
ATOM 31   C CA   . ASN A 1 3  ? 2.388   0.437  3.413  1.00 0.00 ? 3  ASN A CA   1  
ATOM 32   C C    . ASN A 1 3  ? 1.143   1.300  3.629  1.00 0.00 ? 3  ASN A C    1  
ATOM 33   O O    . ASN A 1 3  ? 0.875   1.742  4.745  1.00 0.00 ? 3  ASN A O    1  
ATOM 34   C CB   . ASN A 1 3  ? 3.277   1.139  2.385  1.00 0.00 ? 3  ASN A CB   1  
ATOM 35   C CG   . ASN A 1 3  ? 4.672   1.406  2.955  1.00 0.00 ? 3  ASN A CG   1  
ATOM 36   O OD1  . ASN A 1 3  ? 5.209   0.637  3.736  1.00 0.00 ? 3  ASN A OD1  1  
ATOM 37   N ND2  . ASN A 1 3  ? 5.226   2.534  2.524  1.00 0.00 ? 3  ASN A ND2  1  
ATOM 38   H H    . ASN A 1 3  ? 1.151   -0.894 2.396  1.00 0.00 ? 3  ASN A H    1  
ATOM 39   H HA   . ASN A 1 3  ? 2.936   0.259  4.339  1.00 0.00 ? 3  ASN A HA   1  
ATOM 40   H HB3  . ASN A 1 3  ? 2.818   2.080  2.083  1.00 0.00 ? 3  ASN A HB3  1  
ATOM 41   H HD21 . ASN A 1 3  ? 4.731   3.122  1.882  1.00 0.00 ? 3  ASN A HD21 1  
ATOM 42   H HD22 . ASN A 1 3  ? 6.137   2.797  2.840  1.00 0.00 ? 3  ASN A HD22 1  
ATOM 43   N N    . GLY A 1 4  ? 0.416   1.516  2.542  1.00 0.00 ? 4  GLY A N    1  
ATOM 44   C CA   . GLY A 1 4  ? -0.794  2.318  2.598  1.00 0.00 ? 4  GLY A CA   1  
ATOM 45   C C    . GLY A 1 4  ? -0.975  3.128  1.313  1.00 0.00 ? 4  GLY A C    1  
ATOM 46   O O    . GLY A 1 4  ? -2.102  3.384  0.890  1.00 0.00 ? 4  GLY A O    1  
ATOM 47   H H    . GLY A 1 4  ? 0.641   1.153  1.639  1.00 0.00 ? 4  GLY A H    1  
ATOM 48   H HA2  . GLY A 1 4  ? -1.658  1.670  2.749  1.00 0.00 ? 4  GLY A HA2  1  
ATOM 49   H HA3  . GLY A 1 4  ? -0.748  2.992  3.454  1.00 0.00 ? 4  GLY A HA3  1  
ATOM 50   N N    . ASP A 1 5  ? 0.150   3.507  0.728  1.00 0.00 ? 5  ASP A N    1  
ATOM 51   C CA   . ASP A 1 5  ? 0.131   4.283  -0.501 1.00 0.00 ? 5  ASP A CA   1  
ATOM 52   C C    . ASP A 1 5  ? 1.091   3.654  -1.512 1.00 0.00 ? 5  ASP A C    1  
ATOM 53   O O    . ASP A 1 5  ? 0.756   3.512  -2.687 1.00 0.00 ? 5  ASP A O    1  
ATOM 54   C CB   . ASP A 1 5  ? 0.584   5.723  -0.251 1.00 0.00 ? 5  ASP A CB   1  
ATOM 55   C CG   . ASP A 1 5  ? 2.058   5.880  0.126  1.00 0.00 ? 5  ASP A CG   1  
ATOM 56   O OD1  . ASP A 1 5  ? 2.363   5.677  1.321  1.00 0.00 ? 5  ASP A OD1  1  
ATOM 57   O OD2  . ASP A 1 5  ? 2.847   6.201  -0.789 1.00 0.00 ? 5  ASP A OD2  1  
ATOM 58   H H    . ASP A 1 5  ? 1.063   3.295  1.078  1.00 0.00 ? 5  ASP A H    1  
ATOM 59   H HA   . ASP A 1 5  ? -0.905  4.258  -0.839 1.00 0.00 ? 5  ASP A HA   1  
ATOM 60   H HB3  . ASP A 1 5  ? -0.027  6.147  0.546  1.00 0.00 ? 5  ASP A HB3  1  
ATOM 61   N N    . GLY A 1 6  ? 2.267   3.294  -1.018 1.00 0.00 ? 6  GLY A N    1  
ATOM 62   C CA   . GLY A 1 6  ? 3.278   2.683  -1.864 1.00 0.00 ? 6  GLY A CA   1  
ATOM 63   C C    . GLY A 1 6  ? 2.656   1.643  -2.798 1.00 0.00 ? 6  GLY A C    1  
ATOM 64   O O    . GLY A 1 6  ? 2.499   1.890  -3.992 1.00 0.00 ? 6  GLY A O    1  
ATOM 65   H H    . GLY A 1 6  ? 2.532   3.412  -0.061 1.00 0.00 ? 6  GLY A H    1  
ATOM 66   H HA2  . GLY A 1 6  ? 3.778   3.452  -2.452 1.00 0.00 ? 6  GLY A HA2  1  
ATOM 67   H HA3  . GLY A 1 6  ? 4.040   2.210  -1.243 1.00 0.00 ? 6  GLY A HA3  1  
ATOM 68   N N    . GLU A 1 7  ? 2.320   0.498  -2.218 1.00 0.00 ? 7  GLU A N    1  
ATOM 69   C CA   . GLU A 1 7  ? 1.720   -0.580 -2.984 1.00 0.00 ? 7  GLU A CA   1  
ATOM 70   C C    . GLU A 1 7  ? 0.258   -0.255 -3.303 1.00 0.00 ? 7  GLU A C    1  
ATOM 71   O O    . GLU A 1 7  ? -0.622  -0.455 -2.468 1.00 0.00 ? 7  GLU A O    1  
ATOM 72   C CB   . GLU A 1 7  ? 1.835   -1.912 -2.240 1.00 0.00 ? 7  GLU A CB   1  
ATOM 73   C CG   . GLU A 1 7  ? 3.091   -1.944 -1.366 1.00 0.00 ? 7  GLU A CG   1  
ATOM 74   C CD   . GLU A 1 7  ? 4.285   -1.331 -2.100 1.00 0.00 ? 7  GLU A CD   1  
ATOM 75   O OE1  . GLU A 1 7  ? 4.600   -1.841 -3.198 1.00 0.00 ? 7  GLU A OE1  1  
ATOM 76   O OE2  . GLU A 1 7  ? 4.858   -0.366 -1.548 1.00 0.00 ? 7  GLU A OE2  1  
ATOM 77   H H    . GLU A 1 7  ? 2.452   0.305  -1.247 1.00 0.00 ? 7  GLU A H    1  
ATOM 78   H HA   . GLU A 1 7  ? 2.297   -0.636 -3.907 1.00 0.00 ? 7  GLU A HA   1  
ATOM 79   H HB3  . GLU A 1 7  ? 1.865   -2.732 -2.957 1.00 0.00 ? 7  GLU A HB3  1  
ATOM 80   H HG3  . GLU A 1 7  ? 3.319   -2.973 -1.089 1.00 0.00 ? 7  GLU A HG3  1  
ATOM 81   N N    . VAL A 1 8  ? 0.047   0.242  -4.514 1.00 0.00 ? 8  VAL A N    1  
ATOM 82   C CA   . VAL A 1 8  ? -1.292  0.597  -4.952 1.00 0.00 ? 8  VAL A CA   1  
ATOM 83   C C    . VAL A 1 8  ? -2.129  1.008  -3.740 1.00 0.00 ? 8  VAL A C    1  
ATOM 84   O O    . VAL A 1 8  ? -3.302  0.649  -3.641 1.00 0.00 ? 8  VAL A O    1  
ATOM 85   C CB   . VAL A 1 8  ? -1.909  -0.561 -5.740 1.00 0.00 ? 8  VAL A CB   1  
ATOM 86   C CG1  . VAL A 1 8  ? -2.133  -1.778 -4.839 1.00 0.00 ? 8  VAL A CG1  1  
ATOM 87   C CG2  . VAL A 1 8  ? -3.212  -0.132 -6.416 1.00 0.00 ? 8  VAL A CG2  1  
ATOM 88   H H    . VAL A 1 8  ? 0.769   0.402  -5.187 1.00 0.00 ? 8  VAL A H    1  
ATOM 89   H HA   . VAL A 1 8  ? -1.203  1.451  -5.623 1.00 0.00 ? 8  VAL A HA   1  
ATOM 90   H HB   . VAL A 1 8  ? -1.204  -0.849 -6.521 1.00 0.00 ? 8  VAL A HB   1  
ATOM 91   H HG11 . VAL A 1 8  ? -3.053  -2.283 -5.134 1.00 0.00 ? 8  VAL A HG11 1  
ATOM 92   H HG12 . VAL A 1 8  ? -1.293  -2.465 -4.941 1.00 0.00 ? 8  VAL A HG12 1  
ATOM 93   H HG13 . VAL A 1 8  ? -2.213  -1.453 -3.802 1.00 0.00 ? 8  VAL A HG13 1  
ATOM 94   H HG21 . VAL A 1 8  ? -3.122  -0.267 -7.494 1.00 0.00 ? 8  VAL A HG21 1  
ATOM 95   H HG22 . VAL A 1 8  ? -4.033  -0.743 -6.041 1.00 0.00 ? 8  VAL A HG22 1  
ATOM 96   H HG23 . VAL A 1 8  ? -3.407  0.917  -6.195 1.00 0.00 ? 8  VAL A HG23 1  
ATOM 97   N N    . SER A 1 9  ? -1.495  1.756  -2.849 1.00 0.00 ? 9  SER A N    1  
ATOM 98   C CA   . SER A 1 9  ? -2.167  2.218  -1.647 1.00 0.00 ? 9  SER A CA   1  
ATOM 99   C C    . SER A 1 9  ? -3.142  1.150  -1.146 1.00 0.00 ? 9  SER A C    1  
ATOM 100  O O    . SER A 1 9  ? -2.955  -0.037 -1.408 1.00 0.00 ? 9  SER A O    1  
ATOM 101  C CB   . SER A 1 9  ? -2.907  3.535  -1.902 1.00 0.00 ? 9  SER A CB   1  
ATOM 102  O OG   . SER A 1 9  ? -2.145  4.426  -2.711 1.00 0.00 ? 9  SER A OG   1  
ATOM 103  H H    . SER A 1 9  ? -0.542  2.042  -2.937 1.00 0.00 ? 9  SER A H    1  
ATOM 104  H HA   . SER A 1 9  ? -1.374  2.385  -0.918 1.00 0.00 ? 9  SER A HA   1  
ATOM 105  H HB3  . SER A 1 9  ? -3.135  4.013  -0.950 1.00 0.00 ? 9  SER A HB3  1  
ATOM 106  H HG   . SER A 1 9  ? -2.240  4.180  -3.675 1.00 0.00 ? 9  SER A HG   1  
ATOM 107  N N    . PHE A 1 10 ? -4.161  1.611  -0.436 1.00 0.00 ? 10 PHE A N    1  
ATOM 108  C CA   . PHE A 1 10 ? -5.164  0.710  0.104  1.00 0.00 ? 10 PHE A CA   1  
ATOM 109  C C    . PHE A 1 10 ? -4.525  -0.346 1.006  1.00 0.00 ? 10 PHE A C    1  
ATOM 110  O O    . PHE A 1 10 ? -4.908  -1.515 0.969  1.00 0.00 ? 10 PHE A O    1  
ATOM 111  C CB   . PHE A 1 10 ? -5.826  0.013  -1.088 1.00 0.00 ? 10 PHE A CB   1  
ATOM 112  C CG   . PHE A 1 10 ? -7.326  0.284  -1.213 1.00 0.00 ? 10 PHE A CG   1  
ATOM 113  C CD1  . PHE A 1 10 ? -7.766  1.348  -1.937 1.00 0.00 ? 10 PHE A CD1  1  
ATOM 114  C CD2  . PHE A 1 10 ? -8.219  -0.539 -0.603 1.00 0.00 ? 10 PHE A CD2  1  
ATOM 115  C CE1  . PHE A 1 10 ? -9.158  1.600  -2.054 1.00 0.00 ? 10 PHE A CE1  1  
ATOM 116  C CE2  . PHE A 1 10 ? -9.612  -0.286 -0.719 1.00 0.00 ? 10 PHE A CE2  1  
ATOM 117  C CZ   . PHE A 1 10 ? -10.053 0.778  -1.443 1.00 0.00 ? 10 PHE A CZ   1  
ATOM 118  H H    . PHE A 1 10 ? -4.306  2.579  -0.227 1.00 0.00 ? 10 PHE A H    1  
ATOM 119  H HA   . PHE A 1 10 ? -5.860  1.313  0.688  1.00 0.00 ? 10 PHE A HA   1  
ATOM 120  H HB3  . PHE A 1 10 ? -5.668  -1.063 -1.000 1.00 0.00 ? 10 PHE A HB3  1  
ATOM 121  H HD1  . PHE A 1 10 ? -7.049  2.008  -2.427 1.00 0.00 ? 10 PHE A HD1  1  
ATOM 122  H HD2  . PHE A 1 10 ? -7.867  -1.392 -0.023 1.00 0.00 ? 10 PHE A HD2  1  
ATOM 123  H HE1  . PHE A 1 10 ? -9.511  2.454  -2.633 1.00 0.00 ? 10 PHE A HE1  1  
ATOM 124  H HE2  . PHE A 1 10 ? -10.329 -0.947 -0.229 1.00 0.00 ? 10 PHE A HE2  1  
ATOM 125  H HZ   . PHE A 1 10 ? -11.122 0.971  -1.533 1.00 0.00 ? 10 PHE A HZ   1  
ATOM 126  N N    . GLU A 1 11 ? -3.562  0.104  1.797  1.00 0.00 ? 11 GLU A N    1  
ATOM 127  C CA   . GLU A 1 11 ? -2.865  -0.789 2.709  1.00 0.00 ? 11 GLU A CA   1  
ATOM 128  C C    . GLU A 1 11 ? -2.636  -2.149 2.049  1.00 0.00 ? 11 GLU A C    1  
ATOM 129  O O    . GLU A 1 11 ? -3.043  -3.179 2.584  1.00 0.00 ? 11 GLU A O    1  
ATOM 130  C CB   . GLU A 1 11 ? -3.634  -0.938 4.023  1.00 0.00 ? 11 GLU A CB   1  
ATOM 131  C CG   . GLU A 1 11 ? -3.470  0.304  4.900  1.00 0.00 ? 11 GLU A CG   1  
ATOM 132  C CD   . GLU A 1 11 ? -1.993  0.669  5.065  1.00 0.00 ? 11 GLU A CD   1  
ATOM 133  O OE1  . GLU A 1 11 ? -1.175  -0.277 5.095  1.00 0.00 ? 11 GLU A OE1  1  
ATOM 134  O OE2  . GLU A 1 11 ? -1.715  1.884  5.157  1.00 0.00 ? 11 GLU A OE2  1  
ATOM 135  H H    . GLU A 1 11 ? -3.256  1.055  1.822  1.00 0.00 ? 11 GLU A H    1  
ATOM 136  H HA   . GLU A 1 11 ? -1.908  -0.308 2.910  1.00 0.00 ? 11 GLU A HA   1  
ATOM 137  H HB3  . GLU A 1 11 ? -3.275  -1.816 4.561  1.00 0.00 ? 11 GLU A HB3  1  
ATOM 138  H HG3  . GLU A 1 11 ? -3.915  0.124  5.879  1.00 0.00 ? 11 GLU A HG3  1  
ATOM 139  N N    . GLU A 1 12 ? -1.986  -2.109 0.895  1.00 0.00 ? 12 GLU A N    1  
ATOM 140  C CA   . GLU A 1 12 ? -1.698  -3.327 0.157  1.00 0.00 ? 12 GLU A CA   1  
ATOM 141  C C    . GLU A 1 12 ? -0.395  -3.955 0.655  1.00 0.00 ? 12 GLU A C    1  
ATOM 142  O O    . GLU A 1 12 ? -0.408  -5.029 1.257  1.00 0.00 ? 12 GLU A O    1  
ATOM 143  C CB   . GLU A 1 12 ? -1.633  -3.054 -1.348 1.00 0.00 ? 12 GLU A CB   1  
ATOM 144  C CG   . GLU A 1 12 ? -2.645  -3.917 -2.105 1.00 0.00 ? 12 GLU A CG   1  
ATOM 145  C CD   . GLU A 1 12 ? -2.141  -4.242 -3.513 1.00 0.00 ? 12 GLU A CD   1  
ATOM 146  O OE1  . GLU A 1 12 ? -0.905  -4.354 -3.662 1.00 0.00 ? 12 GLU A OE1  1  
ATOM 147  O OE2  . GLU A 1 12 ? -3.004  -4.374 -4.409 1.00 0.00 ? 12 GLU A OE2  1  
ATOM 148  H H    . GLU A 1 12 ? -1.658  -1.267 0.467  1.00 0.00 ? 12 GLU A H    1  
ATOM 149  H HA   . GLU A 1 12 ? -2.532  -3.996 0.363  1.00 0.00 ? 12 GLU A HA   1  
ATOM 150  H HB3  . GLU A 1 12 ? -0.627  -3.258 -1.716 1.00 0.00 ? 12 GLU A HB3  1  
ATOM 151  H HG3  . GLU A 1 12 ? -3.599  -3.394 -2.169 1.00 0.00 ? 12 GLU A HG3  1  
ATOM 152  N N    . ASP A 1 1  ? 4.156   -5.499 -1.085 1.00 0.00 ? 1  ASP A N    2  
ATOM 153  C CA   . ASP A 1 1  ? 4.322   -5.216 0.330  1.00 0.00 ? 1  ASP A CA   2  
ATOM 154  C C    . ASP A 1 1  ? 3.095   -4.459 0.843  1.00 0.00 ? 1  ASP A C    2  
ATOM 155  O O    . ASP A 1 1  ? 2.116   -4.294 0.117  1.00 0.00 ? 1  ASP A O    2  
ATOM 156  C CB   . ASP A 1 1  ? 5.553   -4.341 0.575  1.00 0.00 ? 1  ASP A CB   2  
ATOM 157  C CG   . ASP A 1 1  ? 5.376   -2.862 0.227  1.00 0.00 ? 1  ASP A CG   2  
ATOM 158  O OD1  . ASP A 1 1  ? 4.480   -2.238 0.835  1.00 0.00 ? 1  ASP A OD1  2  
ATOM 159  O OD2  . ASP A 1 1  ? 6.141   -2.389 -0.641 1.00 0.00 ? 1  ASP A OD2  2  
ATOM 160  H H1   . ASP A 1 1  ? 3.948   -4.703 -1.654 1.00 0.00 ? 1  ASP A H1   2  
ATOM 161  H HA   . ASP A 1 1  ? 4.440   -6.190 0.805  1.00 0.00 ? 1  ASP A HA   2  
ATOM 162  H HB3  . ASP A 1 1  ? 6.385   -4.740 -0.006 1.00 0.00 ? 1  ASP A HB3  2  
ATOM 163  N N    . LYS A 1 2  ? 3.189   -4.019 2.088  1.00 0.00 ? 2  LYS A N    2  
ATOM 164  C CA   . LYS A 1 2  ? 2.098   -3.284 2.707  1.00 0.00 ? 2  LYS A CA   2  
ATOM 165  C C    . LYS A 1 2  ? 2.639   -1.979 3.296  1.00 0.00 ? 2  LYS A C    2  
ATOM 166  O O    . LYS A 1 2  ? 3.592   -1.993 4.072  1.00 0.00 ? 2  LYS A O    2  
ATOM 167  C CB   . LYS A 1 2  ? 1.368   -4.162 3.723  1.00 0.00 ? 2  LYS A CB   2  
ATOM 168  C CG   . LYS A 1 2  ? 0.547   -3.311 4.695  1.00 0.00 ? 2  LYS A CG   2  
ATOM 169  C CD   . LYS A 1 2  ? -0.826  -3.939 4.948  1.00 0.00 ? 2  LYS A CD   2  
ATOM 170  C CE   . LYS A 1 2  ? -0.725  -5.465 5.025  1.00 0.00 ? 2  LYS A CE   2  
ATOM 171  N NZ   . LYS A 1 2  ? -1.257  -6.081 3.790  1.00 0.00 ? 2  LYS A NZ   2  
ATOM 172  H H    . LYS A 1 2  ? 3.990   -4.157 2.672  1.00 0.00 ? 2  LYS A H    2  
ATOM 173  H HA   . LYS A 1 2  ? 1.384   -3.039 1.921  1.00 0.00 ? 2  LYS A HA   2  
ATOM 174  H HB3  . LYS A 1 2  ? 2.092   -4.758 4.281  1.00 0.00 ? 2  LYS A HB3  2  
ATOM 175  H HG3  . LYS A 1 2  ? 0.421   -2.308 4.287  1.00 0.00 ? 2  LYS A HG3  2  
ATOM 176  H HD3  . LYS A 1 2  ? -1.512  -3.657 4.150  1.00 0.00 ? 2  LYS A HD3  2  
ATOM 177  H HE3  . LYS A 1 2  ? -1.281  -5.827 5.889  1.00 0.00 ? 2  LYS A HE3  2  
ATOM 178  H HZ1  . LYS A 1 2  ? -1.969  -6.742 4.027  1.00 0.00 ? 2  LYS A HZ1  2  
ATOM 179  H HZ2  . LYS A 1 2  ? -1.644  -5.371 3.201  1.00 0.00 ? 2  LYS A HZ2  2  
ATOM 180  H HZ3  . LYS A 1 2  ? -0.517  -6.549 3.305  1.00 0.00 ? 2  LYS A HZ3  2  
ATOM 181  N N    . ASN A 1 3  ? 2.005   -0.884 2.904  1.00 0.00 ? 3  ASN A N    2  
ATOM 182  C CA   . ASN A 1 3  ? 2.410   0.427  3.385  1.00 0.00 ? 3  ASN A CA   2  
ATOM 183  C C    . ASN A 1 3  ? 1.165   1.289  3.610  1.00 0.00 ? 3  ASN A C    2  
ATOM 184  O O    . ASN A 1 3  ? 0.905   1.727  4.730  1.00 0.00 ? 3  ASN A O    2  
ATOM 185  C CB   . ASN A 1 3  ? 3.298   1.138  2.362  1.00 0.00 ? 3  ASN A CB   2  
ATOM 186  C CG   . ASN A 1 3  ? 4.689   1.407  2.937  1.00 0.00 ? 3  ASN A CG   2  
ATOM 187  O OD1  . ASN A 1 3  ? 4.863   2.149  3.891  1.00 0.00 ? 3  ASN A OD1  2  
ATOM 188  N ND2  . ASN A 1 3  ? 5.669   0.766  2.307  1.00 0.00 ? 3  ASN A ND2  2  
ATOM 189  H H    . ASN A 1 3  ? 1.230   -0.881 2.273  1.00 0.00 ? 3  ASN A H    2  
ATOM 190  H HA   . ASN A 1 3  ? 2.958   0.237  4.306  1.00 0.00 ? 3  ASN A HA   2  
ATOM 191  H HB3  . ASN A 1 3  ? 2.835   2.078  2.064  1.00 0.00 ? 3  ASN A HB3  2  
ATOM 192  H HD21 . ASN A 1 3  ? 5.460   0.171  1.532  1.00 0.00 ? 3  ASN A HD21 2  
ATOM 193  H HD22 . ASN A 1 3  ? 6.616   0.878  2.610  1.00 0.00 ? 3  ASN A HD22 2  
ATOM 194  N N    . GLY A 1 4  ? 0.431   1.507  2.530  1.00 0.00 ? 4  GLY A N    2  
ATOM 195  C CA   . GLY A 1 4  ? -0.778  2.309  2.596  1.00 0.00 ? 4  GLY A CA   2  
ATOM 196  C C    . GLY A 1 4  ? -0.967  3.124  1.315  1.00 0.00 ? 4  GLY A C    2  
ATOM 197  O O    . GLY A 1 4  ? -2.097  3.380  0.899  1.00 0.00 ? 4  GLY A O    2  
ATOM 198  H H    . GLY A 1 4  ? 0.650   1.146  1.623  1.00 0.00 ? 4  GLY A H    2  
ATOM 199  H HA2  . GLY A 1 4  ? -1.641  1.661  2.749  1.00 0.00 ? 4  GLY A HA2  2  
ATOM 200  H HA3  . GLY A 1 4  ? -0.727  2.979  3.454  1.00 0.00 ? 4  GLY A HA3  2  
ATOM 201  N N    . ASP A 1 5  ? 0.155   3.508  0.725  1.00 0.00 ? 5  ASP A N    2  
ATOM 202  C CA   . ASP A 1 5  ? 0.129   4.288  -0.499 1.00 0.00 ? 5  ASP A CA   2  
ATOM 203  C C    . ASP A 1 5  ? 1.088   3.668  -1.518 1.00 0.00 ? 5  ASP A C    2  
ATOM 204  O O    . ASP A 1 5  ? 0.750   3.533  -2.691 1.00 0.00 ? 5  ASP A O    2  
ATOM 205  C CB   . ASP A 1 5  ? 0.576   5.728  -0.245 1.00 0.00 ? 5  ASP A CB   2  
ATOM 206  C CG   . ASP A 1 5  ? 2.052   5.891  0.128  1.00 0.00 ? 5  ASP A CG   2  
ATOM 207  O OD1  . ASP A 1 5  ? 2.342   5.811  1.340  1.00 0.00 ? 5  ASP A OD1  2  
ATOM 208  O OD2  . ASP A 1 5  ? 2.855   6.091  -0.809 1.00 0.00 ? 5  ASP A OD2  2  
ATOM 209  H H    . ASP A 1 5  ? 1.070   3.295  1.070  1.00 0.00 ? 5  ASP A H    2  
ATOM 210  H HA   . ASP A 1 5  ? -0.909  4.261  -0.834 1.00 0.00 ? 5  ASP A HA   2  
ATOM 211  H HB3  . ASP A 1 5  ? -0.033  6.147  0.556  1.00 0.00 ? 5  ASP A HB3  2  
ATOM 212  N N    . GLY A 1 6  ? 2.265   3.306  -1.028 1.00 0.00 ? 6  GLY A N    2  
ATOM 213  C CA   . GLY A 1 6  ? 3.276   2.703  -1.879 1.00 0.00 ? 6  GLY A CA   2  
ATOM 214  C C    . GLY A 1 6  ? 2.656   1.660  -2.812 1.00 0.00 ? 6  GLY A C    2  
ATOM 215  O O    . GLY A 1 6  ? 2.497   1.905  -4.005 1.00 0.00 ? 6  GLY A O    2  
ATOM 216  H H    . GLY A 1 6  ? 2.532   3.421  -0.071 1.00 0.00 ? 6  GLY A H    2  
ATOM 217  H HA2  . GLY A 1 6  ? 3.769   3.475  -2.469 1.00 0.00 ? 6  GLY A HA2  2  
ATOM 218  H HA3  . GLY A 1 6  ? 4.044   2.235  -1.263 1.00 0.00 ? 6  GLY A HA3  2  
ATOM 219  N N    . GLU A 1 7  ? 2.323   0.517  -2.229 1.00 0.00 ? 7  GLU A N    2  
ATOM 220  C CA   . GLU A 1 7  ? 1.724   -0.565 -2.992 1.00 0.00 ? 7  GLU A CA   2  
ATOM 221  C C    . GLU A 1 7  ? 0.260   -0.249 -3.303 1.00 0.00 ? 7  GLU A C    2  
ATOM 222  O O    . GLU A 1 7  ? -0.614  -0.451 -2.462 1.00 0.00 ? 7  GLU A O    2  
ATOM 223  C CB   . GLU A 1 7  ? 1.853   -1.897 -2.249 1.00 0.00 ? 7  GLU A CB   2  
ATOM 224  C CG   . GLU A 1 7  ? 3.108   -1.919 -1.377 1.00 0.00 ? 7  GLU A CG   2  
ATOM 225  C CD   . GLU A 1 7  ? 4.299   -1.300 -2.111 1.00 0.00 ? 7  GLU A CD   2  
ATOM 226  O OE1  . GLU A 1 7  ? 4.763   -1.940 -3.078 1.00 0.00 ? 7  GLU A OE1  2  
ATOM 227  O OE2  . GLU A 1 7  ? 4.716   -0.199 -1.690 1.00 0.00 ? 7  GLU A OE2  2  
ATOM 228  H H    . GLU A 1 7  ? 2.456   0.325  -1.257 1.00 0.00 ? 7  GLU A H    2  
ATOM 229  H HA   . GLU A 1 7  ? 2.297   -0.616 -3.918 1.00 0.00 ? 7  GLU A HA   2  
ATOM 230  H HB3  . GLU A 1 7  ? 1.890   -2.716 -2.967 1.00 0.00 ? 7  GLU A HB3  2  
ATOM 231  H HG3  . GLU A 1 7  ? 3.343   -2.946 -1.097 1.00 0.00 ? 7  GLU A HG3  2  
ATOM 232  N N    . VAL A 1 8  ? 0.038   0.243  -4.512 1.00 0.00 ? 8  VAL A N    2  
ATOM 233  C CA   . VAL A 1 8  ? -1.305  0.590  -4.945 1.00 0.00 ? 8  VAL A CA   2  
ATOM 234  C C    . VAL A 1 8  ? -2.137  1.001  -3.729 1.00 0.00 ? 8  VAL A C    2  
ATOM 235  O O    . VAL A 1 8  ? -3.308  0.638  -3.620 1.00 0.00 ? 8  VAL A O    2  
ATOM 236  C CB   . VAL A 1 8  ? -1.921  -0.575 -5.725 1.00 0.00 ? 8  VAL A CB   2  
ATOM 237  C CG1  . VAL A 1 8  ? -1.097  -0.894 -6.974 1.00 0.00 ? 8  VAL A CG1  2  
ATOM 238  C CG2  . VAL A 1 8  ? -2.071  -1.810 -4.835 1.00 0.00 ? 8  VAL A CG2  2  
ATOM 239  H H    . VAL A 1 8  ? 0.755   0.404  -5.191 1.00 0.00 ? 8  VAL A H    2  
ATOM 240  H HA   . VAL A 1 8  ? -1.225  1.442  -5.619 1.00 0.00 ? 8  VAL A HA   2  
ATOM 241  H HB   . VAL A 1 8  ? -2.917  -0.271 -6.047 1.00 0.00 ? 8  VAL A HB   2  
ATOM 242  H HG11 . VAL A 1 8  ? -1.669  -0.628 -7.863 1.00 0.00 ? 8  VAL A HG11 2  
ATOM 243  H HG12 . VAL A 1 8  ? -0.169  -0.323 -6.953 1.00 0.00 ? 8  VAL A HG12 2  
ATOM 244  H HG13 . VAL A 1 8  ? -0.869  -1.959 -6.995 1.00 0.00 ? 8  VAL A HG13 2  
ATOM 245  H HG21 . VAL A 1 8  ? -2.890  -1.656 -4.133 1.00 0.00 ? 8  VAL A HG21 2  
ATOM 246  H HG22 . VAL A 1 8  ? -2.284  -2.681 -5.456 1.00 0.00 ? 8  VAL A HG22 2  
ATOM 247  H HG23 . VAL A 1 8  ? -1.146  -1.975 -4.282 1.00 0.00 ? 8  VAL A HG23 2  
ATOM 248  N N    . SER A 1 9  ? -1.501  1.754  -2.843 1.00 0.00 ? 9  SER A N    2  
ATOM 249  C CA   . SER A 1 9  ? -2.167  2.219  -1.639 1.00 0.00 ? 9  SER A CA   2  
ATOM 250  C C    . SER A 1 9  ? -3.137  1.150  -1.131 1.00 0.00 ? 9  SER A C    2  
ATOM 251  O O    . SER A 1 9  ? -2.943  -0.039 -1.382 1.00 0.00 ? 9  SER A O    2  
ATOM 252  C CB   . SER A 1 9  ? -2.910  3.531  -1.892 1.00 0.00 ? 9  SER A CB   2  
ATOM 253  O OG   . SER A 1 9  ? -2.152  4.426  -2.704 1.00 0.00 ? 9  SER A OG   2  
ATOM 254  H H    . SER A 1 9  ? -0.548  2.044  -2.938 1.00 0.00 ? 9  SER A H    2  
ATOM 255  H HA   . SER A 1 9  ? -1.371  2.387  -0.915 1.00 0.00 ? 9  SER A HA   2  
ATOM 256  H HB3  . SER A 1 9  ? -3.136  4.010  -0.939 1.00 0.00 ? 9  SER A HB3  2  
ATOM 257  H HG   . SER A 1 9  ? -2.766  4.993  -3.252 1.00 0.00 ? 9  SER A HG   2  
ATOM 258  N N    . PHE A 1 10 ? -4.161  1.610  -0.429 1.00 0.00 ? 10 PHE A N    2  
ATOM 259  C CA   . PHE A 1 10 ? -5.161  0.709  0.115  1.00 0.00 ? 10 PHE A CA   2  
ATOM 260  C C    . PHE A 1 10 ? -4.517  -0.349 1.014  1.00 0.00 ? 10 PHE A C    2  
ATOM 261  O O    . PHE A 1 10 ? -4.905  -1.516 0.982  1.00 0.00 ? 10 PHE A O    2  
ATOM 262  C CB   . PHE A 1 10 ? -5.830  0.012  -1.072 1.00 0.00 ? 10 PHE A CB   2  
ATOM 263  C CG   . PHE A 1 10 ? -7.331  0.285  -1.188 1.00 0.00 ? 10 PHE A CG   2  
ATOM 264  C CD1  . PHE A 1 10 ? -7.773  1.405  -1.823 1.00 0.00 ? 10 PHE A CD1  2  
ATOM 265  C CD2  . PHE A 1 10 ? -8.224  -0.591 -0.657 1.00 0.00 ? 10 PHE A CD2  2  
ATOM 266  C CE1  . PHE A 1 10 ? -9.166  1.657  -1.931 1.00 0.00 ? 10 PHE A CE1  2  
ATOM 267  C CE2  . PHE A 1 10 ? -9.618  -0.339 -0.763 1.00 0.00 ? 10 PHE A CE2  2  
ATOM 268  C CZ   . PHE A 1 10 ? -10.059 0.781  -1.399 1.00 0.00 ? 10 PHE A CZ   2  
ATOM 269  H H    . PHE A 1 10 ? -4.312  2.579  -0.230 1.00 0.00 ? 10 PHE A H    2  
ATOM 270  H HA   . PHE A 1 10 ? -5.853  1.311  0.705  1.00 0.00 ? 10 PHE A HA   2  
ATOM 271  H HB3  . PHE A 1 10 ? -5.672  -1.062 -0.987 1.00 0.00 ? 10 PHE A HB3  2  
ATOM 272  H HD1  . PHE A 1 10 ? -7.057  2.107  -2.249 1.00 0.00 ? 10 PHE A HD1  2  
ATOM 273  H HD2  . PHE A 1 10 ? -7.871  -1.488 -0.148 1.00 0.00 ? 10 PHE A HD2  2  
ATOM 274  H HE1  . PHE A 1 10 ? -9.518  2.554  -2.440 1.00 0.00 ? 10 PHE A HE1  2  
ATOM 275  H HE2  . PHE A 1 10 ? -10.334 -1.041 -0.338 1.00 0.00 ? 10 PHE A HE2  2  
ATOM 276  H HZ   . PHE A 1 10 ? -11.128 0.975  -1.482 1.00 0.00 ? 10 PHE A HZ   2  
ATOM 277  N N    . GLU A 1 11 ? -3.542  0.097  1.793  1.00 0.00 ? 11 GLU A N    2  
ATOM 278  C CA   . GLU A 1 11 ? -2.840  -0.797 2.698  1.00 0.00 ? 11 GLU A CA   2  
ATOM 279  C C    . GLU A 1 11 ? -2.617  -2.157 2.035  1.00 0.00 ? 11 GLU A C    2  
ATOM 280  O O    . GLU A 1 11 ? -3.024  -3.187 2.572  1.00 0.00 ? 11 GLU A O    2  
ATOM 281  C CB   . GLU A 1 11 ? -3.598  -0.947 4.019  1.00 0.00 ? 11 GLU A CB   2  
ATOM 282  C CG   . GLU A 1 11 ? -3.401  0.282  4.907  1.00 0.00 ? 11 GLU A CG   2  
ATOM 283  C CD   . GLU A 1 11 ? -1.914  0.613  5.064  1.00 0.00 ? 11 GLU A CD   2  
ATOM 284  O OE1  . GLU A 1 11 ? -1.115  -0.347 5.048  1.00 0.00 ? 11 GLU A OE1  2  
ATOM 285  O OE2  . GLU A 1 11 ? -1.613  1.819  5.197  1.00 0.00 ? 11 GLU A OE2  2  
ATOM 286  H H    . GLU A 1 11 ? -3.233  1.047  1.812  1.00 0.00 ? 11 GLU A H    2  
ATOM 287  H HA   . GLU A 1 11 ? -1.879  -0.318 2.889  1.00 0.00 ? 11 GLU A HA   2  
ATOM 288  H HB3  . GLU A 1 11 ? -3.250  -1.837 4.542  1.00 0.00 ? 11 GLU A HB3  2  
ATOM 289  H HG3  . GLU A 1 11 ? -3.843  0.102  5.887  1.00 0.00 ? 11 GLU A HG3  2  
ATOM 290  N N    . GLU A 1 12 ? -1.973  -2.118 0.878  1.00 0.00 ? 12 GLU A N    2  
ATOM 291  C CA   . GLU A 1 12 ? -1.693  -3.335 0.135  1.00 0.00 ? 12 GLU A CA   2  
ATOM 292  C C    . GLU A 1 12 ? -0.399  -3.978 0.639  1.00 0.00 ? 12 GLU A C    2  
ATOM 293  O O    . GLU A 1 12 ? -0.423  -5.070 1.202  1.00 0.00 ? 12 GLU A O    2  
ATOM 294  C CB   . GLU A 1 12 ? -1.620  -3.056 -1.367 1.00 0.00 ? 12 GLU A CB   2  
ATOM 295  C CG   . GLU A 1 12 ? -2.617  -3.924 -2.136 1.00 0.00 ? 12 GLU A CG   2  
ATOM 296  C CD   . GLU A 1 12 ? -2.080  -4.282 -3.522 1.00 0.00 ? 12 GLU A CD   2  
ATOM 297  O OE1  . GLU A 1 12 ? -0.839  -4.266 -3.671 1.00 0.00 ? 12 GLU A OE1  2  
ATOM 298  O OE2  . GLU A 1 12 ? -2.921  -4.564 -4.403 1.00 0.00 ? 12 GLU A OE2  2  
ATOM 299  H H    . GLU A 1 12 ? -1.647  -1.276 0.448  1.00 0.00 ? 12 GLU A H    2  
ATOM 300  H HA   . GLU A 1 12 ? -2.536  -3.997 0.335  1.00 0.00 ? 12 GLU A HA   2  
ATOM 301  H HB3  . GLU A 1 12 ? -0.610  -3.253 -1.728 1.00 0.00 ? 12 GLU A HB3  2  
ATOM 302  H HG3  . GLU A 1 12 ? -3.564  -3.393 -2.235 1.00 0.00 ? 12 GLU A HG3  2  
ATOM 303  N N    . ASP A 1 1  ? 4.152   -5.521 -1.106 1.00 0.00 ? 1  ASP A N    3  
ATOM 304  C CA   . ASP A 1 1  ? 4.327   -5.239 0.308  1.00 0.00 ? 1  ASP A CA   3  
ATOM 305  C C    . ASP A 1 1  ? 3.107   -4.477 0.828  1.00 0.00 ? 1  ASP A C    3  
ATOM 306  O O    . ASP A 1 1  ? 2.114   -4.329 0.117  1.00 0.00 ? 1  ASP A O    3  
ATOM 307  C CB   . ASP A 1 1  ? 5.564   -4.371 0.548  1.00 0.00 ? 1  ASP A CB   3  
ATOM 308  C CG   . ASP A 1 1  ? 5.394   -2.893 0.194  1.00 0.00 ? 1  ASP A CG   3  
ATOM 309  O OD1  . ASP A 1 1  ? 4.504   -2.262 0.804  1.00 0.00 ? 1  ASP A OD1  3  
ATOM 310  O OD2  . ASP A 1 1  ? 6.160   -2.426 -0.676 1.00 0.00 ? 1  ASP A OD2  3  
ATOM 311  H H1   . ASP A 1 1  ? 3.930   -4.726 -1.670 1.00 0.00 ? 1  ASP A H1   3  
ATOM 312  H HA   . ASP A 1 1  ? 4.442   -6.215 0.783  1.00 0.00 ? 1  ASP A HA   3  
ATOM 313  H HB3  . ASP A 1 1  ? 6.391   -4.777 -0.033 1.00 0.00 ? 1  ASP A HB3  3  
ATOM 314  N N    . LYS A 1 2  ? 3.220   -4.014 2.064  1.00 0.00 ? 2  LYS A N    3  
ATOM 315  C CA   . LYS A 1 2  ? 2.138   -3.271 2.686  1.00 0.00 ? 2  LYS A CA   3  
ATOM 316  C C    . LYS A 1 2  ? 2.686   -1.959 3.253  1.00 0.00 ? 2  LYS A C    3  
ATOM 317  O O    . LYS A 1 2  ? 3.704   -1.954 3.943  1.00 0.00 ? 2  LYS A O    3  
ATOM 318  C CB   . LYS A 1 2  ? 1.421   -4.136 3.724  1.00 0.00 ? 2  LYS A CB   3  
ATOM 319  C CG   . LYS A 1 2  ? 0.547   -3.280 4.644  1.00 0.00 ? 2  LYS A CG   3  
ATOM 320  C CD   . LYS A 1 2  ? -0.814  -3.938 4.878  1.00 0.00 ? 2  LYS A CD   3  
ATOM 321  C CE   . LYS A 1 2  ? -0.673  -5.455 5.015  1.00 0.00 ? 2  LYS A CE   3  
ATOM 322  N NZ   . LYS A 1 2  ? -1.638  -5.977 6.007  1.00 0.00 ? 2  LYS A NZ   3  
ATOM 323  H H    . LYS A 1 2  ? 4.031   -4.139 2.635  1.00 0.00 ? 2  LYS A H    3  
ATOM 324  H HA   . LYS A 1 2  ? 1.412   -3.034 1.908  1.00 0.00 ? 2  LYS A HA   3  
ATOM 325  H HB3  . LYS A 1 2  ? 2.154   -4.682 4.318  1.00 0.00 ? 2  LYS A HB3  3  
ATOM 326  H HG3  . LYS A 1 2  ? 0.408   -2.293 4.204  1.00 0.00 ? 2  LYS A HG3  3  
ATOM 327  H HD3  . LYS A 1 2  ? -1.481  -3.704 4.047  1.00 0.00 ? 2  LYS A HD3  3  
ATOM 328  H HE3  . LYS A 1 2  ? 0.344   -5.706 5.317  1.00 0.00 ? 2  LYS A HE3  3  
ATOM 329  H HZ1  . LYS A 1 2  ? -1.297  -6.839 6.383  1.00 0.00 ? 2  LYS A HZ1  3  
ATOM 330  H HZ2  . LYS A 1 2  ? -1.747  -5.312 6.746  1.00 0.00 ? 2  LYS A HZ2  3  
ATOM 331  H HZ3  . LYS A 1 2  ? -2.521  -6.133 5.566  1.00 0.00 ? 2  LYS A HZ3  3  
ATOM 332  N N    . ASN A 1 3  ? 1.986   -0.879 2.940  1.00 0.00 ? 3  ASN A N    3  
ATOM 333  C CA   . ASN A 1 3  ? 2.390   0.436  3.408  1.00 0.00 ? 3  ASN A CA   3  
ATOM 334  C C    . ASN A 1 3  ? 1.144   1.299  3.626  1.00 0.00 ? 3  ASN A C    3  
ATOM 335  O O    . ASN A 1 3  ? 0.879   1.739  4.744  1.00 0.00 ? 3  ASN A O    3  
ATOM 336  C CB   . ASN A 1 3  ? 3.278   1.139  2.379  1.00 0.00 ? 3  ASN A CB   3  
ATOM 337  C CG   . ASN A 1 3  ? 4.672   1.405  2.951  1.00 0.00 ? 3  ASN A CG   3  
ATOM 338  O OD1  . ASN A 1 3  ? 5.023   0.964  4.033  1.00 0.00 ? 3  ASN A OD1  3  
ATOM 339  N ND2  . ASN A 1 3  ? 5.447   2.149  2.166  1.00 0.00 ? 3  ASN A ND2  3  
ATOM 340  H H    . ASN A 1 3  ? 1.159   -0.891 2.378  1.00 0.00 ? 3  ASN A H    3  
ATOM 341  H HA   . ASN A 1 3  ? 2.938   0.256  4.333  1.00 0.00 ? 3  ASN A HA   3  
ATOM 342  H HB3  . ASN A 1 3  ? 2.818   2.081  2.081  1.00 0.00 ? 3  ASN A HB3  3  
ATOM 343  H HD21 . ASN A 1 3  ? 5.097   2.479  1.289  1.00 0.00 ? 3  ASN A HD21 3  
ATOM 344  H HD22 . ASN A 1 3  ? 6.377   2.377  2.451  1.00 0.00 ? 3  ASN A HD22 3  
ATOM 345  N N    . GLY A 1 4  ? 0.417   1.516  2.541  1.00 0.00 ? 4  GLY A N    3  
ATOM 346  C CA   . GLY A 1 4  ? -0.794  2.320  2.599  1.00 0.00 ? 4  GLY A CA   3  
ATOM 347  C C    . GLY A 1 4  ? -0.975  3.130  1.315  1.00 0.00 ? 4  GLY A C    3  
ATOM 348  O O    . GLY A 1 4  ? -2.101  3.390  0.894  1.00 0.00 ? 4  GLY A O    3  
ATOM 349  H H    . GLY A 1 4  ? 0.642   1.155  1.635  1.00 0.00 ? 4  GLY A H    3  
ATOM 350  H HA2  . GLY A 1 4  ? -1.656  1.671  2.750  1.00 0.00 ? 4  GLY A HA2  3  
ATOM 351  H HA3  . GLY A 1 4  ? -0.747  2.992  3.455  1.00 0.00 ? 4  GLY A HA3  3  
ATOM 352  N N    . ASP A 1 5  ? 0.151   3.508  0.727  1.00 0.00 ? 5  ASP A N    3  
ATOM 353  C CA   . ASP A 1 5  ? 0.130   4.285  -0.502 1.00 0.00 ? 5  ASP A CA   3  
ATOM 354  C C    . ASP A 1 5  ? 1.090   3.657  -1.513 1.00 0.00 ? 5  ASP A C    3  
ATOM 355  O O    . ASP A 1 5  ? 0.755   3.517  -2.689 1.00 0.00 ? 5  ASP A O    3  
ATOM 356  C CB   . ASP A 1 5  ? 0.583   5.724  -0.251 1.00 0.00 ? 5  ASP A CB   3  
ATOM 357  C CG   . ASP A 1 5  ? 2.057   5.882  0.128  1.00 0.00 ? 5  ASP A CG   3  
ATOM 358  O OD1  . ASP A 1 5  ? 2.451   5.266  1.141  1.00 0.00 ? 5  ASP A OD1  3  
ATOM 359  O OD2  . ASP A 1 5  ? 2.755   6.616  -0.604 1.00 0.00 ? 5  ASP A OD2  3  
ATOM 360  H H    . ASP A 1 5  ? 1.063   3.293  1.076  1.00 0.00 ? 5  ASP A H    3  
ATOM 361  H HA   . ASP A 1 5  ? -0.907  4.260  -0.838 1.00 0.00 ? 5  ASP A HA   3  
ATOM 362  H HB3  . ASP A 1 5  ? -0.029  6.148  0.546  1.00 0.00 ? 5  ASP A HB3  3  
ATOM 363  N N    . GLY A 1 6  ? 2.264   3.296  -1.020 1.00 0.00 ? 6  GLY A N    3  
ATOM 364  C CA   . GLY A 1 6  ? 3.277   2.685  -1.867 1.00 0.00 ? 6  GLY A CA   3  
ATOM 365  C C    . GLY A 1 6  ? 2.654   1.644  -2.801 1.00 0.00 ? 6  GLY A C    3  
ATOM 366  O O    . GLY A 1 6  ? 2.494   1.893  -3.995 1.00 0.00 ? 6  GLY A O    3  
ATOM 367  H H    . GLY A 1 6  ? 2.530   3.412  -0.063 1.00 0.00 ? 6  GLY A H    3  
ATOM 368  H HA2  . GLY A 1 6  ? 3.775   3.454  -2.455 1.00 0.00 ? 6  GLY A HA2  3  
ATOM 369  H HA3  . GLY A 1 6  ? 4.039   2.213  -1.247 1.00 0.00 ? 6  GLY A HA3  3  
ATOM 370  N N    . GLU A 1 7  ? 2.322   0.501  -2.221 1.00 0.00 ? 7  GLU A N    3  
ATOM 371  C CA   . GLU A 1 7  ? 1.721   -0.579 -2.987 1.00 0.00 ? 7  GLU A CA   3  
ATOM 372  C C    . GLU A 1 7  ? 0.260   -0.257 -3.303 1.00 0.00 ? 7  GLU A C    3  
ATOM 373  O O    . GLU A 1 7  ? -0.620  -0.462 -2.467 1.00 0.00 ? 7  GLU A O    3  
ATOM 374  C CB   . GLU A 1 7  ? 1.841   -1.910 -2.243 1.00 0.00 ? 7  GLU A CB   3  
ATOM 375  C CG   . GLU A 1 7  ? 3.099   -1.943 -1.373 1.00 0.00 ? 7  GLU A CG   3  
ATOM 376  C CD   . GLU A 1 7  ? 4.291   -1.328 -2.111 1.00 0.00 ? 7  GLU A CD   3  
ATOM 377  O OE1  . GLU A 1 7  ? 4.578   -1.813 -3.227 1.00 0.00 ? 7  GLU A OE1  3  
ATOM 378  O OE2  . GLU A 1 7  ? 4.886   -0.388 -1.542 1.00 0.00 ? 7  GLU A OE2  3  
ATOM 379  H H    . GLU A 1 7  ? 2.456   0.306  -1.251 1.00 0.00 ? 7  GLU A H    3  
ATOM 380  H HA   . GLU A 1 7  ? 2.296   -0.634 -3.911 1.00 0.00 ? 7  GLU A HA   3  
ATOM 381  H HB3  . GLU A 1 7  ? 1.869   -2.731 -2.961 1.00 0.00 ? 7  GLU A HB3  3  
ATOM 382  H HG3  . GLU A 1 7  ? 3.329   -2.971 -1.098 1.00 0.00 ? 7  GLU A HG3  3  
ATOM 383  N N    . VAL A 1 8  ? 0.045   0.242  -4.511 1.00 0.00 ? 8  VAL A N    3  
ATOM 384  C CA   . VAL A 1 8  ? -1.295  0.595  -4.947 1.00 0.00 ? 8  VAL A CA   3  
ATOM 385  C C    . VAL A 1 8  ? -2.130  1.006  -3.734 1.00 0.00 ? 8  VAL A C    3  
ATOM 386  O O    . VAL A 1 8  ? -3.303  0.643  -3.629 1.00 0.00 ? 8  VAL A O    3  
ATOM 387  C CB   . VAL A 1 8  ? -1.913  -0.564 -5.733 1.00 0.00 ? 8  VAL A CB   3  
ATOM 388  C CG1  . VAL A 1 8  ? -2.125  -1.783 -4.834 1.00 0.00 ? 8  VAL A CG1  3  
ATOM 389  C CG2  . VAL A 1 8  ? -3.222  -0.139 -6.400 1.00 0.00 ? 8  VAL A CG2  3  
ATOM 390  H H    . VAL A 1 8  ? 0.765   0.406  -5.185 1.00 0.00 ? 8  VAL A H    3  
ATOM 391  H HA   . VAL A 1 8  ? -1.209  1.450  -5.618 1.00 0.00 ? 8  VAL A HA   3  
ATOM 392  H HB   . VAL A 1 8  ? -1.212  -0.846 -6.519 1.00 0.00 ? 8  VAL A HB   3  
ATOM 393  H HG11 . VAL A 1 8  ? -1.313  -2.493 -4.986 1.00 0.00 ? 8  VAL A HG11 3  
ATOM 394  H HG12 . VAL A 1 8  ? -2.141  -1.468 -3.791 1.00 0.00 ? 8  VAL A HG12 3  
ATOM 395  H HG13 . VAL A 1 8  ? -3.073  -2.258 -5.083 1.00 0.00 ? 8  VAL A HG13 3  
ATOM 396  H HG21 . VAL A 1 8  ? -3.041  0.070  -7.454 1.00 0.00 ? 8  VAL A HG21 3  
ATOM 397  H HG22 . VAL A 1 8  ? -3.954  -0.942 -6.308 1.00 0.00 ? 8  VAL A HG22 3  
ATOM 398  H HG23 . VAL A 1 8  ? -3.604  0.758  -5.912 1.00 0.00 ? 8  VAL A HG23 3  
ATOM 399  N N    . SER A 1 9  ? -1.496  1.758  -2.845 1.00 0.00 ? 9  SER A N    3  
ATOM 400  C CA   . SER A 1 9  ? -2.168  2.222  -1.642 1.00 0.00 ? 9  SER A CA   3  
ATOM 401  C C    . SER A 1 9  ? -3.138  1.151  -1.139 1.00 0.00 ? 9  SER A C    3  
ATOM 402  O O    . SER A 1 9  ? -2.944  -0.037 -1.391 1.00 0.00 ? 9  SER A O    3  
ATOM 403  C CB   . SER A 1 9  ? -2.909  3.534  -1.897 1.00 0.00 ? 9  SER A CB   3  
ATOM 404  O OG   . SER A 1 9  ? -2.150  4.428  -2.706 1.00 0.00 ? 9  SER A OG   3  
ATOM 405  H H    . SER A 1 9  ? -0.544  2.047  -2.937 1.00 0.00 ? 9  SER A H    3  
ATOM 406  H HA   . SER A 1 9  ? -1.372  2.389  -0.916 1.00 0.00 ? 9  SER A HA   3  
ATOM 407  H HB3  . SER A 1 9  ? -3.137  4.013  -0.944 1.00 0.00 ? 9  SER A HB3  3  
ATOM 408  H HG   . SER A 1 9  ? -2.573  4.517  -3.608 1.00 0.00 ? 9  SER A HG   3  
ATOM 409  N N    . PHE A 1 10 ? -4.163  1.612  -0.436 1.00 0.00 ? 10 PHE A N    3  
ATOM 410  C CA   . PHE A 1 10 ? -5.165  0.709  0.105  1.00 0.00 ? 10 PHE A CA   3  
ATOM 411  C C    . PHE A 1 10 ? -4.522  -0.346 1.008  1.00 0.00 ? 10 PHE A C    3  
ATOM 412  O O    . PHE A 1 10 ? -4.907  -1.514 0.975  1.00 0.00 ? 10 PHE A O    3  
ATOM 413  C CB   . PHE A 1 10 ? -5.827  0.011  -1.084 1.00 0.00 ? 10 PHE A CB   3  
ATOM 414  C CG   . PHE A 1 10 ? -7.328  0.278  -1.206 1.00 0.00 ? 10 PHE A CG   3  
ATOM 415  C CD1  . PHE A 1 10 ? -8.217  -0.538 -0.580 1.00 0.00 ? 10 PHE A CD1  3  
ATOM 416  C CD2  . PHE A 1 10 ? -7.775  1.332  -1.941 1.00 0.00 ? 10 PHE A CD2  3  
ATOM 417  C CE1  . PHE A 1 10 ? -9.611  -0.290 -0.693 1.00 0.00 ? 10 PHE A CE1  3  
ATOM 418  C CE2  . PHE A 1 10 ? -9.168  1.580  -2.054 1.00 0.00 ? 10 PHE A CE2  3  
ATOM 419  C CZ   . PHE A 1 10 ? -10.056 0.764  -1.427 1.00 0.00 ? 10 PHE A CZ   3  
ATOM 420  H H    . PHE A 1 10 ? -4.313  2.580  -0.235 1.00 0.00 ? 10 PHE A H    3  
ATOM 421  H HA   . PHE A 1 10 ? -5.861  1.311  0.691  1.00 0.00 ? 10 PHE A HA   3  
ATOM 422  H HB3  . PHE A 1 10 ? -5.665  -1.064 -0.998 1.00 0.00 ? 10 PHE A HB3  3  
ATOM 423  H HD1  . PHE A 1 10 ? -7.860  -1.383 0.009  1.00 0.00 ? 10 PHE A HD1  3  
ATOM 424  H HD2  . PHE A 1 10 ? -7.061  1.986  -2.444 1.00 0.00 ? 10 PHE A HD2  3  
ATOM 425  H HE1  . PHE A 1 10 ? -10.324 -0.944 -0.190 1.00 0.00 ? 10 PHE A HE1  3  
ATOM 426  H HE2  . PHE A 1 10 ? -9.524  2.425  -2.643 1.00 0.00 ? 10 PHE A HE2  3  
ATOM 427  H HZ   . PHE A 1 10 ? -11.126 0.954  -1.514 1.00 0.00 ? 10 PHE A HZ   3  
ATOM 428  N N    . GLU A 1 11 ? -3.554  0.104  1.794  1.00 0.00 ? 11 GLU A N    3  
ATOM 429  C CA   . GLU A 1 11 ? -2.855  -0.788 2.704  1.00 0.00 ? 11 GLU A CA   3  
ATOM 430  C C    . GLU A 1 11 ? -2.628  -2.149 2.043  1.00 0.00 ? 11 GLU A C    3  
ATOM 431  O O    . GLU A 1 11 ? -3.036  -3.178 2.580  1.00 0.00 ? 11 GLU A O    3  
ATOM 432  C CB   . GLU A 1 11 ? -3.620  -0.936 4.020  1.00 0.00 ? 11 GLU A CB   3  
ATOM 433  C CG   . GLU A 1 11 ? -3.441  0.303  4.902  1.00 0.00 ? 11 GLU A CG   3  
ATOM 434  C CD   . GLU A 1 11 ? -1.959  0.645  5.070  1.00 0.00 ? 11 GLU A CD   3  
ATOM 435  O OE1  . GLU A 1 11 ? -1.152  -0.309 5.075  1.00 0.00 ? 11 GLU A OE1  3  
ATOM 436  O OE2  . GLU A 1 11 ? -1.666  1.855  5.190  1.00 0.00 ? 11 GLU A OE2  3  
ATOM 437  H H    . GLU A 1 11 ? -3.248  1.055  1.814  1.00 0.00 ? 11 GLU A H    3  
ATOM 438  H HA   . GLU A 1 11 ? -1.897  -0.308 2.899  1.00 0.00 ? 11 GLU A HA   3  
ATOM 439  H HB3  . GLU A 1 11 ? -3.266  -1.820 4.552  1.00 0.00 ? 11 GLU A HB3  3  
ATOM 440  H HG3  . GLU A 1 11 ? -3.891  0.127  5.878  1.00 0.00 ? 11 GLU A HG3  3  
ATOM 441  N N    . GLU A 1 12 ? -1.981  -2.112 0.889  1.00 0.00 ? 12 GLU A N    3  
ATOM 442  C CA   . GLU A 1 12 ? -1.695  -3.330 0.151  1.00 0.00 ? 12 GLU A CA   3  
ATOM 443  C C    . GLU A 1 12 ? -0.392  -3.959 0.648  1.00 0.00 ? 12 GLU A C    3  
ATOM 444  O O    . GLU A 1 12 ? -0.405  -5.044 1.229  1.00 0.00 ? 12 GLU A O    3  
ATOM 445  C CB   . GLU A 1 12 ? -1.633  -3.058 -1.353 1.00 0.00 ? 12 GLU A CB   3  
ATOM 446  C CG   . GLU A 1 12 ? -2.617  -3.949 -2.114 1.00 0.00 ? 12 GLU A CG   3  
ATOM 447  C CD   . GLU A 1 12 ? -3.711  -3.114 -2.782 1.00 0.00 ? 12 GLU A CD   3  
ATOM 448  O OE1  . GLU A 1 12 ? -3.981  -2.010 -2.260 1.00 0.00 ? 12 GLU A OE1  3  
ATOM 449  O OE2  . GLU A 1 12 ? -4.252  -3.598 -3.799 1.00 0.00 ? 12 GLU A OE2  3  
ATOM 450  H H    . GLU A 1 12 ? -1.652  -1.270 0.459  1.00 0.00 ? 12 GLU A H    3  
ATOM 451  H HA   . GLU A 1 12 ? -2.532  -3.997 0.359  1.00 0.00 ? 12 GLU A HA   3  
ATOM 452  H HB3  . GLU A 1 12 ? -0.620  -3.235 -1.717 1.00 0.00 ? 12 GLU A HB3  3  
ATOM 453  H HG3  . GLU A 1 12 ? -3.070  -4.664 -1.426 1.00 0.00 ? 12 GLU A HG3  3  
ATOM 454  N N    . ASP A 1 1  ? 4.153   -5.516 -1.089 1.00 0.00 ? 1  ASP A N    4  
ATOM 455  C CA   . ASP A 1 1  ? 4.330   -5.231 0.324  1.00 0.00 ? 1  ASP A CA   4  
ATOM 456  C C    . ASP A 1 1  ? 3.107   -4.470 0.841  1.00 0.00 ? 1  ASP A C    4  
ATOM 457  O O    . ASP A 1 1  ? 2.121   -4.311 0.125  1.00 0.00 ? 1  ASP A O    4  
ATOM 458  C CB   . ASP A 1 1  ? 5.564   -4.359 0.561  1.00 0.00 ? 1  ASP A CB   4  
ATOM 459  C CG   . ASP A 1 1  ? 5.395   -2.884 0.188  1.00 0.00 ? 1  ASP A CG   4  
ATOM 460  O OD1  . ASP A 1 1  ? 4.508   -2.244 0.792  1.00 0.00 ? 1  ASP A OD1  4  
ATOM 461  O OD2  . ASP A 1 1  ? 6.157   -2.432 -0.693 1.00 0.00 ? 1  ASP A OD2  4  
ATOM 462  H H1   . ASP A 1 1  ? 3.917   -4.727 -1.654 1.00 0.00 ? 1  ASP A H1   4  
ATOM 463  H HA   . ASP A 1 1  ? 4.447   -6.203 0.801  1.00 0.00 ? 1  ASP A HA   4  
ATOM 464  H HB3  . ASP A 1 1  ? 6.396   -4.770 -0.012 1.00 0.00 ? 1  ASP A HB3  4  
ATOM 465  N N    . LYS A 1 2  ? 3.212   -4.019 2.084  1.00 0.00 ? 2  LYS A N    4  
ATOM 466  C CA   . LYS A 1 2  ? 2.129   -3.279 2.706  1.00 0.00 ? 2  LYS A CA   4  
ATOM 467  C C    . LYS A 1 2  ? 2.673   -1.968 3.276  1.00 0.00 ? 2  LYS A C    4  
ATOM 468  O O    . LYS A 1 2  ? 3.665   -1.969 4.004  1.00 0.00 ? 2  LYS A O    4  
ATOM 469  C CB   . LYS A 1 2  ? 1.409   -4.148 3.739  1.00 0.00 ? 2  LYS A CB   4  
ATOM 470  C CG   . LYS A 1 2  ? 0.548   -3.293 4.671  1.00 0.00 ? 2  LYS A CG   4  
ATOM 471  C CD   . LYS A 1 2  ? -0.820  -3.940 4.898  1.00 0.00 ? 2  LYS A CD   4  
ATOM 472  C CE   . LYS A 1 2  ? -0.695  -5.459 5.019  1.00 0.00 ? 2  LYS A CE   4  
ATOM 473  N NZ   . LYS A 1 2  ? -1.557  -5.964 6.113  1.00 0.00 ? 2  LYS A NZ   4  
ATOM 474  H H    . LYS A 1 2  ? 4.017   -4.152 2.660  1.00 0.00 ? 2  LYS A H    4  
ATOM 475  H HA   . LYS A 1 2  ? 1.405   -3.042 1.925  1.00 0.00 ? 2  LYS A HA   4  
ATOM 476  H HB3  . LYS A 1 2  ? 2.141   -4.705 4.324  1.00 0.00 ? 2  LYS A HB3  4  
ATOM 477  H HG3  . LYS A 1 2  ? 0.418   -2.300 4.242  1.00 0.00 ? 2  LYS A HG3  4  
ATOM 478  H HD3  . LYS A 1 2  ? -1.487  -3.690 4.072  1.00 0.00 ? 2  LYS A HD3  4  
ATOM 479  H HE3  . LYS A 1 2  ? 0.343   -5.731 5.211  1.00 0.00 ? 2  LYS A HE3  4  
ATOM 480  H HZ1  . LYS A 1 2  ? -2.515  -5.926 5.828  1.00 0.00 ? 2  LYS A HZ1  4  
ATOM 481  H HZ2  . LYS A 1 2  ? -1.309  -6.912 6.322  1.00 0.00 ? 2  LYS A HZ2  4  
ATOM 482  H HZ3  . LYS A 1 2  ? -1.428  -5.399 6.926  1.00 0.00 ? 2  LYS A HZ3  4  
ATOM 483  N N    . ASN A 1 3  ? 2.000   -0.882 2.924  1.00 0.00 ? 3  ASN A N    4  
ATOM 484  C CA   . ASN A 1 3  ? 2.405   0.432  3.392  1.00 0.00 ? 3  ASN A CA   4  
ATOM 485  C C    . ASN A 1 3  ? 1.160   1.295  3.614  1.00 0.00 ? 3  ASN A C    4  
ATOM 486  O O    . ASN A 1 3  ? 0.900   1.738  4.733  1.00 0.00 ? 3  ASN A O    4  
ATOM 487  C CB   . ASN A 1 3  ? 3.289   1.136  2.362  1.00 0.00 ? 3  ASN A CB   4  
ATOM 488  C CG   . ASN A 1 3  ? 4.685   1.407  2.930  1.00 0.00 ? 3  ASN A CG   4  
ATOM 489  O OD1  . ASN A 1 3  ? 5.243   0.618  3.672  1.00 0.00 ? 3  ASN A OD1  4  
ATOM 490  N ND2  . ASN A 1 3  ? 5.210   2.566  2.541  1.00 0.00 ? 3  ASN A ND2  4  
ATOM 491  H H    . ASN A 1 3  ? 1.194   -0.890 2.332  1.00 0.00 ? 3  ASN A H    4  
ATOM 492  H HA   . ASN A 1 3  ? 2.957   0.251  4.315  1.00 0.00 ? 3  ASN A HA   4  
ATOM 493  H HB3  . ASN A 1 3  ? 2.826   2.076  2.062  1.00 0.00 ? 3  ASN A HB3  4  
ATOM 494  H HD21 . ASN A 1 3  ? 4.697   3.168  1.930  1.00 0.00 ? 3  ASN A HD21 4  
ATOM 495  H HD22 . ASN A 1 3  ? 6.119   2.833  2.859  1.00 0.00 ? 3  ASN A HD22 4  
ATOM 496  N N    . GLY A 1 4  ? 0.425   1.506  2.534  1.00 0.00 ? 4  GLY A N    4  
ATOM 497  C CA   . GLY A 1 4  ? -0.787  2.307  2.597  1.00 0.00 ? 4  GLY A CA   4  
ATOM 498  C C    . GLY A 1 4  ? -0.971  3.123  1.316  1.00 0.00 ? 4  GLY A C    4  
ATOM 499  O O    . GLY A 1 4  ? -2.099  3.386  0.899  1.00 0.00 ? 4  GLY A O    4  
ATOM 500  H H    . GLY A 1 4  ? 0.643   1.142  1.628  1.00 0.00 ? 4  GLY A H    4  
ATOM 501  H HA2  . GLY A 1 4  ? -1.649  1.657  2.746  1.00 0.00 ? 4  GLY A HA2  4  
ATOM 502  H HA3  . GLY A 1 4  ? -0.739  2.976  3.455  1.00 0.00 ? 4  GLY A HA3  4  
ATOM 503  N N    . ASP A 1 5  ? 0.154   3.503  0.727  1.00 0.00 ? 5  ASP A N    4  
ATOM 504  C CA   . ASP A 1 5  ? 0.131   4.284  -0.499 1.00 0.00 ? 5  ASP A CA   4  
ATOM 505  C C    . ASP A 1 5  ? 1.089   3.660  -1.515 1.00 0.00 ? 5  ASP A C    4  
ATOM 506  O O    . ASP A 1 5  ? 0.752   3.524  -2.689 1.00 0.00 ? 5  ASP A O    4  
ATOM 507  C CB   . ASP A 1 5  ? 0.583   5.723  -0.242 1.00 0.00 ? 5  ASP A CB   4  
ATOM 508  C CG   . ASP A 1 5  ? 2.058   5.879  0.133  1.00 0.00 ? 5  ASP A CG   4  
ATOM 509  O OD1  . ASP A 1 5  ? 2.385   5.557  1.296  1.00 0.00 ? 5  ASP A OD1  4  
ATOM 510  O OD2  . ASP A 1 5  ? 2.825   6.320  -0.750 1.00 0.00 ? 5  ASP A OD2  4  
ATOM 511  H H    . ASP A 1 5  ? 1.067   3.285  1.072  1.00 0.00 ? 5  ASP A H    4  
ATOM 512  H HA   . ASP A 1 5  ? -0.907  4.259  -0.834 1.00 0.00 ? 5  ASP A HA   4  
ATOM 513  H HB3  . ASP A 1 5  ? -0.027  6.143  0.557  1.00 0.00 ? 5  ASP A HB3  4  
ATOM 514  N N    . GLY A 1 6  ? 2.266   3.297  -1.026 1.00 0.00 ? 6  GLY A N    4  
ATOM 515  C CA   . GLY A 1 6  ? 3.275   2.692  -1.876 1.00 0.00 ? 6  GLY A CA   4  
ATOM 516  C C    . GLY A 1 6  ? 2.653   1.651  -2.809 1.00 0.00 ? 6  GLY A C    4  
ATOM 517  O O    . GLY A 1 6  ? 2.492   1.900  -4.002 1.00 0.00 ? 6  GLY A O    4  
ATOM 518  H H    . GLY A 1 6  ? 2.532   3.411  -0.068 1.00 0.00 ? 6  GLY A H    4  
ATOM 519  H HA2  . GLY A 1 6  ? 3.770   3.463  -2.464 1.00 0.00 ? 6  GLY A HA2  4  
ATOM 520  H HA3  . GLY A 1 6  ? 4.041   2.220  -1.259 1.00 0.00 ? 6  GLY A HA3  4  
ATOM 521  N N    . GLU A 1 7  ? 2.320   0.507  -2.230 1.00 0.00 ? 7  GLU A N    4  
ATOM 522  C CA   . GLU A 1 7  ? 1.720   -0.573 -2.995 1.00 0.00 ? 7  GLU A CA   4  
ATOM 523  C C    . GLU A 1 7  ? 0.257   -0.250 -3.309 1.00 0.00 ? 7  GLU A C    4  
ATOM 524  O O    . GLU A 1 7  ? -0.622  -0.457 -2.474 1.00 0.00 ? 7  GLU A O    4  
ATOM 525  C CB   . GLU A 1 7  ? 1.840   -1.906 -2.252 1.00 0.00 ? 7  GLU A CB   4  
ATOM 526  C CG   . GLU A 1 7  ? 3.096   -1.934 -1.380 1.00 0.00 ? 7  GLU A CG   4  
ATOM 527  C CD   . GLU A 1 7  ? 4.288   -1.317 -2.113 1.00 0.00 ? 7  GLU A CD   4  
ATOM 528  O OE1  . GLU A 1 7  ? 4.623   -1.843 -3.196 1.00 0.00 ? 7  GLU A OE1  4  
ATOM 529  O OE2  . GLU A 1 7  ? 4.838   -0.330 -1.575 1.00 0.00 ? 7  GLU A OE2  4  
ATOM 530  H H    . GLU A 1 7  ? 2.455   0.311  -1.259 1.00 0.00 ? 7  GLU A H    4  
ATOM 531  H HA   . GLU A 1 7  ? 2.294   -0.627 -3.920 1.00 0.00 ? 7  GLU A HA   4  
ATOM 532  H HB3  . GLU A 1 7  ? 1.872   -2.725 -2.971 1.00 0.00 ? 7  GLU A HB3  4  
ATOM 533  H HG3  . GLU A 1 7  ? 3.327   -2.964 -1.105 1.00 0.00 ? 7  GLU A HG3  4  
ATOM 534  N N    . VAL A 1 8  ? 0.041   0.252  -4.517 1.00 0.00 ? 8  VAL A N    4  
ATOM 535  C CA   . VAL A 1 8  ? -1.300  0.605  -4.951 1.00 0.00 ? 8  VAL A CA   4  
ATOM 536  C C    . VAL A 1 8  ? -2.134  1.014  -3.735 1.00 0.00 ? 8  VAL A C    4  
ATOM 537  O O    . VAL A 1 8  ? -3.305  0.654  -3.633 1.00 0.00 ? 8  VAL A O    4  
ATOM 538  C CB   . VAL A 1 8  ? -1.916  -0.553 -5.738 1.00 0.00 ? 8  VAL A CB   4  
ATOM 539  C CG1  . VAL A 1 8  ? -2.131  -1.772 -4.841 1.00 0.00 ? 8  VAL A CG1  4  
ATOM 540  C CG2  . VAL A 1 8  ? -3.225  -0.126 -6.406 1.00 0.00 ? 8  VAL A CG2  4  
ATOM 541  H H    . VAL A 1 8  ? 0.761   0.418  -5.191 1.00 0.00 ? 8  VAL A H    4  
ATOM 542  H HA   . VAL A 1 8  ? -1.214  1.460  -5.621 1.00 0.00 ? 8  VAL A HA   4  
ATOM 543  H HB   . VAL A 1 8  ? -1.215  -0.834 -6.525 1.00 0.00 ? 8  VAL A HB   4  
ATOM 544  H HG11 . VAL A 1 8  ? -1.309  -2.474 -4.978 1.00 0.00 ? 8  VAL A HG11 4  
ATOM 545  H HG12 . VAL A 1 8  ? -2.167  -1.455 -3.798 1.00 0.00 ? 8  VAL A HG12 4  
ATOM 546  H HG13 . VAL A 1 8  ? -3.071  -2.257 -5.104 1.00 0.00 ? 8  VAL A HG13 4  
ATOM 547  H HG21 . VAL A 1 8  ? -3.146  -0.266 -7.484 1.00 0.00 ? 8  VAL A HG21 4  
ATOM 548  H HG22 . VAL A 1 8  ? -4.044  -0.732 -6.020 1.00 0.00 ? 8  VAL A HG22 4  
ATOM 549  H HG23 . VAL A 1 8  ? -3.417  0.926  -6.190 1.00 0.00 ? 8  VAL A HG23 4  
ATOM 550  N N    . SER A 1 9  ? -1.498  1.760  -2.845 1.00 0.00 ? 9  SER A N    4  
ATOM 551  C CA   . SER A 1 9  ? -2.167  2.222  -1.641 1.00 0.00 ? 9  SER A CA   4  
ATOM 552  C C    . SER A 1 9  ? -3.141  1.152  -1.140 1.00 0.00 ? 9  SER A C    4  
ATOM 553  O O    . SER A 1 9  ? -2.950  -0.035 -1.398 1.00 0.00 ? 9  SER A O    4  
ATOM 554  C CB   . SER A 1 9  ? -2.908  3.536  -1.891 1.00 0.00 ? 9  SER A CB   4  
ATOM 555  O OG   . SER A 1 9  ? -2.147  4.433  -2.695 1.00 0.00 ? 9  SER A OG   4  
ATOM 556  H H    . SER A 1 9  ? -0.546  2.050  -2.935 1.00 0.00 ? 9  SER A H    4  
ATOM 557  H HA   . SER A 1 9  ? -1.372  2.386  -0.913 1.00 0.00 ? 9  SER A HA   4  
ATOM 558  H HB3  . SER A 1 9  ? -3.137  4.011  -0.936 1.00 0.00 ? 9  SER A HB3  4  
ATOM 559  H HG   . SER A 1 9  ? -2.125  4.111  -3.641 1.00 0.00 ? 9  SER A HG   4  
ATOM 560  N N    . PHE A 1 10 ? -4.162  1.611  -0.433 1.00 0.00 ? 10 PHE A N    4  
ATOM 561  C CA   . PHE A 1 10 ? -5.166  0.709  0.106  1.00 0.00 ? 10 PHE A CA   4  
ATOM 562  C C    . PHE A 1 10 ? -4.524  -0.350 1.005  1.00 0.00 ? 10 PHE A C    4  
ATOM 563  O O    . PHE A 1 10 ? -4.906  -1.518 0.966  1.00 0.00 ? 10 PHE A O    4  
ATOM 564  C CB   . PHE A 1 10 ? -5.828  0.014  -1.086 1.00 0.00 ? 10 PHE A CB   4  
ATOM 565  C CG   . PHE A 1 10 ? -7.330  0.281  -1.205 1.00 0.00 ? 10 PHE A CG   4  
ATOM 566  C CD1  . PHE A 1 10 ? -7.774  1.398  -1.842 1.00 0.00 ? 10 PHE A CD1  4  
ATOM 567  C CD2  . PHE A 1 10 ? -8.221  -0.599 -0.672 1.00 0.00 ? 10 PHE A CD2  4  
ATOM 568  C CE1  . PHE A 1 10 ? -9.168  1.643  -1.952 1.00 0.00 ? 10 PHE A CE1  4  
ATOM 569  C CE2  . PHE A 1 10 ? -9.615  -0.352 -0.782 1.00 0.00 ? 10 PHE A CE2  4  
ATOM 570  C CZ   . PHE A 1 10 ? -10.059 0.764  -1.420 1.00 0.00 ? 10 PHE A CZ   4  
ATOM 571  H H    . PHE A 1 10 ? -4.309  2.579  -0.227 1.00 0.00 ? 10 PHE A H    4  
ATOM 572  H HA   . PHE A 1 10 ? -5.860  1.310  0.693  1.00 0.00 ? 10 PHE A HA   4  
ATOM 573  H HB3  . PHE A 1 10 ? -5.666  -1.061 -1.002 1.00 0.00 ? 10 PHE A HB3  4  
ATOM 574  H HD1  . PHE A 1 10 ? -7.060  2.101  -2.268 1.00 0.00 ? 10 PHE A HD1  4  
ATOM 575  H HD2  . PHE A 1 10 ? -7.864  -1.493 -0.161 1.00 0.00 ? 10 PHE A HD2  4  
ATOM 576  H HE1  . PHE A 1 10 ? -9.523  2.539  -2.463 1.00 0.00 ? 10 PHE A HE1  4  
ATOM 577  H HE2  . PHE A 1 10 ? -10.330 -1.056 -0.357 1.00 0.00 ? 10 PHE A HE2  4  
ATOM 578  H HZ   . PHE A 1 10 ? -11.129 0.955  -1.504 1.00 0.00 ? 10 PHE A HZ   4  
ATOM 579  N N    . GLU A 1 11 ? -3.560  0.098  1.797  1.00 0.00 ? 11 GLU A N    4  
ATOM 580  C CA   . GLU A 1 11 ? -2.862  -0.795 2.706  1.00 0.00 ? 11 GLU A CA   4  
ATOM 581  C C    . GLU A 1 11 ? -2.634  -2.156 2.042  1.00 0.00 ? 11 GLU A C    4  
ATOM 582  O O    . GLU A 1 11 ? -3.044  -3.186 2.574  1.00 0.00 ? 11 GLU A O    4  
ATOM 583  C CB   . GLU A 1 11 ? -3.629  -0.950 4.020  1.00 0.00 ? 11 GLU A CB   4  
ATOM 584  C CG   . GLU A 1 11 ? -3.454  0.287  4.905  1.00 0.00 ? 11 GLU A CG   4  
ATOM 585  C CD   . GLU A 1 11 ? -1.974  0.636  5.073  1.00 0.00 ? 11 GLU A CD   4  
ATOM 586  O OE1  . GLU A 1 11 ? -1.156  -0.304 4.988  1.00 0.00 ? 11 GLU A OE1  4  
ATOM 587  O OE2  . GLU A 1 11 ? -1.695  1.836  5.284  1.00 0.00 ? 11 GLU A OE2  4  
ATOM 588  H H    . GLU A 1 11 ? -3.256  1.050  1.824  1.00 0.00 ? 11 GLU A H    4  
ATOM 589  H HA   . GLU A 1 11 ? -1.904  -0.316 2.905  1.00 0.00 ? 11 GLU A HA   4  
ATOM 590  H HB3  . GLU A 1 11 ? -3.275  -1.833 4.551  1.00 0.00 ? 11 GLU A HB3  4  
ATOM 591  H HG3  . GLU A 1 11 ? -3.903  0.107  5.881  1.00 0.00 ? 11 GLU A HG3  4  
ATOM 592  N N    . GLU A 1 12 ? -1.981  -2.114 0.889  1.00 0.00 ? 12 GLU A N    4  
ATOM 593  C CA   . GLU A 1 12 ? -1.694  -3.329 0.147  1.00 0.00 ? 12 GLU A CA   4  
ATOM 594  C C    . GLU A 1 12 ? -0.390  -3.958 0.643  1.00 0.00 ? 12 GLU A C    4  
ATOM 595  O O    . GLU A 1 12 ? -0.328  -5.163 0.883  1.00 0.00 ? 12 GLU A O    4  
ATOM 596  C CB   . GLU A 1 12 ? -1.633  -3.052 -1.355 1.00 0.00 ? 12 GLU A CB   4  
ATOM 597  C CG   . GLU A 1 12 ? -2.627  -3.933 -2.116 1.00 0.00 ? 12 GLU A CG   4  
ATOM 598  C CD   . GLU A 1 12 ? -3.746  -3.091 -2.732 1.00 0.00 ? 12 GLU A CD   4  
ATOM 599  O OE1  . GLU A 1 12 ? -4.049  -2.031 -2.144 1.00 0.00 ? 12 GLU A OE1  4  
ATOM 600  O OE2  . GLU A 1 12 ? -4.275  -3.527 -3.777 1.00 0.00 ? 12 GLU A OE2  4  
ATOM 601  H H    . GLU A 1 12 ? -1.651  -1.271 0.464  1.00 0.00 ? 12 GLU A H    4  
ATOM 602  H HA   . GLU A 1 12 ? -2.529  -3.999 0.354  1.00 0.00 ? 12 GLU A HA   4  
ATOM 603  H HB3  . GLU A 1 12 ? -0.624  -3.238 -1.724 1.00 0.00 ? 12 GLU A HB3  4  
ATOM 604  H HG3  . GLU A 1 12 ? -3.054  -4.673 -1.439 1.00 0.00 ? 12 GLU A HG3  4  
ATOM 605  N N    . ASP A 1 1  ? 4.167   -5.496 -1.062 1.00 0.00 ? 1  ASP A N    5  
ATOM 606  C CA   . ASP A 1 1  ? 4.315   -5.204 0.354  1.00 0.00 ? 1  ASP A CA   5  
ATOM 607  C C    . ASP A 1 1  ? 3.079   -4.449 0.847  1.00 0.00 ? 1  ASP A C    5  
ATOM 608  O O    . ASP A 1 1  ? 2.115   -4.277 0.102  1.00 0.00 ? 1  ASP A O    5  
ATOM 609  C CB   . ASP A 1 1  ? 5.540   -4.325 0.611  1.00 0.00 ? 1  ASP A CB   5  
ATOM 610  C CG   . ASP A 1 1  ? 5.365   -2.850 0.246  1.00 0.00 ? 1  ASP A CG   5  
ATOM 611  O OD1  . ASP A 1 1  ? 4.476   -2.216 0.851  1.00 0.00 ? 1  ASP A OD1  5  
ATOM 612  O OD2  . ASP A 1 1  ? 6.128   -2.389 -0.633 1.00 0.00 ? 1  ASP A OD2  5  
ATOM 613  H H1   . ASP A 1 1  ? 3.940   -4.707 -1.634 1.00 0.00 ? 1  ASP A H1   5  
ATOM 614  H HA   . ASP A 1 1  ? 4.428   -6.176 0.835  1.00 0.00 ? 1  ASP A HA   5  
ATOM 615  H HB3  . ASP A 1 1  ? 6.381   -4.728 0.048  1.00 0.00 ? 1  ASP A HB3  5  
ATOM 616  N N    . LYS A 1 2  ? 3.148   -4.016 2.097  1.00 0.00 ? 2  LYS A N    5  
ATOM 617  C CA   . LYS A 1 2  ? 2.047   -3.282 2.697  1.00 0.00 ? 2  LYS A CA   5  
ATOM 618  C C    . LYS A 1 2  ? 2.579   -1.989 3.318  1.00 0.00 ? 2  LYS A C    5  
ATOM 619  O O    . LYS A 1 2  ? 3.476   -2.023 4.160  1.00 0.00 ? 2  LYS A O    5  
ATOM 620  C CB   . LYS A 1 2  ? 1.286   -4.170 3.684  1.00 0.00 ? 2  LYS A CB   5  
ATOM 621  C CG   . LYS A 1 2  ? 0.398   -3.331 4.605  1.00 0.00 ? 2  LYS A CG   5  
ATOM 622  C CD   . LYS A 1 2  ? -0.890  -4.079 4.956  1.00 0.00 ? 2  LYS A CD   5  
ATOM 623  C CE   . LYS A 1 2  ? -0.617  -5.570 5.167  1.00 0.00 ? 2  LYS A CE   5  
ATOM 624  N NZ   . LYS A 1 2  ? 0.618   -5.764 5.959  1.00 0.00 ? 2  LYS A NZ   5  
ATOM 625  H H    . LYS A 1 2  ? 3.936   -4.160 2.696  1.00 0.00 ? 2  LYS A H    5  
ATOM 626  H HA   . LYS A 1 2  ? 1.354   -3.022 1.898  1.00 0.00 ? 2  LYS A HA   5  
ATOM 627  H HB3  . LYS A 1 2  ? 1.993   -4.746 4.282  1.00 0.00 ? 2  LYS A HB3  5  
ATOM 628  H HG3  . LYS A 1 2  ? 0.153   -2.387 4.119  1.00 0.00 ? 2  LYS A HG3  5  
ATOM 629  H HD3  . LYS A 1 2  ? -1.619  -3.948 4.157  1.00 0.00 ? 2  LYS A HD3  5  
ATOM 630  H HE3  . LYS A 1 2  ? -0.520  -6.067 4.202  1.00 0.00 ? 2  LYS A HE3  5  
ATOM 631  H HZ1  . LYS A 1 2  ? 0.951   -4.878 6.279  1.00 0.00 ? 2  LYS A HZ1  5  
ATOM 632  H HZ2  . LYS A 1 2  ? 0.420   -6.350 6.745  1.00 0.00 ? 2  LYS A HZ2  5  
ATOM 633  H HZ3  . LYS A 1 2  ? 1.315   -6.197 5.388  1.00 0.00 ? 2  LYS A HZ3  5  
ATOM 634  N N    . ASN A 1 3  ? 2.006   -0.879 2.877  1.00 0.00 ? 3  ASN A N    5  
ATOM 635  C CA   . ASN A 1 3  ? 2.412   0.423  3.379  1.00 0.00 ? 3  ASN A CA   5  
ATOM 636  C C    . ASN A 1 3  ? 1.170   1.286  3.609  1.00 0.00 ? 3  ASN A C    5  
ATOM 637  O O    . ASN A 1 3  ? 0.904   1.710  4.732  1.00 0.00 ? 3  ASN A O    5  
ATOM 638  C CB   . ASN A 1 3  ? 3.308   1.145  2.371  1.00 0.00 ? 3  ASN A CB   5  
ATOM 639  C CG   . ASN A 1 3  ? 4.701   1.392  2.956  1.00 0.00 ? 3  ASN A CG   5  
ATOM 640  O OD1  . ASN A 1 3  ? 5.549   0.516  2.995  1.00 0.00 ? 3  ASN A OD1  5  
ATOM 641  N ND2  . ASN A 1 3  ? 4.889   2.629  3.404  1.00 0.00 ? 3  ASN A ND2  5  
ATOM 642  H H    . ASN A 1 3  ? 1.278   -0.860 2.192  1.00 0.00 ? 3  ASN A H    5  
ATOM 643  H HA   . ASN A 1 3  ? 2.954   0.218  4.301  1.00 0.00 ? 3  ASN A HA   5  
ATOM 644  H HB3  . ASN A 1 3  ? 2.855   2.096  2.092  1.00 0.00 ? 3  ASN A HB3  5  
ATOM 645  H HD21 . ASN A 1 3  ? 4.149   3.301  3.342  1.00 0.00 ? 3  ASN A HD21 5  
ATOM 646  H HD22 . ASN A 1 3  ? 5.767   2.888  3.805  1.00 0.00 ? 3  ASN A HD22 5  
ATOM 647  N N    . GLY A 1 4  ? 0.441   1.518  2.528  1.00 0.00 ? 4  GLY A N    5  
ATOM 648  C CA   . GLY A 1 4  ? -0.768  2.323  2.598  1.00 0.00 ? 4  GLY A CA   5  
ATOM 649  C C    . GLY A 1 4  ? -0.962  3.135  1.315  1.00 0.00 ? 4  GLY A C    5  
ATOM 650  O O    . GLY A 1 4  ? -2.092  3.389  0.903  1.00 0.00 ? 4  GLY A O    5  
ATOM 651  H H    . GLY A 1 4  ? 0.663   1.169  1.618  1.00 0.00 ? 4  GLY A H    5  
ATOM 652  H HA2  . GLY A 1 4  ? -1.630  1.676  2.757  1.00 0.00 ? 4  GLY A HA2  5  
ATOM 653  H HA3  . GLY A 1 4  ? -0.711  2.996  3.453  1.00 0.00 ? 4  GLY A HA3  5  
ATOM 654  N N    . ASP A 1 5  ? 0.158   3.518  0.720  1.00 0.00 ? 5  ASP A N    5  
ATOM 655  C CA   . ASP A 1 5  ? 0.126   4.295  -0.506 1.00 0.00 ? 5  ASP A CA   5  
ATOM 656  C C    . ASP A 1 5  ? 1.085   3.674  -1.524 1.00 0.00 ? 5  ASP A C    5  
ATOM 657  O O    . ASP A 1 5  ? 0.745   3.536  -2.698 1.00 0.00 ? 5  ASP A O    5  
ATOM 658  C CB   . ASP A 1 5  ? 0.571   5.737  -0.256 1.00 0.00 ? 5  ASP A CB   5  
ATOM 659  C CG   . ASP A 1 5  ? 2.046   5.905  0.112  1.00 0.00 ? 5  ASP A CG   5  
ATOM 660  O OD1  . ASP A 1 5  ? 2.496   5.157  1.007  1.00 0.00 ? 5  ASP A OD1  5  
ATOM 661  O OD2  . ASP A 1 5  ? 2.691   6.776  -0.512 1.00 0.00 ? 5  ASP A OD2  5  
ATOM 662  H H    . ASP A 1 5  ? 1.075   3.307  1.063  1.00 0.00 ? 5  ASP A H    5  
ATOM 663  H HA   . ASP A 1 5  ? -0.913  4.264  -0.838 1.00 0.00 ? 5  ASP A HA   5  
ATOM 664  H HB3  . ASP A 1 5  ? -0.037  6.157  0.545  1.00 0.00 ? 5  ASP A HB3  5  
ATOM 665  N N    . GLY A 1 6  ? 2.264   3.315  -1.037 1.00 0.00 ? 6  GLY A N    5  
ATOM 666  C CA   . GLY A 1 6  ? 3.274   2.713  -1.889 1.00 0.00 ? 6  GLY A CA   5  
ATOM 667  C C    . GLY A 1 6  ? 2.654   1.668  -2.819 1.00 0.00 ? 6  GLY A C    5  
ATOM 668  O O    . GLY A 1 6  ? 2.489   1.914  -4.013 1.00 0.00 ? 6  GLY A O    5  
ATOM 669  H H    . GLY A 1 6  ? 2.532   3.432  -0.080 1.00 0.00 ? 6  GLY A H    5  
ATOM 670  H HA2  . GLY A 1 6  ? 3.764   3.487  -2.480 1.00 0.00 ? 6  GLY A HA2  5  
ATOM 671  H HA3  . GLY A 1 6  ? 4.043   2.247  -1.274 1.00 0.00 ? 6  GLY A HA3  5  
ATOM 672  N N    . GLU A 1 7  ? 2.327   0.524  -2.237 1.00 0.00 ? 7  GLU A N    5  
ATOM 673  C CA   . GLU A 1 7  ? 1.728   -0.559 -2.999 1.00 0.00 ? 7  GLU A CA   5  
ATOM 674  C C    . GLU A 1 7  ? 0.262   -0.245 -3.305 1.00 0.00 ? 7  GLU A C    5  
ATOM 675  O O    . GLU A 1 7  ? -0.609  -0.453 -2.463 1.00 0.00 ? 7  GLU A O    5  
ATOM 676  C CB   . GLU A 1 7  ? 1.861   -1.890 -2.256 1.00 0.00 ? 7  GLU A CB   5  
ATOM 677  C CG   . GLU A 1 7  ? 3.118   -1.909 -1.385 1.00 0.00 ? 7  GLU A CG   5  
ATOM 678  C CD   . GLU A 1 7  ? 4.307   -1.287 -2.123 1.00 0.00 ? 7  GLU A CD   5  
ATOM 679  O OE1  . GLU A 1 7  ? 4.743   -1.906 -3.117 1.00 0.00 ? 7  GLU A OE1  5  
ATOM 680  O OE2  . GLU A 1 7  ? 4.751   -0.208 -1.675 1.00 0.00 ? 7  GLU A OE2  5  
ATOM 681  H H    . GLU A 1 7  ? 2.463   0.331  -1.265 1.00 0.00 ? 7  GLU A H    5  
ATOM 682  H HA   . GLU A 1 7  ? 2.297   -0.609 -3.927 1.00 0.00 ? 7  GLU A HA   5  
ATOM 683  H HB3  . GLU A 1 7  ? 1.900   -2.710 -2.974 1.00 0.00 ? 7  GLU A HB3  5  
ATOM 684  H HG3  . GLU A 1 7  ? 3.357   -2.935 -1.105 1.00 0.00 ? 7  GLU A HG3  5  
ATOM 685  N N    . VAL A 1 8  ? 0.035   0.249  -4.514 1.00 0.00 ? 8  VAL A N    5  
ATOM 686  C CA   . VAL A 1 8  ? -1.309  0.592  -4.941 1.00 0.00 ? 8  VAL A CA   5  
ATOM 687  C C    . VAL A 1 8  ? -2.139  1.001  -3.723 1.00 0.00 ? 8  VAL A C    5  
ATOM 688  O O    . VAL A 1 8  ? -3.307  0.634  -3.610 1.00 0.00 ? 8  VAL A O    5  
ATOM 689  C CB   . VAL A 1 8  ? -1.925  -0.573 -5.720 1.00 0.00 ? 8  VAL A CB   5  
ATOM 690  C CG1  . VAL A 1 8  ? -1.125  -0.865 -6.991 1.00 0.00 ? 8  VAL A CG1  5  
ATOM 691  C CG2  . VAL A 1 8  ? -2.035  -1.821 -4.842 1.00 0.00 ? 8  VAL A CG2  5  
ATOM 692  H H    . VAL A 1 8  ? 0.750   0.414  -5.193 1.00 0.00 ? 8  VAL A H    5  
ATOM 693  H HA   . VAL A 1 8  ? -1.232  1.445  -5.616 1.00 0.00 ? 8  VAL A HA   5  
ATOM 694  H HB   . VAL A 1 8  ? -2.932  -0.282 -6.016 1.00 0.00 ? 8  VAL A HB   5  
ATOM 695  H HG11 . VAL A 1 8  ? -0.605  0.038  -7.309 1.00 0.00 ? 8  VAL A HG11 5  
ATOM 696  H HG12 . VAL A 1 8  ? -0.398  -1.652 -6.791 1.00 0.00 ? 8  VAL A HG12 5  
ATOM 697  H HG13 . VAL A 1 8  ? -1.804  -1.190 -7.779 1.00 0.00 ? 8  VAL A HG13 5  
ATOM 698  H HG21 . VAL A 1 8  ? -2.905  -2.403 -5.145 1.00 0.00 ? 8  VAL A HG21 5  
ATOM 699  H HG22 . VAL A 1 8  ? -1.134  -2.426 -4.957 1.00 0.00 ? 8  VAL A HG22 5  
ATOM 700  H HG23 . VAL A 1 8  ? -2.142  -1.523 -3.798 1.00 0.00 ? 8  VAL A HG23 5  
ATOM 701  N N    . SER A 1 9  ? -1.501  1.755  -2.839 1.00 0.00 ? 9  SER A N    5  
ATOM 702  C CA   . SER A 1 9  ? -2.166  2.219  -1.632 1.00 0.00 ? 9  SER A CA   5  
ATOM 703  C C    . SER A 1 9  ? -3.129  1.145  -1.121 1.00 0.00 ? 9  SER A C    5  
ATOM 704  O O    . SER A 1 9  ? -2.930  -0.042 -1.371 1.00 0.00 ? 9  SER A O    5  
ATOM 705  C CB   . SER A 1 9  ? -2.915  3.528  -1.885 1.00 0.00 ? 9  SER A CB   5  
ATOM 706  O OG   . SER A 1 9  ? -2.164  4.425  -2.699 1.00 0.00 ? 9  SER A OG   5  
ATOM 707  H H    . SER A 1 9  ? -0.550  2.049  -2.937 1.00 0.00 ? 9  SER A H    5  
ATOM 708  H HA   . SER A 1 9  ? -1.366  2.391  -0.911 1.00 0.00 ? 9  SER A HA   5  
ATOM 709  H HB3  . SER A 1 9  ? -3.141  4.006  -0.932 1.00 0.00 ? 9  SER A HB3  5  
ATOM 710  H HG   . SER A 1 9  ? -2.116  5.323  -2.262 1.00 0.00 ? 9  SER A HG   5  
ATOM 711  N N    . PHE A 1 10 ? -4.153  1.603  -0.415 1.00 0.00 ? 10 PHE A N    5  
ATOM 712  C CA   . PHE A 1 10 ? -5.148  0.697  0.133  1.00 0.00 ? 10 PHE A CA   5  
ATOM 713  C C    . PHE A 1 10 ? -4.493  -0.361 1.024  1.00 0.00 ? 10 PHE A C    5  
ATOM 714  O O    . PHE A 1 10 ? -4.880  -1.529 0.992  1.00 0.00 ? 10 PHE A O    5  
ATOM 715  C CB   . PHE A 1 10 ? -5.822  0.003  -1.052 1.00 0.00 ? 10 PHE A CB   5  
ATOM 716  C CG   . PHE A 1 10 ? -7.326  0.266  -1.154 1.00 0.00 ? 10 PHE A CG   5  
ATOM 717  C CD1  . PHE A 1 10 ? -7.781  1.339  -1.856 1.00 0.00 ? 10 PHE A CD1  5  
ATOM 718  C CD2  . PHE A 1 10 ? -8.207  -0.571 -0.544 1.00 0.00 ? 10 PHE A CD2  5  
ATOM 719  C CE1  . PHE A 1 10 ? -9.177  1.584  -1.951 1.00 0.00 ? 10 PHE A CE1  5  
ATOM 720  C CE2  . PHE A 1 10 ? -9.602  -0.326 -0.639 1.00 0.00 ? 10 PHE A CE2  5  
ATOM 721  C CZ   . PHE A 1 10 ? -10.058 0.747  -1.341 1.00 0.00 ? 10 PHE A CZ   5  
ATOM 722  H H    . PHE A 1 10 ? -4.307  2.571  -0.217 1.00 0.00 ? 10 PHE A H    5  
ATOM 723  H HA   . PHE A 1 10 ? -5.838  1.295  0.728  1.00 0.00 ? 10 PHE A HA   5  
ATOM 724  H HB3  . PHE A 1 10 ? -5.657  -1.072 -0.972 1.00 0.00 ? 10 PHE A HB3  5  
ATOM 725  H HD1  . PHE A 1 10 ? -7.075  2.010  -2.345 1.00 0.00 ? 10 PHE A HD1  5  
ATOM 726  H HD2  . PHE A 1 10 ? -7.841  -1.430 0.018  1.00 0.00 ? 10 PHE A HD2  5  
ATOM 727  H HE1  . PHE A 1 10 ? -9.542  2.444  -2.512 1.00 0.00 ? 10 PHE A HE1  5  
ATOM 728  H HE2  . PHE A 1 10 ? -10.308 -0.997 -0.151 1.00 0.00 ? 10 PHE A HE2  5  
ATOM 729  H HZ   . PHE A 1 10 ? -11.129 0.935  -1.414 1.00 0.00 ? 10 PHE A HZ   5  
ATOM 730  N N    . GLU A 1 11 ? -3.515  0.085  1.798  1.00 0.00 ? 11 GLU A N    5  
ATOM 731  C CA   . GLU A 1 11 ? -2.804  -0.809 2.697  1.00 0.00 ? 11 GLU A CA   5  
ATOM 732  C C    . GLU A 1 11 ? -2.591  -2.169 2.031  1.00 0.00 ? 11 GLU A C    5  
ATOM 733  O O    . GLU A 1 11 ? -2.988  -3.200 2.574  1.00 0.00 ? 11 GLU A O    5  
ATOM 734  C CB   . GLU A 1 11 ? -3.549  -0.958 4.025  1.00 0.00 ? 11 GLU A CB   5  
ATOM 735  C CG   . GLU A 1 11 ? -3.361  0.282  4.901  1.00 0.00 ? 11 GLU A CG   5  
ATOM 736  C CD   . GLU A 1 11 ? -1.878  0.632  5.042  1.00 0.00 ? 11 GLU A CD   5  
ATOM 737  O OE1  . GLU A 1 11 ? -1.067  -0.318 5.045  1.00 0.00 ? 11 GLU A OE1  5  
ATOM 738  O OE2  . GLU A 1 11 ? -1.590  1.845  5.146  1.00 0.00 ? 11 GLU A OE2  5  
ATOM 739  H H    . GLU A 1 11 ? -3.208  1.037  1.817  1.00 0.00 ? 11 GLU A H    5  
ATOM 740  H HA   . GLU A 1 11 ? -1.842  -0.331 2.877  1.00 0.00 ? 11 GLU A HA   5  
ATOM 741  H HB3  . GLU A 1 11 ? -3.185  -1.839 4.553  1.00 0.00 ? 11 GLU A HB3  5  
ATOM 742  H HG3  . GLU A 1 11 ? -3.792  0.104  5.886  1.00 0.00 ? 11 GLU A HG3  5  
ATOM 743  N N    . GLU A 1 12 ? -1.966  -2.131 0.863  1.00 0.00 ? 12 GLU A N    5  
ATOM 744  C CA   . GLU A 1 12 ? -1.694  -3.349 0.119  1.00 0.00 ? 12 GLU A CA   5  
ATOM 745  C C    . GLU A 1 12 ? -0.410  -4.007 0.627  1.00 0.00 ? 12 GLU A C    5  
ATOM 746  O O    . GLU A 1 12 ? -0.397  -5.199 0.930  1.00 0.00 ? 12 GLU A O    5  
ATOM 747  C CB   . GLU A 1 12 ? -1.609  -3.067 -1.383 1.00 0.00 ? 12 GLU A CB   5  
ATOM 748  C CG   . GLU A 1 12 ? -2.585  -3.948 -2.163 1.00 0.00 ? 12 GLU A CG   5  
ATOM 749  C CD   . GLU A 1 12 ? -3.682  -3.106 -2.816 1.00 0.00 ? 12 GLU A CD   5  
ATOM 750  O OE1  . GLU A 1 12 ? -3.954  -2.011 -2.279 1.00 0.00 ? 12 GLU A OE1  5  
ATOM 751  O OE2  . GLU A 1 12 ? -4.226  -3.577 -3.840 1.00 0.00 ? 12 GLU A OE2  5  
ATOM 752  H H    . GLU A 1 12 ? -1.647  -1.290 0.428  1.00 0.00 ? 12 GLU A H    5  
ATOM 753  H HA   . GLU A 1 12 ? -2.546  -4.001 0.311  1.00 0.00 ? 12 GLU A HA   5  
ATOM 754  H HB3  . GLU A 1 12 ? -0.592  -3.244 -1.732 1.00 0.00 ? 12 GLU A HB3  5  
ATOM 755  H HG3  . GLU A 1 12 ? -3.034  -4.682 -1.493 1.00 0.00 ? 12 GLU A HG3  5  
ATOM 756  N N    . ASP A 1 1  ? 2.725   -5.075 -0.423 1.00 0.00 ? 1  ASP A N    6  
ATOM 757  C CA   . ASP A 1 1  ? 3.323   -4.869 0.884  1.00 0.00 ? 1  ASP A CA   6  
ATOM 758  C C    . ASP A 1 1  ? 2.344   -4.099 1.774  1.00 0.00 ? 1  ASP A C    6  
ATOM 759  O O    . ASP A 1 1  ? 1.195   -3.880 1.394  1.00 0.00 ? 1  ASP A O    6  
ATOM 760  C CB   . ASP A 1 1  ? 4.610   -4.047 0.777  1.00 0.00 ? 1  ASP A CB   6  
ATOM 761  C CG   . ASP A 1 1  ? 4.426   -2.621 0.259  1.00 0.00 ? 1  ASP A CG   6  
ATOM 762  O OD1  . ASP A 1 1  ? 3.355   -2.045 0.552  1.00 0.00 ? 1  ASP A OD1  6  
ATOM 763  O OD2  . ASP A 1 1  ? 5.359   -2.137 -0.418 1.00 0.00 ? 1  ASP A OD2  6  
ATOM 764  H H1   . ASP A 1 1  ? 2.405   -4.242 -0.878 1.00 0.00 ? 1  ASP A H1   6  
ATOM 765  H HA   . ASP A 1 1  ? 3.534   -5.868 1.264  1.00 0.00 ? 1  ASP A HA   6  
ATOM 766  H HB3  . ASP A 1 1  ? 5.303   -4.571 0.119  1.00 0.00 ? 1  ASP A HB3  6  
ATOM 767  N N    . LYS A 1 2  ? 2.835   -3.711 2.942  1.00 0.00 ? 2  LYS A N    6  
ATOM 768  C CA   . LYS A 1 2  ? 2.019   -2.970 3.889  1.00 0.00 ? 2  LYS A CA   6  
ATOM 769  C C    . LYS A 1 2  ? 2.722   -1.659 4.246  1.00 0.00 ? 2  LYS A C    6  
ATOM 770  O O    . LYS A 1 2  ? 3.397   -1.573 5.272  1.00 0.00 ? 2  LYS A O    6  
ATOM 771  C CB   . LYS A 1 2  ? 1.683   -3.840 5.101  1.00 0.00 ? 2  LYS A CB   6  
ATOM 772  C CG   . LYS A 1 2  ? 0.809   -3.076 6.099  1.00 0.00 ? 2  LYS A CG   6  
ATOM 773  C CD   . LYS A 1 2  ? -0.620  -3.619 6.102  1.00 0.00 ? 2  LYS A CD   6  
ATOM 774  C CE   . LYS A 1 2  ? -0.632  -5.137 6.293  1.00 0.00 ? 2  LYS A CE   6  
ATOM 775  N NZ   . LYS A 1 2  ? -1.135  -5.808 5.074  1.00 0.00 ? 2  LYS A NZ   6  
ATOM 776  H H    . LYS A 1 2  ? 3.772   -3.893 3.243  1.00 0.00 ? 2  LYS A H    6  
ATOM 777  H HA   . LYS A 1 2  ? 1.077   -2.733 3.392  1.00 0.00 ? 2  LYS A HA   6  
ATOM 778  H HB3  . LYS A 1 2  ? 2.603   -4.162 5.588  1.00 0.00 ? 2  LYS A HB3  6  
ATOM 779  H HG3  . LYS A 1 2  ? 0.800   -2.018 5.843  1.00 0.00 ? 2  LYS A HG3  6  
ATOM 780  H HD3  . LYS A 1 2  ? -1.113  -3.362 5.164  1.00 0.00 ? 2  LYS A HD3  6  
ATOM 781  H HE3  . LYS A 1 2  ? -1.259  -5.398 7.146  1.00 0.00 ? 2  LYS A HE3  6  
ATOM 782  H HZ1  . LYS A 1 2  ? -1.665  -5.158 4.530  1.00 0.00 ? 2  LYS A HZ1  6  
ATOM 783  H HZ2  . LYS A 1 2  ? -0.363  -6.145 4.536  1.00 0.00 ? 2  LYS A HZ2  6  
ATOM 784  H HZ3  . LYS A 1 2  ? -1.719  -6.578 5.335  1.00 0.00 ? 2  LYS A HZ3  6  
ATOM 785  N N    . ASN A 1 3  ? 2.541   -0.673 3.383  1.00 0.00 ? 3  ASN A N    6  
ATOM 786  C CA   . ASN A 1 3  ? 3.151   0.629  3.595  1.00 0.00 ? 3  ASN A CA   6  
ATOM 787  C C    . ASN A 1 3  ? 2.055   1.659  3.887  1.00 0.00 ? 3  ASN A C    6  
ATOM 788  O O    . ASN A 1 3  ? 2.038   2.265  4.956  1.00 0.00 ? 3  ASN A O    6  
ATOM 789  C CB   . ASN A 1 3  ? 3.913   1.090  2.351  1.00 0.00 ? 3  ASN A CB   6  
ATOM 790  C CG   . ASN A 1 3  ? 5.405   1.250  2.650  1.00 0.00 ? 3  ASN A CG   6  
ATOM 791  O OD1  . ASN A 1 3  ? 5.824   1.404  3.787  1.00 0.00 ? 3  ASN A OD1  6  
ATOM 792  N ND2  . ASN A 1 3  ? 6.181   1.203  1.572  1.00 0.00 ? 3  ASN A ND2  6  
ATOM 793  H H    . ASN A 1 3  ? 1.991   -0.751 2.551  1.00 0.00 ? 3  ASN A H    6  
ATOM 794  H HA   . ASN A 1 3  ? 3.829   0.494  4.436  1.00 0.00 ? 3  ASN A HA   6  
ATOM 795  H HB3  . ASN A 1 3  ? 3.505   2.040  2.001  1.00 0.00 ? 3  ASN A HB3  6  
ATOM 796  H HD21 . ASN A 1 3  ? 5.773   1.073  0.668  1.00 0.00 ? 3  ASN A HD21 6  
ATOM 797  H HD22 . ASN A 1 3  ? 7.172   1.297  1.665  1.00 0.00 ? 3  ASN A HD22 6  
ATOM 798  N N    . GLY A 1 4  ? 1.168   1.823  2.917  1.00 0.00 ? 4  GLY A N    6  
ATOM 799  C CA   . GLY A 1 4  ? 0.072   2.766  3.057  1.00 0.00 ? 4  GLY A CA   6  
ATOM 800  C C    . GLY A 1 4  ? -0.415  3.248  1.688  1.00 0.00 ? 4  GLY A C    6  
ATOM 801  O O    . GLY A 1 4  ? -1.589  3.097  1.356  1.00 0.00 ? 4  GLY A O    6  
ATOM 802  H H    . GLY A 1 4  ? 1.189   1.324  2.051  1.00 0.00 ? 4  GLY A H    6  
ATOM 803  H HA2  . GLY A 1 4  ? -0.751  2.297  3.596  1.00 0.00 ? 4  GLY A HA2  6  
ATOM 804  H HA3  . GLY A 1 4  ? 0.397   3.620  3.651  1.00 0.00 ? 4  GLY A HA3  6  
ATOM 805  N N    . ASP A 1 5  ? 0.513   3.816  0.932  1.00 0.00 ? 5  ASP A N    6  
ATOM 806  C CA   . ASP A 1 5  ? 0.192   4.319  -0.393 1.00 0.00 ? 5  ASP A CA   6  
ATOM 807  C C    . ASP A 1 5  ? 1.185   3.745  -1.405 1.00 0.00 ? 5  ASP A C    6  
ATOM 808  O O    . ASP A 1 5  ? 1.159   4.109  -2.580 1.00 0.00 ? 5  ASP A O    6  
ATOM 809  C CB   . ASP A 1 5  ? 0.296   5.846  -0.441 1.00 0.00 ? 5  ASP A CB   6  
ATOM 810  C CG   . ASP A 1 5  ? 1.707   6.405  -0.250 1.00 0.00 ? 5  ASP A CG   6  
ATOM 811  O OD1  . ASP A 1 5  ? 2.174   6.385  0.909  1.00 0.00 ? 5  ASP A OD1  6  
ATOM 812  O OD2  . ASP A 1 5  ? 2.288   6.838  -1.268 1.00 0.00 ? 5  ASP A OD2  6  
ATOM 813  H H    . ASP A 1 5  ? 1.466   3.935  1.210  1.00 0.00 ? 5  ASP A H    6  
ATOM 814  H HA   . ASP A 1 5  ? -0.830  3.997  -0.582 1.00 0.00 ? 5  ASP A HA   6  
ATOM 815  H HB3  . ASP A 1 5  ? -0.351  6.263  0.330  1.00 0.00 ? 5  ASP A HB3  6  
ATOM 816  N N    . GLY A 1 6  ? 2.039   2.861  -0.913 1.00 0.00 ? 6  GLY A N    6  
ATOM 817  C CA   . GLY A 1 6  ? 3.039   2.233  -1.761 1.00 0.00 ? 6  GLY A CA   6  
ATOM 818  C C    . GLY A 1 6  ? 2.382   1.503  -2.934 1.00 0.00 ? 6  GLY A C    6  
ATOM 819  O O    . GLY A 1 6  ? 2.249   2.062  -4.021 1.00 0.00 ? 6  GLY A O    6  
ATOM 820  H H    . GLY A 1 6  ? 2.054   2.571  0.044  1.00 0.00 ? 6  GLY A H    6  
ATOM 821  H HA2  . GLY A 1 6  ? 3.727   2.989  -2.137 1.00 0.00 ? 6  GLY A HA2  6  
ATOM 822  H HA3  . GLY A 1 6  ? 3.629   1.530  -1.173 1.00 0.00 ? 6  GLY A HA3  6  
ATOM 823  N N    . GLU A 1 7  ? 1.991   0.263  -2.673 1.00 0.00 ? 7  GLU A N    6  
ATOM 824  C CA   . GLU A 1 7  ? 1.352   -0.548 -3.694 1.00 0.00 ? 7  GLU A CA   6  
ATOM 825  C C    . GLU A 1 7  ? -0.107  -0.125 -3.875 1.00 0.00 ? 7  GLU A C    6  
ATOM 826  O O    . GLU A 1 7  ? -0.965  -0.486 -3.071 1.00 0.00 ? 7  GLU A O    6  
ATOM 827  C CB   . GLU A 1 7  ? 1.452   -2.037 -3.352 1.00 0.00 ? 7  GLU A CB   6  
ATOM 828  C CG   . GLU A 1 7  ? 2.710   -2.328 -2.533 1.00 0.00 ? 7  GLU A CG   6  
ATOM 829  C CD   . GLU A 1 7  ? 3.914   -1.560 -3.082 1.00 0.00 ? 7  GLU A CD   6  
ATOM 830  O OE1  . GLU A 1 7  ? 4.296   -1.856 -4.235 1.00 0.00 ? 7  GLU A OE1  6  
ATOM 831  O OE2  . GLU A 1 7  ? 4.424   -0.695 -2.339 1.00 0.00 ? 7  GLU A OE2  6  
ATOM 832  H H    . GLU A 1 7  ? 2.104   -0.184 -1.786 1.00 0.00 ? 7  GLU A H    6  
ATOM 833  H HA   . GLU A 1 7  ? 1.910   -0.354 -4.610 1.00 0.00 ? 7  GLU A HA   6  
ATOM 834  H HB3  . GLU A 1 7  ? 1.469   -2.625 -4.270 1.00 0.00 ? 7  GLU A HB3  6  
ATOM 835  H HG3  . GLU A 1 7  ? 2.920   -3.398 -2.548 1.00 0.00 ? 7  GLU A HG3  6  
ATOM 836  N N    . VAL A 1 8  ? -0.341  0.636  -4.935 1.00 0.00 ? 8  VAL A N    6  
ATOM 837  C CA   . VAL A 1 8  ? -1.682  1.112  -5.230 1.00 0.00 ? 8  VAL A CA   6  
ATOM 838  C C    . VAL A 1 8  ? -2.446  1.318  -3.921 1.00 0.00 ? 8  VAL A C    6  
ATOM 839  O O    . VAL A 1 8  ? -3.630  0.998  -3.832 1.00 0.00 ? 8  VAL A O    6  
ATOM 840  C CB   . VAL A 1 8  ? -2.383  0.146  -6.186 1.00 0.00 ? 8  VAL A CB   6  
ATOM 841  C CG1  . VAL A 1 8  ? -2.616  -1.211 -5.518 1.00 0.00 ? 8  VAL A CG1  6  
ATOM 842  C CG2  . VAL A 1 8  ? -3.696  0.737  -6.700 1.00 0.00 ? 8  VAL A CG2  6  
ATOM 843  H H    . VAL A 1 8  ? 0.363   0.924  -5.583 1.00 0.00 ? 8  VAL A H    6  
ATOM 844  H HA   . VAL A 1 8  ? -1.583  2.074  -5.735 1.00 0.00 ? 8  VAL A HA   6  
ATOM 845  H HB   . VAL A 1 8  ? -1.728  -0.011 -7.043 1.00 0.00 ? 8  VAL A HB   6  
ATOM 846  H HG11 . VAL A 1 8  ? -2.875  -1.061 -4.469 1.00 0.00 ? 8  VAL A HG11 6  
ATOM 847  H HG12 . VAL A 1 8  ? -3.434  -1.728 -6.022 1.00 0.00 ? 8  VAL A HG12 6  
ATOM 848  H HG13 . VAL A 1 8  ? -1.709  -1.812 -5.586 1.00 0.00 ? 8  VAL A HG13 6  
ATOM 849  H HG21 . VAL A 1 8  ? -3.619  0.916  -7.772 1.00 0.00 ? 8  VAL A HG21 6  
ATOM 850  H HG22 . VAL A 1 8  ? -4.510  0.038  -6.507 1.00 0.00 ? 8  VAL A HG22 6  
ATOM 851  H HG23 . VAL A 1 8  ? -3.896  1.678  -6.187 1.00 0.00 ? 8  VAL A HG23 6  
ATOM 852  N N    . SER A 1 9  ? -1.738  1.853  -2.937 1.00 0.00 ? 9  SER A N    6  
ATOM 853  C CA   . SER A 1 9  ? -2.334  2.106  -1.637 1.00 0.00 ? 9  SER A CA   6  
ATOM 854  C C    . SER A 1 9  ? -3.258  0.949  -1.251 1.00 0.00 ? 9  SER A C    6  
ATOM 855  O O    . SER A 1 9  ? -3.139  -0.151 -1.789 1.00 0.00 ? 9  SER A O    6  
ATOM 856  C CB   . SER A 1 9  ? -3.108  3.427  -1.633 1.00 0.00 ? 9  SER A CB   6  
ATOM 857  O OG   . SER A 1 9  ? -2.433  4.442  -2.372 1.00 0.00 ? 9  SER A OG   6  
ATOM 858  H H    . SER A 1 9  ? -0.775  2.112  -3.018 1.00 0.00 ? 9  SER A H    6  
ATOM 859  H HA   . SER A 1 9  ? -1.497  2.175  -0.943 1.00 0.00 ? 9  SER A HA   6  
ATOM 860  H HB3  . SER A 1 9  ? -3.250  3.761  -0.605 1.00 0.00 ? 9  SER A HB3  6  
ATOM 861  H HG   . SER A 1 9  ? -2.198  4.102  -3.283 1.00 0.00 ? 9  SER A HG   6  
ATOM 862  N N    . PHE A 1 10 ? -4.159  1.237  -0.323 1.00 0.00 ? 10 PHE A N    6  
ATOM 863  C CA   . PHE A 1 10 ? -5.102  0.234  0.140  1.00 0.00 ? 10 PHE A CA   6  
ATOM 864  C C    . PHE A 1 10 ? -4.376  -0.939 0.799  1.00 0.00 ? 10 PHE A C    6  
ATOM 865  O O    . PHE A 1 10 ? -4.787  -2.090 0.654  1.00 0.00 ? 10 PHE A O    6  
ATOM 866  C CB   . PHE A 1 10 ? -5.856  -0.274 -1.091 1.00 0.00 ? 10 PHE A CB   6  
ATOM 867  C CG   . PHE A 1 10 ? -7.363  -0.013 -1.050 1.00 0.00 ? 10 PHE A CG   6  
ATOM 868  C CD1  . PHE A 1 10 ? -8.197  -0.930 -0.492 1.00 0.00 ? 10 PHE A CD1  6  
ATOM 869  C CD2  . PHE A 1 10 ? -7.868  1.136  -1.573 1.00 0.00 ? 10 PHE A CD2  6  
ATOM 870  C CE1  . PHE A 1 10 ? -9.595  -0.688 -0.454 1.00 0.00 ? 10 PHE A CE1  6  
ATOM 871  C CE2  . PHE A 1 10 ? -9.266  1.379  -1.536 1.00 0.00 ? 10 PHE A CE2  6  
ATOM 872  C CZ   . PHE A 1 10 ? -10.101 0.462  -0.976 1.00 0.00 ? 10 PHE A CZ   6  
ATOM 873  H H    . PHE A 1 10 ? -4.250  2.134  0.108  1.00 0.00 ? 10 PHE A H    6  
ATOM 874  H HA   . PHE A 1 10 ? -5.752  0.715  0.873  1.00 0.00 ? 10 PHE A HA   6  
ATOM 875  H HB3  . PHE A 1 10 ? -5.686  -1.347 -1.191 1.00 0.00 ? 10 PHE A HB3  6  
ATOM 876  H HD1  . PHE A 1 10 ? -7.792  -1.852 -0.072 1.00 0.00 ? 10 PHE A HD1  6  
ATOM 877  H HD2  . PHE A 1 10 ? -7.200  1.872  -2.020 1.00 0.00 ? 10 PHE A HD2  6  
ATOM 878  H HE1  . PHE A 1 10 ? -10.264 -1.423 -0.005 1.00 0.00 ? 10 PHE A HE1  6  
ATOM 879  H HE2  . PHE A 1 10 ? -9.672  2.300  -1.954 1.00 0.00 ? 10 PHE A HE2  6  
ATOM 880  H HZ   . PHE A 1 10 ? -11.174 0.647  -0.948 1.00 0.00 ? 10 PHE A HZ   6  
ATOM 881  N N    . GLU A 1 11 ? -3.308  -0.608 1.511  1.00 0.00 ? 11 GLU A N    6  
ATOM 882  C CA   . GLU A 1 11 ? -2.520  -1.621 2.193  1.00 0.00 ? 11 GLU A CA   6  
ATOM 883  C C    . GLU A 1 11 ? -2.263  -2.809 1.265  1.00 0.00 ? 11 GLU A C    6  
ATOM 884  O O    . GLU A 1 11 ? -2.550  -3.952 1.618  1.00 0.00 ? 11 GLU A O    6  
ATOM 885  C CB   . GLU A 1 11 ? -3.207  -2.073 3.484  1.00 0.00 ? 11 GLU A CB   6  
ATOM 886  C CG   . GLU A 1 11 ? -3.117  -0.990 4.561  1.00 0.00 ? 11 GLU A CG   6  
ATOM 887  C CD   . GLU A 1 11 ? -1.681  -0.482 4.711  1.00 0.00 ? 11 GLU A CD   6  
ATOM 888  O OE1  . GLU A 1 11 ? -0.764  -1.299 4.476  1.00 0.00 ? 11 GLU A OE1  6  
ATOM 889  O OE2  . GLU A 1 11 ? -1.532  0.710  5.055  1.00 0.00 ? 11 GLU A OE2  6  
ATOM 890  H H    . GLU A 1 11 ? -2.981  0.330  1.625  1.00 0.00 ? 11 GLU A H    6  
ATOM 891  H HA   . GLU A 1 11 ? -1.577  -1.135 2.442  1.00 0.00 ? 11 GLU A HA   6  
ATOM 892  H HB3  . GLU A 1 11 ? -2.743  -2.989 3.846  1.00 0.00 ? 11 GLU A HB3  6  
ATOM 893  H HG3  . GLU A 1 11 ? -3.466  -1.388 5.514  1.00 0.00 ? 11 GLU A HG3  6  
ATOM 894  N N    . GLU A 1 12 ? -1.726  -2.498 0.093  1.00 0.00 ? 12 GLU A N    6  
ATOM 895  C CA   . GLU A 1 12 ? -1.427  -3.526 -0.890 1.00 0.00 ? 12 GLU A CA   6  
ATOM 896  C C    . GLU A 1 12 ? 0.079   -3.789 -0.940 1.00 0.00 ? 12 GLU A C    6  
ATOM 897  O O    . GLU A 1 12 ? 0.570   -4.432 -1.868 1.00 0.00 ? 12 GLU A O    6  
ATOM 898  C CB   . GLU A 1 12 ? -1.964  -3.139 -2.269 1.00 0.00 ? 12 GLU A CB   6  
ATOM 899  C CG   . GLU A 1 12 ? -3.185  -3.983 -2.639 1.00 0.00 ? 12 GLU A CG   6  
ATOM 900  C CD   . GLU A 1 12 ? -3.681  -3.643 -4.045 1.00 0.00 ? 12 GLU A CD   6  
ATOM 901  O OE1  . GLU A 1 12 ? -2.921  -3.920 -4.997 1.00 0.00 ? 12 GLU A OE1  6  
ATOM 902  O OE2  . GLU A 1 12 ? -4.809  -3.114 -4.136 1.00 0.00 ? 12 GLU A OE2  6  
ATOM 903  H H    . GLU A 1 12 ? -1.496  -1.566 -0.187 1.00 0.00 ? 12 GLU A H    6  
ATOM 904  H HA   . GLU A 1 12 ? -1.946  -4.419 -0.540 1.00 0.00 ? 12 GLU A HA   6  
ATOM 905  H HB3  . GLU A 1 12 ? -1.184  -3.274 -3.017 1.00 0.00 ? 12 GLU A HB3  6  
ATOM 906  H HG3  . GLU A 1 12 ? -3.983  -3.811 -1.916 1.00 0.00 ? 12 GLU A HG3  6  
ATOM 907  N N    . ASP A 1 1  ? 4.099   -5.531 -1.034 1.00 0.00 ? 1  ASP A N    7  
ATOM 908  C CA   . ASP A 1 1  ? 4.294   -5.256 0.378  1.00 0.00 ? 1  ASP A CA   7  
ATOM 909  C C    . ASP A 1 1  ? 3.104   -4.450 0.905  1.00 0.00 ? 1  ASP A C    7  
ATOM 910  O O    . ASP A 1 1  ? 2.147   -4.201 0.174  1.00 0.00 ? 1  ASP A O    7  
ATOM 911  C CB   . ASP A 1 1  ? 5.561   -4.432 0.610  1.00 0.00 ? 1  ASP A CB   7  
ATOM 912  C CG   . ASP A 1 1  ? 5.650   -3.140 -0.201 1.00 0.00 ? 1  ASP A CG   7  
ATOM 913  O OD1  . ASP A 1 1  ? 6.093   -3.230 -1.367 1.00 0.00 ? 1  ASP A OD1  7  
ATOM 914  O OD2  . ASP A 1 1  ? 5.272   -2.089 0.361  1.00 0.00 ? 1  ASP A OD2  7  
ATOM 915  H H1   . ASP A 1 1  ? 3.865   -4.735 -1.591 1.00 0.00 ? 1  ASP A H1   7  
ATOM 916  H HA   . ASP A 1 1  ? 4.377   -6.235 0.852  1.00 0.00 ? 1  ASP A HA   7  
ATOM 917  H HB3  . ASP A 1 1  ? 6.427   -5.052 0.375  1.00 0.00 ? 1  ASP A HB3  7  
ATOM 918  N N    . LYS A 1 2  ? 3.204   -4.065 2.170  1.00 0.00 ? 2  LYS A N    7  
ATOM 919  C CA   . LYS A 1 2  ? 2.147   -3.293 2.802  1.00 0.00 ? 2  LYS A CA   7  
ATOM 920  C C    . LYS A 1 2  ? 2.721   -1.964 3.299  1.00 0.00 ? 2  LYS A C    7  
ATOM 921  O O    . LYS A 1 2  ? 3.728   -1.946 4.004  1.00 0.00 ? 2  LYS A O    7  
ATOM 922  C CB   . LYS A 1 2  ? 1.464   -4.116 3.896  1.00 0.00 ? 2  LYS A CB   7  
ATOM 923  C CG   . LYS A 1 2  ? 0.531   -3.243 4.736  1.00 0.00 ? 2  LYS A CG   7  
ATOM 924  C CD   . LYS A 1 2  ? -0.931  -3.646 4.530  1.00 0.00 ? 2  LYS A CD   7  
ATOM 925  C CE   . LYS A 1 2  ? -1.112  -5.155 4.701  1.00 0.00 ? 2  LYS A CE   7  
ATOM 926  N NZ   . LYS A 1 2  ? -2.308  -5.444 5.524  1.00 0.00 ? 2  LYS A NZ   7  
ATOM 927  H H    . LYS A 1 2  ? 3.987   -4.272 2.757  1.00 0.00 ? 2  LYS A H    7  
ATOM 928  H HA   . LYS A 1 2  ? 1.397   -3.081 2.041  1.00 0.00 ? 2  LYS A HA   7  
ATOM 929  H HB3  . LYS A 1 2  ? 2.218   -4.571 4.538  1.00 0.00 ? 2  LYS A HB3  7  
ATOM 930  H HG3  . LYS A 1 2  ? 0.664   -2.195 4.464  1.00 0.00 ? 2  LYS A HG3  7  
ATOM 931  H HD3  . LYS A 1 2  ? -1.258  -3.347 3.534  1.00 0.00 ? 2  LYS A HD3  7  
ATOM 932  H HE3  . LYS A 1 2  ? -0.227  -5.582 5.172  1.00 0.00 ? 2  LYS A HE3  7  
ATOM 933  H HZ1  . LYS A 1 2  ? -2.877  -4.623 5.585  1.00 0.00 ? 2  LYS A HZ1  7  
ATOM 934  H HZ2  . LYS A 1 2  ? -2.832  -6.183 5.102  1.00 0.00 ? 2  LYS A HZ2  7  
ATOM 935  H HZ3  . LYS A 1 2  ? -2.022  -5.719 6.442  1.00 0.00 ? 2  LYS A HZ3  7  
ATOM 936  N N    . ASN A 1 3  ? 2.056   -0.887 2.911  1.00 0.00 ? 3  ASN A N    7  
ATOM 937  C CA   . ASN A 1 3  ? 2.487   0.442  3.309  1.00 0.00 ? 3  ASN A CA   7  
ATOM 938  C C    . ASN A 1 3  ? 1.258   1.319  3.557  1.00 0.00 ? 3  ASN A C    7  
ATOM 939  O O    . ASN A 1 3  ? 1.063   1.821  4.664  1.00 0.00 ? 3  ASN A O    7  
ATOM 940  C CB   . ASN A 1 3  ? 3.325   1.100  2.212  1.00 0.00 ? 3  ASN A CB   7  
ATOM 941  C CG   . ASN A 1 3  ? 4.751   1.367  2.695  1.00 0.00 ? 3  ASN A CG   7  
ATOM 942  O OD1  . ASN A 1 3  ? 5.515   0.460  2.987  1.00 0.00 ? 3  ASN A OD1  7  
ATOM 943  N ND2  . ASN A 1 3  ? 5.069   2.657  2.763  1.00 0.00 ? 3  ASN A ND2  7  
ATOM 944  H H    . ASN A 1 3  ? 1.238   -0.912 2.337  1.00 0.00 ? 3  ASN A H    7  
ATOM 945  H HA   . ASN A 1 3  ? 3.082   0.292  4.210  1.00 0.00 ? 3  ASN A HA   7  
ATOM 946  H HB3  . ASN A 1 3  ? 2.860   2.039  1.907  1.00 0.00 ? 3  ASN A HB3  7  
ATOM 947  H HD21 . ASN A 1 3  ? 4.397   3.351  2.508  1.00 0.00 ? 3  ASN A HD21 7  
ATOM 948  H HD22 . ASN A 1 3  ? 5.981   2.932  3.068  1.00 0.00 ? 3  ASN A HD22 7  
ATOM 949  N N    . GLY A 1 4  ? 0.463   1.478  2.509  1.00 0.00 ? 4  GLY A N    7  
ATOM 950  C CA   . GLY A 1 4  ? -0.741  2.286  2.601  1.00 0.00 ? 4  GLY A CA   7  
ATOM 951  C C    . GLY A 1 4  ? -0.942  3.113  1.329  1.00 0.00 ? 4  GLY A C    7  
ATOM 952  O O    . GLY A 1 4  ? -2.075  3.380  0.930  1.00 0.00 ? 4  GLY A O    7  
ATOM 953  H H    . GLY A 1 4  ? 0.629   1.066  1.612  1.00 0.00 ? 4  GLY A H    7  
ATOM 954  H HA2  . GLY A 1 4  ? -1.606  1.641  2.758  1.00 0.00 ? 4  GLY A HA2  7  
ATOM 955  H HA3  . GLY A 1 4  ? -0.676  2.949  3.463  1.00 0.00 ? 4  GLY A HA3  7  
ATOM 956  N N    . ASP A 1 5  ? 0.174   3.498  0.729  1.00 0.00 ? 5  ASP A N    7  
ATOM 957  C CA   . ASP A 1 5  ? 0.134   4.290  -0.488 1.00 0.00 ? 5  ASP A CA   7  
ATOM 958  C C    . ASP A 1 5  ? 1.088   3.682  -1.519 1.00 0.00 ? 5  ASP A C    7  
ATOM 959  O O    . ASP A 1 5  ? 0.739   3.552  -2.691 1.00 0.00 ? 5  ASP A O    7  
ATOM 960  C CB   . ASP A 1 5  ? 0.582   5.731  -0.224 1.00 0.00 ? 5  ASP A CB   7  
ATOM 961  C CG   . ASP A 1 5  ? 2.061   5.892  0.131  1.00 0.00 ? 5  ASP A CG   7  
ATOM 962  O OD1  . ASP A 1 5  ? 2.392   5.656  1.313  1.00 0.00 ? 5  ASP A OD1  7  
ATOM 963  O OD2  . ASP A 1 5  ? 2.829   6.250  -0.789 1.00 0.00 ? 5  ASP A OD2  7  
ATOM 964  H H    . ASP A 1 5  ? 1.093   3.277  1.059  1.00 0.00 ? 5  ASP A H    7  
ATOM 965  H HA   . ASP A 1 5  ? -0.905  4.264  -0.814 1.00 0.00 ? 5  ASP A HA   7  
ATOM 966  H HB3  . ASP A 1 5  ? -0.018  6.137  0.590  1.00 0.00 ? 5  ASP A HB3  7  
ATOM 967  N N    . GLY A 1 6  ? 2.272   3.326  -1.045 1.00 0.00 ? 6  GLY A N    7  
ATOM 968  C CA   . GLY A 1 6  ? 3.279   2.734  -1.911 1.00 0.00 ? 6  GLY A CA   7  
ATOM 969  C C    . GLY A 1 6  ? 2.656   1.687  -2.838 1.00 0.00 ? 6  GLY A C    7  
ATOM 970  O O    . GLY A 1 6  ? 2.497   1.928  -4.033 1.00 0.00 ? 6  GLY A O    7  
ATOM 971  H H    . GLY A 1 6  ? 2.548   3.436  -0.091 1.00 0.00 ? 6  GLY A H    7  
ATOM 972  H HA2  . GLY A 1 6  ? 3.755   3.514  -2.505 1.00 0.00 ? 6  GLY A HA2  7  
ATOM 973  H HA3  . GLY A 1 6  ? 4.058   2.271  -1.306 1.00 0.00 ? 6  GLY A HA3  7  
ATOM 974  N N    . GLU A 1 7  ? 2.321   0.548  -2.250 1.00 0.00 ? 7  GLU A N    7  
ATOM 975  C CA   . GLU A 1 7  ? 1.720   -0.536 -3.008 1.00 0.00 ? 7  GLU A CA   7  
ATOM 976  C C    . GLU A 1 7  ? 0.255   -0.220 -3.317 1.00 0.00 ? 7  GLU A C    7  
ATOM 977  O O    . GLU A 1 7  ? -0.621  -0.440 -2.483 1.00 0.00 ? 7  GLU A O    7  
ATOM 978  C CB   . GLU A 1 7  ? 1.848   -1.864 -2.260 1.00 0.00 ? 7  GLU A CB   7  
ATOM 979  C CG   . GLU A 1 7  ? 3.113   -1.890 -1.399 1.00 0.00 ? 7  GLU A CG   7  
ATOM 980  C CD   . GLU A 1 7  ? 4.296   -1.271 -2.146 1.00 0.00 ? 7  GLU A CD   7  
ATOM 981  O OE1  . GLU A 1 7  ? 4.724   -1.890 -3.144 1.00 0.00 ? 7  GLU A OE1  7  
ATOM 982  O OE2  . GLU A 1 7  ? 4.747   -0.193 -1.701 1.00 0.00 ? 7  GLU A OE2  7  
ATOM 983  H H    . GLU A 1 7  ? 2.454   0.360  -1.277 1.00 0.00 ? 7  GLU A H    7  
ATOM 984  H HA   . GLU A 1 7  ? 2.290   -0.592 -3.935 1.00 0.00 ? 7  GLU A HA   7  
ATOM 985  H HB3  . GLU A 1 7  ? 1.874   -2.688 -2.974 1.00 0.00 ? 7  GLU A HB3  7  
ATOM 986  H HG3  . GLU A 1 7  ? 3.349   -2.918 -1.124 1.00 0.00 ? 7  GLU A HG3  7  
ATOM 987  N N    . VAL A 1 8  ? 0.035   0.292  -4.519 1.00 0.00 ? 8  VAL A N    7  
ATOM 988  C CA   . VAL A 1 8  ? -1.308  0.641  -4.949 1.00 0.00 ? 8  VAL A CA   7  
ATOM 989  C C    . VAL A 1 8  ? -2.144  1.036  -3.730 1.00 0.00 ? 8  VAL A C    7  
ATOM 990  O O    . VAL A 1 8  ? -3.315  0.672  -3.630 1.00 0.00 ? 8  VAL A O    7  
ATOM 991  C CB   . VAL A 1 8  ? -1.920  -0.514 -5.744 1.00 0.00 ? 8  VAL A CB   7  
ATOM 992  C CG1  . VAL A 1 8  ? -2.128  -1.742 -4.854 1.00 0.00 ? 8  VAL A CG1  7  
ATOM 993  C CG2  . VAL A 1 8  ? -3.232  -0.089 -6.408 1.00 0.00 ? 8  VAL A CG2  7  
ATOM 994  H H    . VAL A 1 8  ? 0.753   0.469  -5.193 1.00 0.00 ? 8  VAL A H    7  
ATOM 995  H HA   . VAL A 1 8  ? -1.228  1.502  -5.613 1.00 0.00 ? 8  VAL A HA   7  
ATOM 996  H HB   . VAL A 1 8  ? -1.219  -0.788 -6.532 1.00 0.00 ? 8  VAL A HB   7  
ATOM 997  H HG11 . VAL A 1 8  ? -2.906  -2.374 -5.284 1.00 0.00 ? 8  VAL A HG11 7  
ATOM 998  H HG12 . VAL A 1 8  ? -1.198  -2.304 -4.789 1.00 0.00 ? 8  VAL A HG12 7  
ATOM 999  H HG13 . VAL A 1 8  ? -2.431  -1.421 -3.858 1.00 0.00 ? 8  VAL A HG13 7  
ATOM 1000 H HG21 . VAL A 1 8  ? -4.046  -0.168 -5.687 1.00 0.00 ? 8  VAL A HG21 7  
ATOM 1001 H HG22 . VAL A 1 8  ? -3.147  0.942  -6.750 1.00 0.00 ? 8  VAL A HG22 7  
ATOM 1002 H HG23 . VAL A 1 8  ? -3.435  -0.739 -7.259 1.00 0.00 ? 8  VAL A HG23 7  
ATOM 1003 N N    . SER A 1 9  ? -1.508  1.773  -2.830 1.00 0.00 ? 9  SER A N    7  
ATOM 1004 C CA   . SER A 1 9  ? -2.177  2.220  -1.621 1.00 0.00 ? 9  SER A CA   7  
ATOM 1005 C C    . SER A 1 9  ? -3.160  1.150  -1.140 1.00 0.00 ? 9  SER A C    7  
ATOM 1006 O O    . SER A 1 9  ? -2.973  -0.035 -1.411 1.00 0.00 ? 9  SER A O    7  
ATOM 1007 C CB   . SER A 1 9  ? -2.907  3.545  -1.853 1.00 0.00 ? 9  SER A CB   7  
ATOM 1008 O OG   . SER A 1 9  ? -2.136  4.447  -2.641 1.00 0.00 ? 9  SER A OG   7  
ATOM 1009 H H    . SER A 1 9  ? -0.556  2.063  -2.918 1.00 0.00 ? 9  SER A H    7  
ATOM 1010 H HA   . SER A 1 9  ? -1.383  2.367  -0.889 1.00 0.00 ? 9  SER A HA   7  
ATOM 1011 H HB3  . SER A 1 9  ? -3.135  4.005  -0.892 1.00 0.00 ? 9  SER A HB3  7  
ATOM 1012 H HG   . SER A 1 9  ? -2.695  5.234  -2.903 1.00 0.00 ? 9  SER A HG   7  
ATOM 1013 N N    . PHE A 1 10 ? -4.183  1.606  -0.435 1.00 0.00 ? 10 PHE A N    7  
ATOM 1014 C CA   . PHE A 1 10 ? -5.196  0.704  0.086  1.00 0.00 ? 10 PHE A CA   7  
ATOM 1015 C C    . PHE A 1 10 ? -4.565  -0.376 0.968  1.00 0.00 ? 10 PHE A C    7  
ATOM 1016 O O    . PHE A 1 10 ? -4.931  -1.547 0.879  1.00 0.00 ? 10 PHE A O    7  
ATOM 1017 C CB   . PHE A 1 10 ? -5.862  0.037  -1.118 1.00 0.00 ? 10 PHE A CB   7  
ATOM 1018 C CG   . PHE A 1 10 ? -7.364  0.317  -1.233 1.00 0.00 ? 10 PHE A CG   7  
ATOM 1019 C CD1  . PHE A 1 10 ? -7.800  1.416  -1.903 1.00 0.00 ? 10 PHE A CD1  7  
ATOM 1020 C CD2  . PHE A 1 10 ? -8.259  -0.535 -0.665 1.00 0.00 ? 10 PHE A CD2  7  
ATOM 1021 C CE1  . PHE A 1 10 ? -9.192  1.675  -2.009 1.00 0.00 ? 10 PHE A CE1  7  
ATOM 1022 C CE2  . PHE A 1 10 ? -9.650  -0.275 -0.772 1.00 0.00 ? 10 PHE A CE2  7  
ATOM 1023 C CZ   . PHE A 1 10 ? -10.089 0.825  -1.441 1.00 0.00 ? 10 PHE A CZ   7  
ATOM 1024 H H    . PHE A 1 10 ? -4.328  2.573  -0.218 1.00 0.00 ? 10 PHE A H    7  
ATOM 1025 H HA   . PHE A 1 10 ? -5.886  1.300  0.684  1.00 0.00 ? 10 PHE A HA   7  
ATOM 1026 H HB3  . PHE A 1 10 ? -5.709  -1.041 -1.056 1.00 0.00 ? 10 PHE A HB3  7  
ATOM 1027 H HD1  . PHE A 1 10 ? -7.082  2.098  -2.358 1.00 0.00 ? 10 PHE A HD1  7  
ATOM 1028 H HD2  . PHE A 1 10 ? -7.907  -1.417 -0.128 1.00 0.00 ? 10 PHE A HD2  7  
ATOM 1029 H HE1  . PHE A 1 10 ? -9.543  2.558  -2.546 1.00 0.00 ? 10 PHE A HE1  7  
ATOM 1030 H HE2  . PHE A 1 10 ? -10.368 -0.957 -0.315 1.00 0.00 ? 10 PHE A HE2  7  
ATOM 1031 H HZ   . PHE A 1 10 ? -11.157 1.025  -1.522 1.00 0.00 ? 10 PHE A HZ   7  
ATOM 1032 N N    . GLU A 1 11 ? -3.628  0.056  1.798  1.00 0.00 ? 11 GLU A N    7  
ATOM 1033 C CA   . GLU A 1 11 ? -2.943  -0.860 2.696  1.00 0.00 ? 11 GLU A CA   7  
ATOM 1034 C C    . GLU A 1 11 ? -2.705  -2.203 2.003  1.00 0.00 ? 11 GLU A C    7  
ATOM 1035 O O    . GLU A 1 11 ? -3.167  -3.240 2.477  1.00 0.00 ? 11 GLU A O    7  
ATOM 1036 C CB   . GLU A 1 11 ? -3.728  -1.044 3.996  1.00 0.00 ? 11 GLU A CB   7  
ATOM 1037 C CG   . GLU A 1 11 ? -2.938  -0.516 5.193  1.00 0.00 ? 11 GLU A CG   7  
ATOM 1038 C CD   . GLU A 1 11 ? -2.340  0.861  4.892  1.00 0.00 ? 11 GLU A CD   7  
ATOM 1039 O OE1  . GLU A 1 11 ? -3.098  1.707  4.371  1.00 0.00 ? 11 GLU A OE1  7  
ATOM 1040 O OE2  . GLU A 1 11 ? -1.139  1.034  5.190  1.00 0.00 ? 11 GLU A OE2  7  
ATOM 1041 H H    . GLU A 1 11 ? -3.335  1.009  1.865  1.00 0.00 ? 11 GLU A H    7  
ATOM 1042 H HA   . GLU A 1 11 ? -1.988  -0.384 2.919  1.00 0.00 ? 11 GLU A HA   7  
ATOM 1043 H HB3  . GLU A 1 11 ? -3.954  -2.101 4.141  1.00 0.00 ? 11 GLU A HB3  7  
ATOM 1044 H HG3  . GLU A 1 11 ? -2.141  -1.216 5.446  1.00 0.00 ? 11 GLU A HG3  7  
ATOM 1045 N N    . GLU A 1 12 ? -1.986  -2.141 0.892  1.00 0.00 ? 12 GLU A N    7  
ATOM 1046 C CA   . GLU A 1 12 ? -1.681  -3.340 0.131  1.00 0.00 ? 12 GLU A CA   7  
ATOM 1047 C C    . GLU A 1 12 ? -0.375  -3.966 0.624  1.00 0.00 ? 12 GLU A C    7  
ATOM 1048 O O    . GLU A 1 12 ? -0.339  -5.148 0.962  1.00 0.00 ? 12 GLU A O    7  
ATOM 1049 C CB   . GLU A 1 12 ? -1.608  -3.033 -1.368 1.00 0.00 ? 12 GLU A CB   7  
ATOM 1050 C CG   . GLU A 1 12 ? -2.604  -3.892 -2.152 1.00 0.00 ? 12 GLU A CG   7  
ATOM 1051 C CD   . GLU A 1 12 ? -2.066  -4.217 -3.547 1.00 0.00 ? 12 GLU A CD   7  
ATOM 1052 O OE1  . GLU A 1 12 ? -0.827  -4.195 -3.697 1.00 0.00 ? 12 GLU A OE1  7  
ATOM 1053 O OE2  . GLU A 1 12 ? -2.909  -4.482 -4.431 1.00 0.00 ? 12 GLU A OE2  7  
ATOM 1054 H H    . GLU A 1 12 ? -1.614  -1.293 0.514  1.00 0.00 ? 12 GLU A H    7  
ATOM 1055 H HA   . GLU A 1 12 ? -2.512  -4.019 0.316  1.00 0.00 ? 12 GLU A HA   7  
ATOM 1056 H HB3  . GLU A 1 12 ? -0.598  -3.218 -1.732 1.00 0.00 ? 12 GLU A HB3  7  
ATOM 1057 H HG3  . GLU A 1 12 ? -3.554  -3.365 -2.238 1.00 0.00 ? 12 GLU A HG3  7  
ATOM 1058 N N    . ASP A 1 1  ? 4.039   -5.350 -0.993 1.00 0.00 ? 1  ASP A N    8  
ATOM 1059 C CA   . ASP A 1 1  ? 4.071   -5.150 0.445  1.00 0.00 ? 1  ASP A CA   8  
ATOM 1060 C C    . ASP A 1 1  ? 2.858   -4.318 0.867  1.00 0.00 ? 1  ASP A C    8  
ATOM 1061 O O    . ASP A 1 1  ? 1.954   -4.083 0.068  1.00 0.00 ? 1  ASP A O    8  
ATOM 1062 C CB   . ASP A 1 1  ? 5.332   -4.394 0.868  1.00 0.00 ? 1  ASP A CB   8  
ATOM 1063 C CG   . ASP A 1 1  ? 5.314   -2.893 0.577  1.00 0.00 ? 1  ASP A CG   8  
ATOM 1064 O OD1  . ASP A 1 1  ? 4.554   -2.188 1.276  1.00 0.00 ? 1  ASP A OD1  8  
ATOM 1065 O OD2  . ASP A 1 1  ? 6.061   -2.483 -0.338 1.00 0.00 ? 1  ASP A OD2  8  
ATOM 1066 H H1   . ASP A 1 1  ? 3.939   -4.515 -1.534 1.00 0.00 ? 1  ASP A H1   8  
ATOM 1067 H HA   . ASP A 1 1  ? 4.059   -6.152 0.875  1.00 0.00 ? 1  ASP A HA   8  
ATOM 1068 H HB3  . ASP A 1 1  ? 6.190   -4.837 0.361  1.00 0.00 ? 1  ASP A HB3  8  
ATOM 1069 N N    . LYS A 1 2  ? 2.877   -3.897 2.122  1.00 0.00 ? 2  LYS A N    8  
ATOM 1070 C CA   . LYS A 1 2  ? 1.791   -3.096 2.661  1.00 0.00 ? 2  LYS A CA   8  
ATOM 1071 C C    . LYS A 1 2  ? 2.363   -1.822 3.288  1.00 0.00 ? 2  LYS A C    8  
ATOM 1072 O O    . LYS A 1 2  ? 3.060   -1.883 4.299  1.00 0.00 ? 2  LYS A O    8  
ATOM 1073 C CB   . LYS A 1 2  ? 0.939   -3.925 3.623  1.00 0.00 ? 2  LYS A CB   8  
ATOM 1074 C CG   . LYS A 1 2  ? -0.352  -3.190 3.988  1.00 0.00 ? 2  LYS A CG   8  
ATOM 1075 C CD   . LYS A 1 2  ? -1.381  -4.152 4.585  1.00 0.00 ? 2  LYS A CD   8  
ATOM 1076 C CE   . LYS A 1 2  ? -0.702  -5.210 5.456  1.00 0.00 ? 2  LYS A CE   8  
ATOM 1077 N NZ   . LYS A 1 2  ? -1.679  -5.821 6.386  1.00 0.00 ? 2  LYS A NZ   8  
ATOM 1078 H H    . LYS A 1 2  ? 3.617   -4.092 2.767  1.00 0.00 ? 2  LYS A H    8  
ATOM 1079 H HA   . LYS A 1 2  ? 1.150   -2.812 1.827  1.00 0.00 ? 2  LYS A HA   8  
ATOM 1080 H HB3  . LYS A 1 2  ? 1.509   -4.137 4.528  1.00 0.00 ? 2  LYS A HB3  8  
ATOM 1081 H HG3  . LYS A 1 2  ? -0.767  -2.714 3.099  1.00 0.00 ? 2  LYS A HG3  8  
ATOM 1082 H HD3  . LYS A 1 2  ? -1.938  -4.638 3.783  1.00 0.00 ? 2  LYS A HD3  8  
ATOM 1083 H HE3  . LYS A 1 2  ? 0.113   -4.757 6.021  1.00 0.00 ? 2  LYS A HE3  8  
ATOM 1084 H HZ1  . LYS A 1 2  ? -1.211  -6.102 7.223  1.00 0.00 ? 2  LYS A HZ1  8  
ATOM 1085 H HZ2  . LYS A 1 2  ? -2.389  -5.154 6.609  1.00 0.00 ? 2  LYS A HZ2  8  
ATOM 1086 H HZ3  . LYS A 1 2  ? -2.096  -6.619 5.953  1.00 0.00 ? 2  LYS A HZ3  8  
ATOM 1087 N N    . ASN A 1 3  ? 2.046   -0.699 2.660  1.00 0.00 ? 3  ASN A N    8  
ATOM 1088 C CA   . ASN A 1 3  ? 2.518   0.586  3.145  1.00 0.00 ? 3  ASN A CA   8  
ATOM 1089 C C    . ASN A 1 3  ? 1.320   1.501  3.406  1.00 0.00 ? 3  ASN A C    8  
ATOM 1090 O O    . ASN A 1 3  ? 1.090   1.920  4.540  1.00 0.00 ? 3  ASN A O    8  
ATOM 1091 C CB   . ASN A 1 3  ? 3.416   1.269  2.109  1.00 0.00 ? 3  ASN A CB   8  
ATOM 1092 C CG   . ASN A 1 3  ? 4.829   1.474  2.660  1.00 0.00 ? 3  ASN A CG   8  
ATOM 1093 O OD1  . ASN A 1 3  ? 5.040   2.100  3.684  1.00 0.00 ? 3  ASN A OD1  8  
ATOM 1094 N ND2  . ASN A 1 3  ? 5.783   0.911  1.921  1.00 0.00 ? 3  ASN A ND2  8  
ATOM 1095 H H    . ASN A 1 3  ? 1.478   -0.658 1.839  1.00 0.00 ? 3  ASN A H    8  
ATOM 1096 H HA   . ASN A 1 3  ? 3.078   0.363  4.053  1.00 0.00 ? 3  ASN A HA   8  
ATOM 1097 H HB3  . ASN A 1 3  ? 2.988   2.231  1.829  1.00 0.00 ? 3  ASN A HB3  8  
ATOM 1098 H HD21 . ASN A 1 3  ? 5.543   0.410  1.090  1.00 0.00 ? 3  ASN A HD21 8  
ATOM 1099 H HD22 . ASN A 1 3  ? 6.741   0.989  2.199  1.00 0.00 ? 3  ASN A HD22 8  
ATOM 1100 N N    . GLY A 1 4  ? 0.589   1.785  2.339  1.00 0.00 ? 4  GLY A N    8  
ATOM 1101 C CA   . GLY A 1 4  ? -0.581  2.642  2.439  1.00 0.00 ? 4  GLY A CA   8  
ATOM 1102 C C    . GLY A 1 4  ? -0.743  3.495  1.180  1.00 0.00 ? 4  GLY A C    8  
ATOM 1103 O O    . GLY A 1 4  ? -1.860  3.859  0.812  1.00 0.00 ? 4  GLY A O    8  
ATOM 1104 H H    . GLY A 1 4  ? 0.782   1.439  1.419  1.00 0.00 ? 4  GLY A H    8  
ATOM 1105 H HA2  . GLY A 1 4  ? -1.471  2.032  2.586  1.00 0.00 ? 4  GLY A HA2  8  
ATOM 1106 H HA3  . GLY A 1 4  ? -0.489  3.288  3.311  1.00 0.00 ? 4  GLY A HA3  8  
ATOM 1107 N N    . ASP A 1 5  ? 0.386   3.793  0.554  1.00 0.00 ? 5  ASP A N    8  
ATOM 1108 C CA   . ASP A 1 5  ? 0.383   4.597  -0.655 1.00 0.00 ? 5  ASP A CA   8  
ATOM 1109 C C    . ASP A 1 5  ? 1.270   3.932  -1.708 1.00 0.00 ? 5  ASP A C    8  
ATOM 1110 O O    . ASP A 1 5  ? 0.880   3.812  -2.869 1.00 0.00 ? 5  ASP A O    8  
ATOM 1111 C CB   . ASP A 1 5  ? 0.938   5.998  -0.387 1.00 0.00 ? 5  ASP A CB   8  
ATOM 1112 C CG   . ASP A 1 5  ? 2.431   6.050  -0.062 1.00 0.00 ? 5  ASP A CG   8  
ATOM 1113 O OD1  . ASP A 1 5  ? 2.835   5.324  0.872  1.00 0.00 ? 5  ASP A OD1  8  
ATOM 1114 O OD2  . ASP A 1 5  ? 3.136   6.816  -0.754 1.00 0.00 ? 5  ASP A OD2  8  
ATOM 1115 H H    . ASP A 1 5  ? 1.290   3.493  0.862  1.00 0.00 ? 5  ASP A H    8  
ATOM 1116 H HA   . ASP A 1 5  ? -0.662  4.648  -0.963 1.00 0.00 ? 5  ASP A HA   8  
ATOM 1117 H HB3  . ASP A 1 5  ? 0.386   6.438  0.443  1.00 0.00 ? 5  ASP A HB3  8  
ATOM 1118 N N    . GLY A 1 6  ? 2.448   3.516  -1.266 1.00 0.00 ? 6  GLY A N    8  
ATOM 1119 C CA   . GLY A 1 6  ? 3.395   2.865  -2.156 1.00 0.00 ? 6  GLY A CA   8  
ATOM 1120 C C    . GLY A 1 6  ? 2.721   1.738  -2.943 1.00 0.00 ? 6  GLY A C    8  
ATOM 1121 O O    . GLY A 1 6  ? 2.499   1.865  -4.146 1.00 0.00 ? 6  GLY A O    8  
ATOM 1122 H H    . GLY A 1 6  ? 2.759   3.617  -0.321 1.00 0.00 ? 6  GLY A H    8  
ATOM 1123 H HA2  . GLY A 1 6  ? 3.813   3.597  -2.847 1.00 0.00 ? 6  GLY A HA2  8  
ATOM 1124 H HA3  . GLY A 1 6  ? 4.225   2.461  -1.578 1.00 0.00 ? 6  GLY A HA3  8  
ATOM 1125 N N    . GLU A 1 7  ? 2.415   0.663  -2.233 1.00 0.00 ? 7  GLU A N    8  
ATOM 1126 C CA   . GLU A 1 7  ? 1.772   -0.485 -2.850 1.00 0.00 ? 7  GLU A CA   8  
ATOM 1127 C C    . GLU A 1 7  ? 0.316   -0.159 -3.187 1.00 0.00 ? 7  GLU A C    8  
ATOM 1128 O O    . GLU A 1 7  ? -0.569  -0.308 -2.345 1.00 0.00 ? 7  GLU A O    8  
ATOM 1129 C CB   . GLU A 1 7  ? 1.863   -1.716 -1.949 1.00 0.00 ? 7  GLU A CB   8  
ATOM 1130 C CG   . GLU A 1 7  ? 3.196   -1.748 -1.196 1.00 0.00 ? 7  GLU A CG   8  
ATOM 1131 C CD   . GLU A 1 7  ? 4.335   -1.229 -2.077 1.00 0.00 ? 7  GLU A CD   8  
ATOM 1132 O OE1  . GLU A 1 7  ? 4.703   -1.964 -3.019 1.00 0.00 ? 7  GLU A OE1  8  
ATOM 1133 O OE2  . GLU A 1 7  ? 4.813   -0.111 -1.788 1.00 0.00 ? 7  GLU A OE2  8  
ATOM 1134 H H    . GLU A 1 7  ? 2.600   0.568  -1.255 1.00 0.00 ? 7  GLU A H    8  
ATOM 1135 H HA   . GLU A 1 7  ? 2.332   -0.671 -3.768 1.00 0.00 ? 7  GLU A HA   8  
ATOM 1136 H HB3  . GLU A 1 7  ? 1.760   -2.621 -2.548 1.00 0.00 ? 7  GLU A HB3  8  
ATOM 1137 H HG3  . GLU A 1 7  ? 3.413   -2.767 -0.875 1.00 0.00 ? 7  GLU A HG3  8  
ATOM 1138 N N    . VAL A 1 8  ? 0.111   0.281  -4.421 1.00 0.00 ? 8  VAL A N    8  
ATOM 1139 C CA   . VAL A 1 8  ? -1.224  0.629  -4.879 1.00 0.00 ? 8  VAL A CA   8  
ATOM 1140 C C    . VAL A 1 8  ? -2.061  1.100  -3.688 1.00 0.00 ? 8  VAL A C    8  
ATOM 1141 O O    . VAL A 1 8  ? -3.215  0.702  -3.540 1.00 0.00 ? 8  VAL A O    8  
ATOM 1142 C CB   . VAL A 1 8  ? -1.849  -0.556 -5.618 1.00 0.00 ? 8  VAL A CB   8  
ATOM 1143 C CG1  . VAL A 1 8  ? -2.052  -1.744 -4.677 1.00 0.00 ? 8  VAL A CG1  8  
ATOM 1144 C CG2  . VAL A 1 8  ? -3.166  -0.153 -6.285 1.00 0.00 ? 8  VAL A CG2  8  
ATOM 1145 H H    . VAL A 1 8  ? 0.835   0.400  -5.099 1.00 0.00 ? 8  VAL A H    8  
ATOM 1146 H HA   . VAL A 1 8  ? -1.125  1.453  -5.585 1.00 0.00 ? 8  VAL A HA   8  
ATOM 1147 H HB   . VAL A 1 8  ? -1.158  -0.864 -6.403 1.00 0.00 ? 8  VAL A HB   8  
ATOM 1148 H HG11 . VAL A 1 8  ? -1.087  -2.066 -4.283 1.00 0.00 ? 8  VAL A HG11 8  
ATOM 1149 H HG12 . VAL A 1 8  ? -2.699  -1.448 -3.851 1.00 0.00 ? 8  VAL A HG12 8  
ATOM 1150 H HG13 . VAL A 1 8  ? -2.514  -2.566 -5.223 1.00 0.00 ? 8  VAL A HG13 8  
ATOM 1151 H HG21 . VAL A 1 8  ? -3.259  0.933  -6.277 1.00 0.00 ? 8  VAL A HG21 8  
ATOM 1152 H HG22 . VAL A 1 8  ? -3.176  -0.511 -7.313 1.00 0.00 ? 8  VAL A HG22 8  
ATOM 1153 H HG23 . VAL A 1 8  ? -3.999  -0.594 -5.737 1.00 0.00 ? 8  VAL A HG23 8  
ATOM 1154 N N    . SER A 1 9  ? -1.446  1.941  -2.869 1.00 0.00 ? 9  SER A N    8  
ATOM 1155 C CA   . SER A 1 9  ? -2.120  2.470  -1.696 1.00 0.00 ? 9  SER A CA   8  
ATOM 1156 C C    . SER A 1 9  ? -2.899  1.356  -0.992 1.00 0.00 ? 9  SER A C    8  
ATOM 1157 O O    . SER A 1 9  ? -2.588  0.177  -1.157 1.00 0.00 ? 9  SER A O    8  
ATOM 1158 C CB   . SER A 1 9  ? -3.058  3.618  -2.070 1.00 0.00 ? 9  SER A CB   8  
ATOM 1159 O OG   . SER A 1 9  ? -2.495  4.465  -3.069 1.00 0.00 ? 9  SER A OG   8  
ATOM 1160 H H    . SER A 1 9  ? -0.507  2.260  -2.995 1.00 0.00 ? 9  SER A H    8  
ATOM 1161 H HA   . SER A 1 9  ? -1.326  2.846  -1.051 1.00 0.00 ? 9  SER A HA   8  
ATOM 1162 H HB3  . SER A 1 9  ? -3.284  4.208  -1.181 1.00 0.00 ? 9  SER A HB3  8  
ATOM 1163 H HG   . SER A 1 9  ? -3.192  5.090  -3.421 1.00 0.00 ? 9  SER A HG   8  
ATOM 1164 N N    . PHE A 1 10 ? -3.896  1.769  -0.223 1.00 0.00 ? 10 PHE A N    8  
ATOM 1165 C CA   . PHE A 1 10 ? -4.722  0.820  0.505  1.00 0.00 ? 10 PHE A CA   8  
ATOM 1166 C C    . PHE A 1 10 ? -3.873  -0.032 1.450  1.00 0.00 ? 10 PHE A C    8  
ATOM 1167 O O    . PHE A 1 10 ? -2.752  0.341  1.791  1.00 0.00 ? 10 PHE A O    8  
ATOM 1168 C CB   . PHE A 1 10 ? -5.378  -0.092 -0.534 1.00 0.00 ? 10 PHE A CB   8  
ATOM 1169 C CG   . PHE A 1 10 ? -6.906  -0.030 -0.537 1.00 0.00 ? 10 PHE A CG   8  
ATOM 1170 C CD1  . PHE A 1 10 ? -7.544  1.067  -1.024 1.00 0.00 ? 10 PHE A CD1  8  
ATOM 1171 C CD2  . PHE A 1 10 ? -7.630  -1.076 -0.052 1.00 0.00 ? 10 PHE A CD2  8  
ATOM 1172 C CE1  . PHE A 1 10 ? -8.963  1.125  -1.027 1.00 0.00 ? 10 PHE A CE1  8  
ATOM 1173 C CE2  . PHE A 1 10 ? -9.049  -1.019 -0.054 1.00 0.00 ? 10 PHE A CE2  8  
ATOM 1174 C CZ   . PHE A 1 10 ? -9.685  0.079  -0.542 1.00 0.00 ? 10 PHE A CZ   8  
ATOM 1175 H H    . PHE A 1 10 ? -4.143  2.729  -0.096 1.00 0.00 ? 10 PHE A H    8  
ATOM 1176 H HA   . PHE A 1 10 ? -5.441  1.398  1.086  1.00 0.00 ? 10 PHE A HA   8  
ATOM 1177 H HB3  . PHE A 1 10 ? -5.066  -1.119 -0.350 1.00 0.00 ? 10 PHE A HB3  8  
ATOM 1178 H HD1  . PHE A 1 10 ? -6.964  1.906  -1.414 1.00 0.00 ? 10 PHE A HD1  8  
ATOM 1179 H HD2  . PHE A 1 10 ? -7.120  -1.956 0.339  1.00 0.00 ? 10 PHE A HD2  8  
ATOM 1180 H HE1  . PHE A 1 10 ? -9.472  2.005  -1.418 1.00 0.00 ? 10 PHE A HE1  8  
ATOM 1181 H HE2  . PHE A 1 10 ? -9.628  -1.857 0.336  1.00 0.00 ? 10 PHE A HE2  8  
ATOM 1182 H HZ   . PHE A 1 10 ? -10.773 0.122  -0.543 1.00 0.00 ? 10 PHE A HZ   8  
ATOM 1183 N N    . GLU A 1 11 ? -4.441  -1.161 1.848  1.00 0.00 ? 11 GLU A N    8  
ATOM 1184 C CA   . GLU A 1 11 ? -3.750  -2.070 2.747  1.00 0.00 ? 11 GLU A CA   8  
ATOM 1185 C C    . GLU A 1 11 ? -3.131  -3.227 1.961  1.00 0.00 ? 11 GLU A C    8  
ATOM 1186 O O    . GLU A 1 11 ? -3.449  -4.389 2.206  1.00 0.00 ? 11 GLU A O    8  
ATOM 1187 C CB   . GLU A 1 11 ? -4.694  -2.588 3.833  1.00 0.00 ? 11 GLU A CB   8  
ATOM 1188 C CG   . GLU A 1 11 ? -4.915  -1.533 4.918  1.00 0.00 ? 11 GLU A CG   8  
ATOM 1189 C CD   . GLU A 1 11 ? -3.581  -1.003 5.447  1.00 0.00 ? 11 GLU A CD   8  
ATOM 1190 O OE1  . GLU A 1 11 ? -3.016  -1.675 6.338  1.00 0.00 ? 11 GLU A OE1  8  
ATOM 1191 O OE2  . GLU A 1 11 ? -3.156  0.062  4.949  1.00 0.00 ? 11 GLU A OE2  8  
ATOM 1192 H H    . GLU A 1 11 ? -5.353  -1.458 1.566  1.00 0.00 ? 11 GLU A H    8  
ATOM 1193 H HA   . GLU A 1 11 ? -2.964  -1.476 3.212  1.00 0.00 ? 11 GLU A HA   8  
ATOM 1194 H HB3  . GLU A 1 11 ? -4.280  -3.493 4.279  1.00 0.00 ? 11 GLU A HB3  8  
ATOM 1195 H HG3  . GLU A 1 11 ? -5.491  -1.963 5.739  1.00 0.00 ? 11 GLU A HG3  8  
ATOM 1196 N N    . GLU A 1 12 ? -2.259  -2.868 1.030  1.00 0.00 ? 12 GLU A N    8  
ATOM 1197 C CA   . GLU A 1 12 ? -1.592  -3.862 0.207  1.00 0.00 ? 12 GLU A CA   8  
ATOM 1198 C C    . GLU A 1 12 ? -0.426  -4.491 0.971  1.00 0.00 ? 12 GLU A C    8  
ATOM 1199 O O    . GLU A 1 12 ? -0.422  -5.696 1.223  1.00 0.00 ? 12 GLU A O    8  
ATOM 1200 C CB   . GLU A 1 12 ? -1.115  -3.250 -1.112 1.00 0.00 ? 12 GLU A CB   8  
ATOM 1201 C CG   . GLU A 1 12 ? -1.828  -3.891 -2.304 1.00 0.00 ? 12 GLU A CG   8  
ATOM 1202 C CD   . GLU A 1 12 ? -0.829  -4.280 -3.397 1.00 0.00 ? 12 GLU A CD   8  
ATOM 1203 O OE1  . GLU A 1 12 ? 0.320   -4.606 -3.025 1.00 0.00 ? 12 GLU A OE1  8  
ATOM 1204 O OE2  . GLU A 1 12 ? -1.236  -4.242 -4.577 1.00 0.00 ? 12 GLU A OE2  8  
ATOM 1205 H H    . GLU A 1 12 ? -2.006  -1.921 0.837  1.00 0.00 ? 12 GLU A H    8  
ATOM 1206 H HA   . GLU A 1 12 ? -2.348  -4.617 -0.004 1.00 0.00 ? 12 GLU A HA   8  
ATOM 1207 H HB3  . GLU A 1 12 ? -0.038  -3.385 -1.212 1.00 0.00 ? 12 GLU A HB3  8  
ATOM 1208 H HG3  . GLU A 1 12 ? -2.564  -3.198 -2.710 1.00 0.00 ? 12 GLU A HG3  8  
ATOM 1209 N N    . ASP A 1 1  ? 4.019   -5.339 -0.999 1.00 0.00 ? 1  ASP A N    9  
ATOM 1210 C CA   . ASP A 1 1  ? 4.025   -5.161 0.442  1.00 0.00 ? 1  ASP A CA   9  
ATOM 1211 C C    . ASP A 1 1  ? 2.825   -4.306 0.852  1.00 0.00 ? 1  ASP A C    9  
ATOM 1212 O O    . ASP A 1 1  ? 1.938   -4.042 0.038  1.00 0.00 ? 1  ASP A O    9  
ATOM 1213 C CB   . ASP A 1 1  ? 5.295   -4.444 0.903  1.00 0.00 ? 1  ASP A CB   9  
ATOM 1214 C CG   . ASP A 1 1  ? 5.321   -2.938 0.637  1.00 0.00 ? 1  ASP A CG   9  
ATOM 1215 O OD1  . ASP A 1 1  ? 4.630   -2.216 1.390  1.00 0.00 ? 1  ASP A OD1  9  
ATOM 1216 O OD2  . ASP A 1 1  ? 6.029   -2.542 -0.313 1.00 0.00 ? 1  ASP A OD2  9  
ATOM 1217 H H1   . ASP A 1 1  ? 3.956   -4.494 -1.529 1.00 0.00 ? 1  ASP A H1   9  
ATOM 1218 H HA   . ASP A 1 1  ? 3.978   -6.169 0.856  1.00 0.00 ? 1  ASP A HA   9  
ATOM 1219 H HB3  . ASP A 1 1  ? 6.151   -4.900 0.407  1.00 0.00 ? 1  ASP A HB3  9  
ATOM 1220 N N    . LYS A 1 2  ? 2.833   -3.894 2.111  1.00 0.00 ? 2  LYS A N    9  
ATOM 1221 C CA   . LYS A 1 2  ? 1.755   -3.074 2.637  1.00 0.00 ? 2  LYS A CA   9  
ATOM 1222 C C    . LYS A 1 2  ? 2.344   -1.811 3.271  1.00 0.00 ? 2  LYS A C    9  
ATOM 1223 O O    . LYS A 1 2  ? 3.037   -1.887 4.284  1.00 0.00 ? 2  LYS A O    9  
ATOM 1224 C CB   . LYS A 1 2  ? 0.878   -3.888 3.590  1.00 0.00 ? 2  LYS A CB   9  
ATOM 1225 C CG   . LYS A 1 2  ? -0.393  -3.118 3.959  1.00 0.00 ? 2  LYS A CG   9  
ATOM 1226 C CD   . LYS A 1 2  ? -1.431  -4.046 4.594  1.00 0.00 ? 2  LYS A CD   9  
ATOM 1227 C CE   . LYS A 1 2  ? -0.758  -5.096 5.481  1.00 0.00 ? 2  LYS A CE   9  
ATOM 1228 N NZ   . LYS A 1 2  ? -1.758  -5.759 6.348  1.00 0.00 ? 2  LYS A NZ   9  
ATOM 1229 H H    . LYS A 1 2  ? 3.555   -4.112 2.765  1.00 0.00 ? 2  LYS A H    9  
ATOM 1230 H HA   . LYS A 1 2  ? 1.128   -2.777 1.795  1.00 0.00 ? 2  LYS A HA   9  
ATOM 1231 H HB3  . LYS A 1 2  ? 1.439   -4.125 4.493  1.00 0.00 ? 2  LYS A HB3  9  
ATOM 1232 H HG3  . LYS A 1 2  ? -0.812  -2.653 3.066  1.00 0.00 ? 2  LYS A HG3  9  
ATOM 1233 H HD3  . LYS A 1 2  ? -2.008  -4.541 3.813  1.00 0.00 ? 2  LYS A HD3  9  
ATOM 1234 H HE3  . LYS A 1 2  ? 0.009   -4.624 6.095  1.00 0.00 ? 2  LYS A HE3  9  
ATOM 1235 H HZ1  . LYS A 1 2  ? -1.302  -6.438 6.923  1.00 0.00 ? 2  LYS A HZ1  9  
ATOM 1236 H HZ2  . LYS A 1 2  ? -2.202  -5.075 6.928  1.00 0.00 ? 2  LYS A HZ2  9  
ATOM 1237 H HZ3  . LYS A 1 2  ? -2.445  -6.210 5.779  1.00 0.00 ? 2  LYS A HZ3  9  
ATOM 1238 N N    . ASN A 1 3  ? 2.045   -0.680 2.647  1.00 0.00 ? 3  ASN A N    9  
ATOM 1239 C CA   . ASN A 1 3  ? 2.536   0.596  3.138  1.00 0.00 ? 3  ASN A CA   9  
ATOM 1240 C C    . ASN A 1 3  ? 1.351   1.523  3.410  1.00 0.00 ? 3  ASN A C    9  
ATOM 1241 O O    . ASN A 1 3  ? 1.136   1.948  4.544  1.00 0.00 ? 3  ASN A O    9  
ATOM 1242 C CB   . ASN A 1 3  ? 3.439   1.273  2.105  1.00 0.00 ? 3  ASN A CB   9  
ATOM 1243 C CG   . ASN A 1 3  ? 4.857   1.453  2.650  1.00 0.00 ? 3  ASN A CG   9  
ATOM 1244 O OD1  . ASN A 1 3  ? 5.508   0.516  3.083  1.00 0.00 ? 3  ASN A OD1  9  
ATOM 1245 N ND2  . ASN A 1 3  ? 5.298   2.706  2.604  1.00 0.00 ? 3  ASN A ND2  9  
ATOM 1246 H H    . ASN A 1 3  ? 1.480   -0.628 1.825  1.00 0.00 ? 3  ASN A H    9  
ATOM 1247 H HA   . ASN A 1 3  ? 3.095   0.358  4.043  1.00 0.00 ? 3  ASN A HA   9  
ATOM 1248 H HB3  . ASN A 1 3  ? 3.023   2.243  1.834  1.00 0.00 ? 3  ASN A HB3  9  
ATOM 1249 H HD21 . ASN A 1 3  ? 4.713   3.430  2.237  1.00 0.00 ? 3  ASN A HD21 9  
ATOM 1250 H HD22 . ASN A 1 3  ? 6.215   2.926  2.938  1.00 0.00 ? 3  ASN A HD22 9  
ATOM 1251 N N    . GLY A 1 4  ? 0.610   1.812  2.349  1.00 0.00 ? 4  GLY A N    9  
ATOM 1252 C CA   . GLY A 1 4  ? -0.549  2.681  2.458  1.00 0.00 ? 4  GLY A CA   9  
ATOM 1253 C C    . GLY A 1 4  ? -0.727  3.520  1.190  1.00 0.00 ? 4  GLY A C    9  
ATOM 1254 O O    . GLY A 1 4  ? -1.848  3.872  0.828  1.00 0.00 ? 4  GLY A O    9  
ATOM 1255 H H    . GLY A 1 4  ? 0.791   1.463  1.429  1.00 0.00 ? 4  GLY A H    9  
ATOM 1256 H HA2  . GLY A 1 4  ? -1.442  2.082  2.631  1.00 0.00 ? 4  GLY A HA2  9  
ATOM 1257 H HA3  . GLY A 1 4  ? -0.434  3.339  3.320  1.00 0.00 ? 4  GLY A HA3  9  
ATOM 1258 N N    . ASP A 1 5  ? 0.395   3.813  0.551  1.00 0.00 ? 5  ASP A N    9  
ATOM 1259 C CA   . ASP A 1 5  ? 0.378   4.603  -0.669 1.00 0.00 ? 5  ASP A CA   9  
ATOM 1260 C C    . ASP A 1 5  ? 1.264   3.932  -1.719 1.00 0.00 ? 5  ASP A C    9  
ATOM 1261 O O    . ASP A 1 5  ? 0.865   3.788  -2.874 1.00 0.00 ? 5  ASP A O    9  
ATOM 1262 C CB   . ASP A 1 5  ? 0.923   6.011  -0.420 1.00 0.00 ? 5  ASP A CB   9  
ATOM 1263 C CG   . ASP A 1 5  ? 2.418   6.080  -0.108 1.00 0.00 ? 5  ASP A CG   9  
ATOM 1264 O OD1  . ASP A 1 5  ? 2.773   5.739  1.041  1.00 0.00 ? 5  ASP A OD1  9  
ATOM 1265 O OD2  . ASP A 1 5  ? 3.172   6.473  -1.023 1.00 0.00 ? 5  ASP A OD2  9  
ATOM 1266 H H    . ASP A 1 5  ? 1.304   3.522  0.852  1.00 0.00 ? 5  ASP A H    9  
ATOM 1267 H HA   . ASP A 1 5  ? -0.669  4.642  -0.969 1.00 0.00 ? 5  ASP A HA   9  
ATOM 1268 H HB3  . ASP A 1 5  ? 0.372   6.457  0.408  1.00 0.00 ? 5  ASP A HB3  9  
ATOM 1269 N N    . GLY A 1 6  ? 2.451   3.537  -1.282 1.00 0.00 ? 6  GLY A N    9  
ATOM 1270 C CA   . GLY A 1 6  ? 3.397   2.885  -2.169 1.00 0.00 ? 6  GLY A CA   9  
ATOM 1271 C C    . GLY A 1 6  ? 2.728   1.747  -2.944 1.00 0.00 ? 6  GLY A C    9  
ATOM 1272 O O    . GLY A 1 6  ? 2.499   1.861  -4.148 1.00 0.00 ? 6  GLY A O    9  
ATOM 1273 H H    . GLY A 1 6  ? 2.768   3.657  -0.340 1.00 0.00 ? 6  GLY A H    9  
ATOM 1274 H HA2  . GLY A 1 6  ? 3.808   3.613  -2.869 1.00 0.00 ? 6  GLY A HA2  9  
ATOM 1275 H HA3  . GLY A 1 6  ? 4.234   2.491  -1.591 1.00 0.00 ? 6  GLY A HA3  9  
ATOM 1276 N N    . GLU A 1 7  ? 2.431   0.677  -2.223 1.00 0.00 ? 7  GLU A N    9  
ATOM 1277 C CA   . GLU A 1 7  ? 1.792   -0.480 -2.827 1.00 0.00 ? 7  GLU A CA   9  
ATOM 1278 C C    . GLU A 1 7  ? 0.333   -0.164 -3.165 1.00 0.00 ? 7  GLU A C    9  
ATOM 1279 O O    . GLU A 1 7  ? -0.550  -0.318 -2.321 1.00 0.00 ? 7  GLU A O    9  
ATOM 1280 C CB   . GLU A 1 7  ? 1.892   -1.702 -1.913 1.00 0.00 ? 7  GLU A CB   9  
ATOM 1281 C CG   . GLU A 1 7  ? 3.232   -1.728 -1.176 1.00 0.00 ? 7  GLU A CG   9  
ATOM 1282 C CD   . GLU A 1 7  ? 4.361   -1.214 -2.072 1.00 0.00 ? 7  GLU A CD   9  
ATOM 1283 O OE1  . GLU A 1 7  ? 4.649   -1.904 -3.073 1.00 0.00 ? 7  GLU A OE1  9  
ATOM 1284 O OE2  . GLU A 1 7  ? 4.908   -0.141 -1.737 1.00 0.00 ? 7  GLU A OE2  9  
ATOM 1285 H H    . GLU A 1 7  ? 2.621   0.591  -1.244 1.00 0.00 ? 7  GLU A H    9  
ATOM 1286 H HA   . GLU A 1 7  ? 2.350   -0.673 -3.744 1.00 0.00 ? 7  GLU A HA   9  
ATOM 1287 H HB3  . GLU A 1 7  ? 1.778   -2.612 -2.502 1.00 0.00 ? 7  GLU A HB3  9  
ATOM 1288 H HG3  . GLU A 1 7  ? 3.455   -2.745 -0.853 1.00 0.00 ? 7  GLU A HG3  9  
ATOM 1289 N N    . VAL A 1 8  ? 0.125   0.271  -4.398 1.00 0.00 ? 8  VAL A N    9  
ATOM 1290 C CA   . VAL A 1 8  ? -1.212  0.609  -4.858 1.00 0.00 ? 8  VAL A CA   9  
ATOM 1291 C C    . VAL A 1 8  ? -2.050  1.079  -3.667 1.00 0.00 ? 8  VAL A C    9  
ATOM 1292 O O    . VAL A 1 8  ? -3.203  0.678  -3.519 1.00 0.00 ? 8  VAL A O    9  
ATOM 1293 C CB   . VAL A 1 8  ? -1.831  -0.582 -5.592 1.00 0.00 ? 8  VAL A CB   9  
ATOM 1294 C CG1  . VAL A 1 8  ? -2.060  -1.755 -4.637 1.00 0.00 ? 8  VAL A CG1  9  
ATOM 1295 C CG2  . VAL A 1 8  ? -3.130  -0.180 -6.290 1.00 0.00 ? 8  VAL A CG2  9  
ATOM 1296 H H    . VAL A 1 8  ? 0.848   0.392  -5.078 1.00 0.00 ? 8  VAL A H    9  
ATOM 1297 H HA   . VAL A 1 8  ? -1.117  1.432  -5.567 1.00 0.00 ? 8  VAL A HA   9  
ATOM 1298 H HB   . VAL A 1 8  ? -1.124  -0.907 -6.357 1.00 0.00 ? 8  VAL A HB   9  
ATOM 1299 H HG11 . VAL A 1 8  ? -1.121  -2.017 -4.150 1.00 0.00 ? 8  VAL A HG11 9  
ATOM 1300 H HG12 . VAL A 1 8  ? -2.794  -1.470 -3.882 1.00 0.00 ? 8  VAL A HG12 9  
ATOM 1301 H HG13 . VAL A 1 8  ? -2.430  -2.613 -5.197 1.00 0.00 ? 8  VAL A HG13 9  
ATOM 1302 H HG21 . VAL A 1 8  ? -3.063  -0.423 -7.351 1.00 0.00 ? 8  VAL A HG21 9  
ATOM 1303 H HG22 . VAL A 1 8  ? -3.964  -0.724 -5.846 1.00 0.00 ? 8  VAL A HG22 9  
ATOM 1304 H HG23 . VAL A 1 8  ? -3.290  0.892  -6.173 1.00 0.00 ? 8  VAL A HG23 9  
ATOM 1305 N N    . SER A 1 9  ? -1.439  1.923  -2.849 1.00 0.00 ? 9  SER A N    9  
ATOM 1306 C CA   . SER A 1 9  ? -2.115  2.453  -1.678 1.00 0.00 ? 9  SER A CA   9  
ATOM 1307 C C    . SER A 1 9  ? -2.897  1.339  -0.978 1.00 0.00 ? 9  SER A C    9  
ATOM 1308 O O    . SER A 1 9  ? -2.582  0.161  -1.135 1.00 0.00 ? 9  SER A O    9  
ATOM 1309 C CB   . SER A 1 9  ? -3.052  3.603  -2.055 1.00 0.00 ? 9  SER A CB   9  
ATOM 1310 O OG   . SER A 1 9  ? -2.486  4.447  -3.053 1.00 0.00 ? 9  SER A OG   9  
ATOM 1311 H H    . SER A 1 9  ? -0.501  2.246  -2.978 1.00 0.00 ? 9  SER A H    9  
ATOM 1312 H HA   . SER A 1 9  ? -1.322  2.829  -1.032 1.00 0.00 ? 9  SER A HA   9  
ATOM 1313 H HB3  . SER A 1 9  ? -3.278  4.192  -1.166 1.00 0.00 ? 9  SER A HB3  9  
ATOM 1314 H HG   . SER A 1 9  ? -1.488  4.397  -3.018 1.00 0.00 ? 9  SER A HG   9  
ATOM 1315 N N    . PHE A 1 10 ? -3.900  1.752  -0.217 1.00 0.00 ? 10 PHE A N    9  
ATOM 1316 C CA   . PHE A 1 10 ? -4.728  0.805  0.508  1.00 0.00 ? 10 PHE A CA   9  
ATOM 1317 C C    . PHE A 1 10 ? -3.882  -0.055 1.450  1.00 0.00 ? 10 PHE A C    9  
ATOM 1318 O O    . PHE A 1 10 ? -2.761  0.316  1.795  1.00 0.00 ? 10 PHE A O    9  
ATOM 1319 C CB   . PHE A 1 10 ? -5.390  -0.101 -0.533 1.00 0.00 ? 10 PHE A CB   9  
ATOM 1320 C CG   . PHE A 1 10 ? -6.918  -0.023 -0.543 1.00 0.00 ? 10 PHE A CG   9  
ATOM 1321 C CD1  . PHE A 1 10 ? -7.539  1.114  -0.956 1.00 0.00 ? 10 PHE A CD1  9  
ATOM 1322 C CD2  . PHE A 1 10 ? -7.655  -1.092 -0.140 1.00 0.00 ? 10 PHE A CD2  9  
ATOM 1323 C CE1  . PHE A 1 10 ? -8.957  1.186  -0.964 1.00 0.00 ? 10 PHE A CE1  9  
ATOM 1324 C CE2  . PHE A 1 10 ? -9.073  -1.021 -0.149 1.00 0.00 ? 10 PHE A CE2  9  
ATOM 1325 C CZ   . PHE A 1 10 ? -9.694  0.116  -0.561 1.00 0.00 ? 10 PHE A CZ   9  
ATOM 1326 H H    . PHE A 1 10 ? -4.149  2.713  -0.093 1.00 0.00 ? 10 PHE A H    9  
ATOM 1327 H HA   . PHE A 1 10 ? -5.445  1.382  1.093  1.00 0.00 ? 10 PHE A HA   9  
ATOM 1328 H HB3  . PHE A 1 10 ? -5.089  -1.131 -0.347 1.00 0.00 ? 10 PHE A HB3  9  
ATOM 1329 H HD1  . PHE A 1 10 ? -6.947  1.971  -1.278 1.00 0.00 ? 10 PHE A HD1  9  
ATOM 1330 H HD2  . PHE A 1 10 ? -7.157  -2.004 0.191  1.00 0.00 ? 10 PHE A HD2  9  
ATOM 1331 H HE1  . PHE A 1 10 ? -9.455  2.097  -1.294 1.00 0.00 ? 10 PHE A HE1  9  
ATOM 1332 H HE2  . PHE A 1 10 ? -9.665  -1.878 0.175  1.00 0.00 ? 10 PHE A HE2  9  
ATOM 1333 H HZ   . PHE A 1 10 ? -10.783 0.172  -0.568 1.00 0.00 ? 10 PHE A HZ   9  
ATOM 1334 N N    . GLU A 1 11 ? -4.451  -1.187 1.839  1.00 0.00 ? 11 GLU A N    9  
ATOM 1335 C CA   . GLU A 1 11 ? -3.763  -2.102 2.732  1.00 0.00 ? 11 GLU A CA   9  
ATOM 1336 C C    . GLU A 1 11 ? -3.138  -3.251 1.939  1.00 0.00 ? 11 GLU A C    9  
ATOM 1337 O O    . GLU A 1 11 ? -3.461  -4.415 2.166  1.00 0.00 ? 11 GLU A O    9  
ATOM 1338 C CB   . GLU A 1 11 ? -4.711  -2.632 3.809  1.00 0.00 ? 11 GLU A CB   9  
ATOM 1339 C CG   . GLU A 1 11 ? -4.946  -1.584 4.899  1.00 0.00 ? 11 GLU A CG   9  
ATOM 1340 C CD   . GLU A 1 11 ? -3.619  -1.047 5.439  1.00 0.00 ? 11 GLU A CD   9  
ATOM 1341 O OE1  . GLU A 1 11 ? -3.109  -1.658 6.401  1.00 0.00 ? 11 GLU A OE1  9  
ATOM 1342 O OE2  . GLU A 1 11 ? -3.143  -0.036 4.877  1.00 0.00 ? 11 GLU A OE2  9  
ATOM 1343 H H    . GLU A 1 11 ? -5.363  -1.481 1.553  1.00 0.00 ? 11 GLU A H    9  
ATOM 1344 H HA   . GLU A 1 11 ? -2.978  -1.510 3.206  1.00 0.00 ? 11 GLU A HA   9  
ATOM 1345 H HB3  . GLU A 1 11 ? -4.292  -3.535 4.254  1.00 0.00 ? 11 GLU A HB3  9  
ATOM 1346 H HG3  . GLU A 1 11 ? -5.524  -2.021 5.713  1.00 0.00 ? 11 GLU A HG3  9  
ATOM 1347 N N    . GLU A 1 12 ? -2.254  -2.883 1.023  1.00 0.00 ? 12 GLU A N    9  
ATOM 1348 C CA   . GLU A 1 12 ? -1.580  -3.868 0.194  1.00 0.00 ? 12 GLU A CA   9  
ATOM 1349 C C    . GLU A 1 12 ? -0.426  -4.512 0.966  1.00 0.00 ? 12 GLU A C    9  
ATOM 1350 O O    . GLU A 1 12 ? -0.368  -5.733 1.095  1.00 0.00 ? 12 GLU A O    9  
ATOM 1351 C CB   . GLU A 1 12 ? -1.084  -3.240 -1.110 1.00 0.00 ? 12 GLU A CB   9  
ATOM 1352 C CG   . GLU A 1 12 ? -1.757  -3.890 -2.322 1.00 0.00 ? 12 GLU A CG   9  
ATOM 1353 C CD   . GLU A 1 12 ? -0.724  -4.270 -3.383 1.00 0.00 ? 12 GLU A CD   9  
ATOM 1354 O OE1  . GLU A 1 12 ? 0.417   -4.581 -2.979 1.00 0.00 ? 12 GLU A OE1  9  
ATOM 1355 O OE2  . GLU A 1 12 ? -1.098  -4.241 -4.576 1.00 0.00 ? 12 GLU A OE2  9  
ATOM 1356 H H    . GLU A 1 12 ? -1.995  -1.933 0.844  1.00 0.00 ? 12 GLU A H    9  
ATOM 1357 H HA   . GLU A 1 12 ? -2.337  -4.618 -0.036 1.00 0.00 ? 12 GLU A HA   9  
ATOM 1358 H HB3  . GLU A 1 12 ? -0.003  -3.355 -1.186 1.00 0.00 ? 12 GLU A HB3  9  
ATOM 1359 H HG3  . GLU A 1 12 ? -2.487  -3.203 -2.748 1.00 0.00 ? 12 GLU A HG3  9  
ATOM 1360 N N    . ASP A 1 1  ? 4.029   -5.385 -0.922 1.00 0.00 ? 1  ASP A N    10 
ATOM 1361 C CA   . ASP A 1 1  ? 4.158   -5.115 0.499  1.00 0.00 ? 1  ASP A CA   10 
ATOM 1362 C C    . ASP A 1 1  ? 2.944   -4.315 0.975  1.00 0.00 ? 1  ASP A C    10 
ATOM 1363 O O    . ASP A 1 1  ? 1.977   -4.147 0.234  1.00 0.00 ? 1  ASP A O    10 
ATOM 1364 C CB   . ASP A 1 1  ? 5.412   -4.289 0.792  1.00 0.00 ? 1  ASP A CB   10 
ATOM 1365 C CG   . ASP A 1 1  ? 5.305   -2.804 0.441  1.00 0.00 ? 1  ASP A CG   10 
ATOM 1366 O OD1  . ASP A 1 1  ? 4.473   -2.127 1.082  1.00 0.00 ? 1  ASP A OD1  10 
ATOM 1367 O OD2  . ASP A 1 1  ? 6.057   -2.379 -0.463 1.00 0.00 ? 1  ASP A OD2  10 
ATOM 1368 H H1   . ASP A 1 1  ? 3.841   -4.582 -1.489 1.00 0.00 ? 1  ASP A H1   10 
ATOM 1369 H HA   . ASP A 1 1  ? 4.223   -6.095 0.973  1.00 0.00 ? 1  ASP A HA   10 
ATOM 1370 H HB3  . ASP A 1 1  ? 6.249   -4.718 0.241  1.00 0.00 ? 1  ASP A HB3  10 
ATOM 1371 N N    . LYS A 1 2  ? 3.033   -3.843 2.210  1.00 0.00 ? 2  LYS A N    10 
ATOM 1372 C CA   . LYS A 1 2  ? 1.953   -3.064 2.794  1.00 0.00 ? 2  LYS A CA   10 
ATOM 1373 C C    . LYS A 1 2  ? 2.520   -1.764 3.367  1.00 0.00 ? 2  LYS A C    10 
ATOM 1374 O O    . LYS A 1 2  ? 3.290   -1.787 4.326  1.00 0.00 ? 2  LYS A O    10 
ATOM 1375 C CB   . LYS A 1 2  ? 1.180   -3.902 3.814  1.00 0.00 ? 2  LYS A CB   10 
ATOM 1376 C CG   . LYS A 1 2  ? -0.097  -3.185 4.257  1.00 0.00 ? 2  LYS A CG   10 
ATOM 1377 C CD   . LYS A 1 2  ? -1.154  -4.187 4.726  1.00 0.00 ? 2  LYS A CD   10 
ATOM 1378 C CE   . LYS A 1 2  ? -0.507  -5.360 5.466  1.00 0.00 ? 2  LYS A CE   10 
ATOM 1379 N NZ   . LYS A 1 2  ? -1.521  -6.101 6.249  1.00 0.00 ? 2  LYS A NZ   10 
ATOM 1380 H H    . LYS A 1 2  ? 3.822   -3.983 2.808  1.00 0.00 ? 2  LYS A H    10 
ATOM 1381 H HA   . LYS A 1 2  ? 1.260   -2.815 1.991  1.00 0.00 ? 2  LYS A HA   10 
ATOM 1382 H HB3  . LYS A 1 2  ? 1.811   -4.097 4.682  1.00 0.00 ? 2  LYS A HB3  10 
ATOM 1383 H HG3  . LYS A 1 2  ? -0.492  -2.594 3.430  1.00 0.00 ? 2  LYS A HG3  10 
ATOM 1384 H HD3  . LYS A 1 2  ? -1.715  -4.559 3.867  1.00 0.00 ? 2  LYS A HD3  10 
ATOM 1385 H HE3  . LYS A 1 2  ? 0.276   -4.992 6.128  1.00 0.00 ? 2  LYS A HE3  10 
ATOM 1386 H HZ1  . LYS A 1 2  ? -1.214  -6.183 7.197  1.00 0.00 ? 2  LYS A HZ1  10 
ATOM 1387 H HZ2  . LYS A 1 2  ? -2.390  -5.607 6.220  1.00 0.00 ? 2  LYS A HZ2  10 
ATOM 1388 H HZ3  . LYS A 1 2  ? -1.645  -7.012 5.858  1.00 0.00 ? 2  LYS A HZ3  10 
ATOM 1389 N N    . ASN A 1 3  ? 2.117   -0.660 2.756  1.00 0.00 ? 3  ASN A N    10 
ATOM 1390 C CA   . ASN A 1 3  ? 2.576   0.648  3.194  1.00 0.00 ? 3  ASN A CA   10 
ATOM 1391 C C    . ASN A 1 3  ? 1.366   1.551  3.439  1.00 0.00 ? 3  ASN A C    10 
ATOM 1392 O O    . ASN A 1 3  ? 1.141   2.003  4.561  1.00 0.00 ? 3  ASN A O    10 
ATOM 1393 C CB   . ASN A 1 3  ? 3.450   1.309  2.128  1.00 0.00 ? 3  ASN A CB   10 
ATOM 1394 C CG   . ASN A 1 3  ? 4.865   1.556  2.656  1.00 0.00 ? 3  ASN A CG   10 
ATOM 1395 O OD1  . ASN A 1 3  ? 5.130   1.500  3.846  1.00 0.00 ? 3  ASN A OD1  10 
ATOM 1396 N ND2  . ASN A 1 3  ? 5.756   1.832  1.709  1.00 0.00 ? 3  ASN A ND2  10 
ATOM 1397 H H    . ASN A 1 3  ? 1.491   -0.649 1.976  1.00 0.00 ? 3  ASN A H    10 
ATOM 1398 H HA   . ASN A 1 3  ? 3.147   0.462  4.101  1.00 0.00 ? 3  ASN A HA   10 
ATOM 1399 H HB3  . ASN A 1 3  ? 3.003   2.255  1.820  1.00 0.00 ? 3  ASN A HB3  10 
ATOM 1400 H HD21 . ASN A 1 3  ? 5.474   1.863  0.750  1.00 0.00 ? 3  ASN A HD21 10 
ATOM 1401 H HD22 . ASN A 1 3  ? 6.709   2.008  1.954  1.00 0.00 ? 3  ASN A HD22 10 
ATOM 1402 N N    . GLY A 1 4  ? 0.616   1.787  2.372  1.00 0.00 ? 4  GLY A N    10 
ATOM 1403 C CA   . GLY A 1 4  ? -0.566  2.628  2.458  1.00 0.00 ? 4  GLY A CA   10 
ATOM 1404 C C    . GLY A 1 4  ? -0.720  3.485  1.200  1.00 0.00 ? 4  GLY A C    10 
ATOM 1405 O O    . GLY A 1 4  ? -1.832  3.869  0.838  1.00 0.00 ? 4  GLY A O    10 
ATOM 1406 H H    . GLY A 1 4  ? 0.805   1.415  1.462  1.00 0.00 ? 4  GLY A H    10 
ATOM 1407 H HA2  . GLY A 1 4  ? -1.450  2.006  2.588  1.00 0.00 ? 4  GLY A HA2  10 
ATOM 1408 H HA3  . GLY A 1 4  ? -0.496  3.271  3.335  1.00 0.00 ? 4  GLY A HA3  10 
ATOM 1409 N N    . ASP A 1 5  ? 0.412   3.763  0.569  1.00 0.00 ? 5  ASP A N    10 
ATOM 1410 C CA   . ASP A 1 5  ? 0.416   4.568  -0.641 1.00 0.00 ? 5  ASP A CA   10 
ATOM 1411 C C    . ASP A 1 5  ? 1.289   3.888  -1.699 1.00 0.00 ? 5  ASP A C    10 
ATOM 1412 O O    . ASP A 1 5  ? 0.894   3.778  -2.858 1.00 0.00 ? 5  ASP A O    10 
ATOM 1413 C CB   . ASP A 1 5  ? 0.993   5.958  -0.374 1.00 0.00 ? 5  ASP A CB   10 
ATOM 1414 C CG   . ASP A 1 5  ? 2.489   5.989  -0.056 1.00 0.00 ? 5  ASP A CG   10 
ATOM 1415 O OD1  . ASP A 1 5  ? 2.821   5.768  1.129  1.00 0.00 ? 5  ASP A OD1  10 
ATOM 1416 O OD2  . ASP A 1 5  ? 3.267   6.231  -1.004 1.00 0.00 ? 5  ASP A OD2  10 
ATOM 1417 H H    . ASP A 1 5  ? 1.311   3.447  0.868  1.00 0.00 ? 5  ASP A H    10 
ATOM 1418 H HA   . ASP A 1 5  ? -0.629  4.635  -0.945 1.00 0.00 ? 5  ASP A HA   10 
ATOM 1419 H HB3  . ASP A 1 5  ? 0.450   6.408  0.457  1.00 0.00 ? 5  ASP A HB3  10 
ATOM 1420 N N    . GLY A 1 6  ? 2.460   3.451  -1.261 1.00 0.00 ? 6  GLY A N    10 
ATOM 1421 C CA   . GLY A 1 6  ? 3.393   2.786  -2.155 1.00 0.00 ? 6  GLY A CA   10 
ATOM 1422 C C    . GLY A 1 6  ? 2.696   1.680  -2.950 1.00 0.00 ? 6  GLY A C    10 
ATOM 1423 O O    . GLY A 1 6  ? 2.470   1.824  -4.151 1.00 0.00 ? 6  GLY A O    10 
ATOM 1424 H H    . GLY A 1 6  ? 2.775   3.545  -0.317 1.00 0.00 ? 6  GLY A H    10 
ATOM 1425 H HA2  . GLY A 1 6  ? 3.827   3.513  -2.839 1.00 0.00 ? 6  GLY A HA2  10 
ATOM 1426 H HA3  . GLY A 1 6  ? 4.214   2.360  -1.578 1.00 0.00 ? 6  GLY A HA3  10 
ATOM 1427 N N    . GLU A 1 7  ? 2.375   0.603  -2.250 1.00 0.00 ? 7  GLU A N    10 
ATOM 1428 C CA   . GLU A 1 7  ? 1.707   -0.525 -2.876 1.00 0.00 ? 7  GLU A CA   10 
ATOM 1429 C C    . GLU A 1 7  ? 0.253   -0.173 -3.194 1.00 0.00 ? 7  GLU A C    10 
ATOM 1430 O O    . GLU A 1 7  ? -0.623  -0.313 -2.343 1.00 0.00 ? 7  GLU A O    10 
ATOM 1431 C CB   . GLU A 1 7  ? 1.788   -1.770 -1.991 1.00 0.00 ? 7  GLU A CB   10 
ATOM 1432 C CG   . GLU A 1 7  ? 3.106   -1.805 -1.213 1.00 0.00 ? 7  GLU A CG   10 
ATOM 1433 C CD   . GLU A 1 7  ? 4.267   -1.314 -2.078 1.00 0.00 ? 7  GLU A CD   10 
ATOM 1434 O OE1  . GLU A 1 7  ? 4.432   -1.879 -3.180 1.00 0.00 ? 7  GLU A OE1  10 
ATOM 1435 O OE2  . GLU A 1 7  ? 4.963   -0.384 -1.618 1.00 0.00 ? 7  GLU A OE2  10 
ATOM 1436 H H    . GLU A 1 7  ? 2.562   0.495  -1.273 1.00 0.00 ? 7  GLU A H    10 
ATOM 1437 H HA   . GLU A 1 7  ? 2.254   -0.708 -3.801 1.00 0.00 ? 7  GLU A HA   10 
ATOM 1438 H HB3  . GLU A 1 7  ? 1.702   -2.666 -2.607 1.00 0.00 ? 7  GLU A HB3  10 
ATOM 1439 H HG3  . GLU A 1 7  ? 3.305   -2.821 -0.873 1.00 0.00 ? 7  GLU A HG3  10 
ATOM 1440 N N    . VAL A 1 8  ? 0.043   0.278  -4.422 1.00 0.00 ? 8  VAL A N    10 
ATOM 1441 C CA   . VAL A 1 8  ? -1.290  0.652  -4.864 1.00 0.00 ? 8  VAL A CA   10 
ATOM 1442 C C    . VAL A 1 8  ? -2.106  1.130  -3.661 1.00 0.00 ? 8  VAL A C    10 
ATOM 1443 O O    . VAL A 1 8  ? -3.266  0.754  -3.503 1.00 0.00 ? 8  VAL A O    10 
ATOM 1444 C CB   . VAL A 1 8  ? -1.945  -0.520 -5.602 1.00 0.00 ? 8  VAL A CB   10 
ATOM 1445 C CG1  . VAL A 1 8  ? -1.073  -0.987 -6.769 1.00 0.00 ? 8  VAL A CG1  10 
ATOM 1446 C CG2  . VAL A 1 8  ? -2.244  -1.673 -4.643 1.00 0.00 ? 8  VAL A CG2  10 
ATOM 1447 H H    . VAL A 1 8  ? 0.760   0.388  -5.109 1.00 0.00 ? 8  VAL A H    10 
ATOM 1448 H HA   . VAL A 1 8  ? -1.185  1.477  -5.566 1.00 0.00 ? 8  VAL A HA   10 
ATOM 1449 H HB   . VAL A 1 8  ? -2.893  -0.169 -6.011 1.00 0.00 ? 8  VAL A HB   10 
ATOM 1450 H HG11 . VAL A 1 8  ? -1.103  -2.075 -6.830 1.00 0.00 ? 8  VAL A HG11 10 
ATOM 1451 H HG12 . VAL A 1 8  ? -1.449  -0.560 -7.698 1.00 0.00 ? 8  VAL A HG12 10 
ATOM 1452 H HG13 . VAL A 1 8  ? -0.045  -0.660 -6.609 1.00 0.00 ? 8  VAL A HG13 10 
ATOM 1453 H HG21 . VAL A 1 8  ? -2.285  -2.607 -5.202 1.00 0.00 ? 8  VAL A HG21 10 
ATOM 1454 H HG22 . VAL A 1 8  ? -1.458  -1.734 -3.890 1.00 0.00 ? 8  VAL A HG22 10 
ATOM 1455 H HG23 . VAL A 1 8  ? -3.203  -1.500 -4.154 1.00 0.00 ? 8  VAL A HG23 10 
ATOM 1456 N N    . SER A 1 9  ? -1.467  1.954  -2.844 1.00 0.00 ? 9  SER A N    10 
ATOM 1457 C CA   . SER A 1 9  ? -2.118  2.488  -1.660 1.00 0.00 ? 9  SER A CA   10 
ATOM 1458 C C    . SER A 1 9  ? -2.904  1.384  -0.952 1.00 0.00 ? 9  SER A C    10 
ATOM 1459 O O    . SER A 1 9  ? -2.596  0.202  -1.103 1.00 0.00 ? 9  SER A O    10 
ATOM 1460 C CB   . SER A 1 9  ? -3.043  3.652  -2.019 1.00 0.00 ? 9  SER A CB   10 
ATOM 1461 O OG   . SER A 1 9  ? -2.479  4.495  -3.019 1.00 0.00 ? 9  SER A OG   10 
ATOM 1462 H H    . SER A 1 9  ? -0.523  2.255  -2.979 1.00 0.00 ? 9  SER A H    10 
ATOM 1463 H HA   . SER A 1 9  ? -1.310  2.850  -1.024 1.00 0.00 ? 9  SER A HA   10 
ATOM 1464 H HB3  . SER A 1 9  ? -3.250  4.241  -1.124 1.00 0.00 ? 9  SER A HB3  10 
ATOM 1465 H HG   . SER A 1 9  ? -2.262  5.391  -2.631 1.00 0.00 ? 9  SER A HG   10 
ATOM 1466 N N    . PHE A 1 10 ? -3.906  1.806  -0.194 1.00 0.00 ? 10 PHE A N    10 
ATOM 1467 C CA   . PHE A 1 10 ? -4.738  0.867  0.539  1.00 0.00 ? 10 PHE A CA   10 
ATOM 1468 C C    . PHE A 1 10 ? -3.890  -0.036 1.434  1.00 0.00 ? 10 PHE A C    10 
ATOM 1469 O O    . PHE A 1 10 ? -2.751  0.298  1.758  1.00 0.00 ? 10 PHE A O    10 
ATOM 1470 C CB   . PHE A 1 10 ? -5.459  0.005  -0.500 1.00 0.00 ? 10 PHE A CB   10 
ATOM 1471 C CG   . PHE A 1 10 ? -6.985  0.114  -0.449 1.00 0.00 ? 10 PHE A CG   10 
ATOM 1472 C CD1  . PHE A 1 10 ? -7.609  1.183  -1.012 1.00 0.00 ? 10 PHE A CD1  10 
ATOM 1473 C CD2  . PHE A 1 10 ? -7.715  -0.858 0.160  1.00 0.00 ? 10 PHE A CD2  10 
ATOM 1474 C CE1  . PHE A 1 10 ? -9.025  1.284  -0.965 1.00 0.00 ? 10 PHE A CE1  10 
ATOM 1475 C CE2  . PHE A 1 10 ? -9.132  -0.758 0.207  1.00 0.00 ? 10 PHE A CE2  10 
ATOM 1476 C CZ   . PHE A 1 10 ? -9.755  0.312  -0.357 1.00 0.00 ? 10 PHE A CZ   10 
ATOM 1477 H H    . PHE A 1 10 ? -4.150  2.769  -0.076 1.00 0.00 ? 10 PHE A H    10 
ATOM 1478 H HA   . PHE A 1 10 ? -5.419  1.454  1.156  1.00 0.00 ? 10 PHE A HA   10 
ATOM 1479 H HB3  . PHE A 1 10 ? -5.174  -1.036 -0.352 1.00 0.00 ? 10 PHE A HB3  10 
ATOM 1480 H HD1  . PHE A 1 10 ? -7.023  1.962  -1.500 1.00 0.00 ? 10 PHE A HD1  10 
ATOM 1481 H HD2  . PHE A 1 10 ? -7.215  -1.714 0.611  1.00 0.00 ? 10 PHE A HD2  10 
ATOM 1482 H HE1  . PHE A 1 10 ? -9.525  2.141  -1.416 1.00 0.00 ? 10 PHE A HE1  10 
ATOM 1483 H HE2  . PHE A 1 10 ? -9.718  -1.536 0.694  1.00 0.00 ? 10 PHE A HE2  10 
ATOM 1484 H HZ   . PHE A 1 10 ? -10.842 0.390  -0.321 1.00 0.00 ? 10 PHE A HZ   10 
ATOM 1485 N N    . GLU A 1 11 ? -4.476  -1.164 1.809  1.00 0.00 ? 11 GLU A N    10 
ATOM 1486 C CA   . GLU A 1 11 ? -3.788  -2.118 2.661  1.00 0.00 ? 11 GLU A CA   10 
ATOM 1487 C C    . GLU A 1 11 ? -3.200  -3.254 1.819  1.00 0.00 ? 11 GLU A C    10 
ATOM 1488 O O    . GLU A 1 11 ? -3.501  -4.424 2.054  1.00 0.00 ? 11 GLU A O    10 
ATOM 1489 C CB   . GLU A 1 11 ? -4.723  -2.665 3.741  1.00 0.00 ? 11 GLU A CB   10 
ATOM 1490 C CG   . GLU A 1 11 ? -4.915  -1.645 4.867  1.00 0.00 ? 11 GLU A CG   10 
ATOM 1491 C CD   . GLU A 1 11 ? -3.566  -1.154 5.396  1.00 0.00 ? 11 GLU A CD   10 
ATOM 1492 O OE1  . GLU A 1 11 ? -3.059  -1.797 6.339  1.00 0.00 ? 11 GLU A OE1  10 
ATOM 1493 O OE2  . GLU A 1 11 ? -3.074  -0.145 4.846  1.00 0.00 ? 11 GLU A OE2  10 
ATOM 1494 H H    . GLU A 1 11 ? -5.403  -1.428 1.541  1.00 0.00 ? 11 GLU A H    10 
ATOM 1495 H HA   . GLU A 1 11 ? -2.984  -1.556 3.136  1.00 0.00 ? 11 GLU A HA   10 
ATOM 1496 H HB3  . GLU A 1 11 ? -4.315  -3.589 4.149  1.00 0.00 ? 11 GLU A HB3  10 
ATOM 1497 H HG3  . GLU A 1 11 ? -5.486  -2.097 5.678  1.00 0.00 ? 11 GLU A HG3  10 
ATOM 1498 N N    . GLU A 1 12 ? -2.375  -2.869 0.858  1.00 0.00 ? 12 GLU A N    10 
ATOM 1499 C CA   . GLU A 1 12 ? -1.743  -3.839 -0.020 1.00 0.00 ? 12 GLU A CA   10 
ATOM 1500 C C    . GLU A 1 12 ? -0.540  -4.480 0.677  1.00 0.00 ? 12 GLU A C    10 
ATOM 1501 O O    . GLU A 1 12 ? -0.622  -5.614 1.148  1.00 0.00 ? 12 GLU A O    10 
ATOM 1502 C CB   . GLU A 1 12 ? -1.330  -3.195 -1.344 1.00 0.00 ? 12 GLU A CB   10 
ATOM 1503 C CG   . GLU A 1 12 ? -2.113  -3.794 -2.514 1.00 0.00 ? 12 GLU A CG   10 
ATOM 1504 C CD   . GLU A 1 12 ? -1.187  -4.106 -3.691 1.00 0.00 ? 12 GLU A CD   10 
ATOM 1505 O OE1  . GLU A 1 12 ? -0.089  -3.511 -3.722 1.00 0.00 ? 12 GLU A OE1  10 
ATOM 1506 O OE2  . GLU A 1 12 ? -1.599  -4.932 -4.534 1.00 0.00 ? 12 GLU A OE2  10 
ATOM 1507 H H    . GLU A 1 12 ? -2.136  -1.914 0.674  1.00 0.00 ? 12 GLU A H    10 
ATOM 1508 H HA   . GLU A 1 12 ? -2.505  -4.595 -0.213 1.00 0.00 ? 12 GLU A HA   10 
ATOM 1509 H HB3  . GLU A 1 12 ? -0.262  -3.338 -1.506 1.00 0.00 ? 12 GLU A HB3  10 
ATOM 1510 H HG3  . GLU A 1 12 ? -2.890  -3.097 -2.832 1.00 0.00 ? 12 GLU A HG3  10 
# 
